data_2CW6
#
_entry.id   2CW6
#
_cell.length_a   196.990
_cell.length_b   117.080
_cell.length_c   86.830
_cell.angle_alpha   90.00
_cell.angle_beta   112.50
_cell.angle_gamma   90.00
#
_symmetry.space_group_name_H-M   'C 1 2 1'
#
loop_
_entity.id
_entity.type
_entity.pdbx_description
1 polymer 'Hydroxymethylglutaryl-CoA lyase, mitochondrial'
2 non-polymer 'MAGNESIUM ION'
3 non-polymer '3-HYDROXYPENTANEDIOIC ACID'
4 water water
#
_entity_poly.entity_id   1
_entity_poly.type   'polypeptide(L)'
_entity_poly.pdbx_seq_one_letter_code
;TLPKRVKIVEVGPRDGLQNEKNIVSTPVKIKLIDMLSEAGLSVIETTSFVSPKWVPQMGDHTEVLKGIQKFPGINYPVLT
PNLKGFEAAVAAGAKEVVIFGAASELFTKKNINCSIEESFQRFDAILKAAQSANISVRGYVSCALGCPYEGKISPAKVAE
VTKKFYSMGCYEISLGDTIGVGTPGIMKDMLSAVMQEVPLAALAVHCHDTYGQALANTLMALQMGVSVVDSSVAGLGGCP
YAQGASGNLATEDLVYMLEGLGIHTGVNLQKLLEAGNFICQALNRKTSSKVAQATCKL
;
_entity_poly.pdbx_strand_id   A,B,C,D,E,F
#
# COMPACT_ATOMS: atom_id res chain seq x y z
N THR A 1 -19.20 21.20 2.17
CA THR A 1 -17.89 20.72 1.62
C THR A 1 -18.05 19.84 0.38
N LEU A 2 -16.93 19.67 -0.33
CA LEU A 2 -16.92 18.86 -1.55
C LEU A 2 -16.87 17.36 -1.25
N PRO A 3 -17.59 16.57 -2.04
CA PRO A 3 -17.57 15.11 -1.83
C PRO A 3 -16.16 14.58 -2.11
N LYS A 4 -15.86 13.40 -1.60
CA LYS A 4 -14.55 12.79 -1.82
C LYS A 4 -14.56 12.02 -3.13
N ARG A 5 -15.75 11.56 -3.53
CA ARG A 5 -15.91 10.82 -4.77
C ARG A 5 -17.18 11.22 -5.49
N VAL A 6 -17.08 11.28 -6.81
CA VAL A 6 -18.19 11.65 -7.65
C VAL A 6 -18.44 10.52 -8.61
N LYS A 7 -19.70 10.15 -8.76
CA LYS A 7 -20.09 9.12 -9.69
C LYS A 7 -20.48 9.88 -10.94
N ILE A 8 -19.78 9.60 -12.04
CA ILE A 8 -20.06 10.24 -13.29
C ILE A 8 -20.95 9.36 -14.11
N VAL A 9 -22.04 9.93 -14.61
CA VAL A 9 -22.99 9.20 -15.44
C VAL A 9 -22.76 9.70 -16.87
N GLU A 10 -22.30 8.78 -17.72
CA GLU A 10 -22.02 9.10 -19.11
C GLU A 10 -23.25 8.93 -19.96
N VAL A 11 -23.68 10.01 -20.59
CA VAL A 11 -24.87 9.96 -21.42
C VAL A 11 -24.60 10.17 -22.90
N GLY A 12 -23.33 10.25 -23.31
CA GLY A 12 -23.03 10.43 -24.72
C GLY A 12 -23.69 9.46 -25.71
N PRO A 13 -23.64 8.15 -25.47
CA PRO A 13 -24.29 7.25 -26.44
C PRO A 13 -25.81 7.37 -26.58
N ARG A 14 -26.48 7.96 -25.60
CA ARG A 14 -27.93 8.12 -25.69
C ARG A 14 -28.28 9.60 -25.85
N ASP A 15 -28.17 10.38 -24.78
CA ASP A 15 -28.48 11.81 -24.84
C ASP A 15 -27.65 12.47 -25.94
N GLY A 16 -26.38 12.10 -26.03
CA GLY A 16 -25.52 12.66 -27.06
C GLY A 16 -25.87 12.29 -28.50
N LEU A 17 -25.82 11.00 -28.82
CA LEU A 17 -26.12 10.54 -30.18
C LEU A 17 -27.55 10.84 -30.63
N GLN A 18 -28.49 10.86 -29.70
CA GLN A 18 -29.88 11.14 -30.06
C GLN A 18 -30.05 12.54 -30.64
N ASN A 19 -29.31 13.49 -30.09
CA ASN A 19 -29.40 14.87 -30.54
C ASN A 19 -28.27 15.30 -31.44
N GLU A 20 -27.66 14.36 -32.15
CA GLU A 20 -26.57 14.69 -33.05
C GLU A 20 -27.14 14.62 -34.47
N LYS A 21 -26.65 15.51 -35.35
CA LYS A 21 -27.15 15.55 -36.72
C LYS A 21 -26.86 14.29 -37.53
N ASN A 22 -25.61 13.84 -37.50
CA ASN A 22 -25.27 12.64 -38.24
C ASN A 22 -25.57 11.41 -37.41
N ILE A 23 -25.74 10.28 -38.09
CA ILE A 23 -26.01 9.04 -37.40
C ILE A 23 -24.85 8.09 -37.64
N VAL A 24 -24.61 7.21 -36.67
CA VAL A 24 -23.55 6.22 -36.80
C VAL A 24 -24.17 4.84 -36.78
N SER A 25 -23.47 3.88 -37.36
CA SER A 25 -23.96 2.51 -37.40
C SER A 25 -24.00 1.89 -36.01
N THR A 26 -24.71 0.79 -35.90
CA THR A 26 -24.82 0.05 -34.64
C THR A 26 -23.42 -0.38 -34.16
N PRO A 27 -22.58 -0.87 -35.08
CA PRO A 27 -21.26 -1.28 -34.60
C PRO A 27 -20.47 -0.14 -33.98
N VAL A 28 -20.63 1.08 -34.50
CA VAL A 28 -19.92 2.23 -33.92
C VAL A 28 -20.42 2.46 -32.49
N LYS A 29 -21.74 2.44 -32.32
CA LYS A 29 -22.35 2.64 -31.00
C LYS A 29 -21.79 1.63 -30.00
N ILE A 30 -21.79 0.37 -30.38
CA ILE A 30 -21.28 -0.66 -29.49
C ILE A 30 -19.81 -0.43 -29.17
N LYS A 31 -19.04 -0.03 -30.17
CA LYS A 31 -17.62 0.20 -29.95
C LYS A 31 -17.43 1.40 -29.01
N LEU A 32 -18.19 2.47 -29.26
CA LEU A 32 -18.10 3.65 -28.41
C LEU A 32 -18.40 3.27 -26.97
N ILE A 33 -19.43 2.45 -26.77
CA ILE A 33 -19.78 2.06 -25.40
C ILE A 33 -18.72 1.20 -24.74
N ASP A 34 -18.15 0.25 -25.47
CA ASP A 34 -17.08 -0.61 -24.92
C ASP A 34 -15.86 0.26 -24.57
N MET A 35 -15.64 1.31 -25.35
CA MET A 35 -14.52 2.22 -25.09
C MET A 35 -14.72 3.05 -23.81
N LEU A 36 -15.97 3.42 -23.53
CA LEU A 36 -16.23 4.20 -22.31
C LEU A 36 -16.10 3.26 -21.11
N SER A 37 -16.49 2.00 -21.29
CA SER A 37 -16.36 1.02 -20.20
C SER A 37 -14.88 0.82 -19.90
N GLU A 38 -14.08 0.72 -20.96
CA GLU A 38 -12.64 0.55 -20.83
C GLU A 38 -12.05 1.79 -20.19
N ALA A 39 -12.73 2.93 -20.33
CA ALA A 39 -12.23 4.16 -19.73
C ALA A 39 -12.52 4.22 -18.22
N GLY A 40 -13.30 3.27 -17.73
CA GLY A 40 -13.62 3.24 -16.32
C GLY A 40 -14.92 3.89 -15.85
N LEU A 41 -15.77 4.33 -16.77
CA LEU A 41 -17.02 4.94 -16.31
C LEU A 41 -17.85 3.88 -15.60
N SER A 42 -18.51 4.24 -14.49
CA SER A 42 -19.31 3.28 -13.74
C SER A 42 -20.76 3.13 -14.24
N VAL A 43 -21.26 4.14 -14.94
CA VAL A 43 -22.61 4.05 -15.51
C VAL A 43 -22.63 4.71 -16.88
N ILE A 44 -23.20 4.02 -17.85
CA ILE A 44 -23.25 4.51 -19.20
C ILE A 44 -24.65 4.36 -19.78
N GLU A 45 -25.33 5.49 -19.99
CA GLU A 45 -26.67 5.46 -20.58
C GLU A 45 -26.45 4.91 -21.98
N THR A 46 -27.02 3.75 -22.26
CA THR A 46 -26.78 3.06 -23.51
C THR A 46 -27.65 3.30 -24.73
N THR A 47 -28.95 3.37 -24.54
CA THR A 47 -29.84 3.59 -25.66
C THR A 47 -31.23 3.93 -25.10
N SER A 48 -32.23 3.95 -25.97
CA SER A 48 -33.59 4.26 -25.57
C SER A 48 -34.56 3.36 -26.31
N PHE A 49 -35.45 2.71 -25.56
CA PHE A 49 -36.44 1.83 -26.14
C PHE A 49 -37.68 2.62 -26.46
N VAL A 50 -37.52 3.51 -27.43
CA VAL A 50 -38.59 4.39 -27.88
C VAL A 50 -38.93 4.00 -29.32
N SER A 51 -40.14 4.33 -29.73
CA SER A 51 -40.60 4.02 -31.08
C SER A 51 -39.66 4.56 -32.13
N PRO A 52 -39.31 3.75 -33.13
CA PRO A 52 -38.41 4.16 -34.22
C PRO A 52 -39.07 5.26 -35.05
N LYS A 53 -40.41 5.27 -35.05
CA LYS A 53 -41.15 6.26 -35.82
C LYS A 53 -41.07 7.66 -35.20
N TRP A 54 -40.70 7.74 -33.92
CA TRP A 54 -40.59 9.04 -33.27
C TRP A 54 -39.16 9.53 -33.18
N VAL A 55 -38.23 8.63 -32.88
CA VAL A 55 -36.82 8.98 -32.83
C VAL A 55 -36.05 7.82 -33.42
N PRO A 56 -35.81 7.89 -34.74
CA PRO A 56 -35.09 6.85 -35.49
C PRO A 56 -33.62 6.66 -35.11
N GLN A 57 -32.98 7.68 -34.56
CA GLN A 57 -31.57 7.58 -34.18
C GLN A 57 -31.34 6.53 -33.08
N MET A 58 -32.41 6.13 -32.41
CA MET A 58 -32.32 5.13 -31.33
C MET A 58 -32.96 3.81 -31.76
N GLY A 59 -33.31 3.71 -33.04
CA GLY A 59 -33.95 2.53 -33.58
C GLY A 59 -33.29 1.18 -33.36
N ASP A 60 -31.98 1.15 -33.14
CA ASP A 60 -31.27 -0.12 -32.93
C ASP A 60 -31.08 -0.46 -31.46
N HIS A 61 -31.90 0.16 -30.59
CA HIS A 61 -31.80 -0.07 -29.16
C HIS A 61 -31.70 -1.52 -28.70
N THR A 62 -32.45 -2.43 -29.32
CA THR A 62 -32.39 -3.82 -28.89
C THR A 62 -31.02 -4.46 -29.16
N GLU A 63 -30.51 -4.33 -30.38
CA GLU A 63 -29.21 -4.92 -30.73
C GLU A 63 -28.02 -4.25 -30.04
N VAL A 64 -28.14 -2.97 -29.69
CA VAL A 64 -27.03 -2.30 -29.02
C VAL A 64 -26.88 -2.80 -27.58
N LEU A 65 -28.00 -2.90 -26.87
CA LEU A 65 -27.95 -3.38 -25.49
C LEU A 65 -27.44 -4.82 -25.42
N LYS A 66 -27.77 -5.63 -26.41
CA LYS A 66 -27.33 -7.03 -26.41
C LYS A 66 -25.90 -7.21 -26.96
N GLY A 67 -25.41 -6.25 -27.72
CA GLY A 67 -24.08 -6.37 -28.29
C GLY A 67 -22.92 -5.85 -27.46
N ILE A 68 -23.19 -4.90 -26.56
CA ILE A 68 -22.13 -4.32 -25.74
C ILE A 68 -21.56 -5.28 -24.72
N GLN A 69 -20.27 -5.12 -24.44
CA GLN A 69 -19.64 -5.94 -23.43
C GLN A 69 -20.21 -5.43 -22.12
N LYS A 70 -20.50 -6.33 -21.21
CA LYS A 70 -21.03 -5.93 -19.93
C LYS A 70 -19.91 -6.04 -18.92
N PHE A 71 -19.20 -4.93 -18.70
CA PHE A 71 -18.10 -4.91 -17.75
C PHE A 71 -18.62 -5.08 -16.33
N PRO A 72 -17.82 -5.74 -15.47
CA PRO A 72 -18.13 -6.00 -14.07
C PRO A 72 -18.37 -4.73 -13.28
N GLY A 73 -19.48 -4.69 -12.54
CA GLY A 73 -19.79 -3.53 -11.73
C GLY A 73 -20.36 -2.32 -12.45
N ILE A 74 -20.21 -2.28 -13.78
CA ILE A 74 -20.69 -1.14 -14.58
C ILE A 74 -22.18 -1.24 -14.91
N ASN A 75 -22.90 -0.13 -14.76
CA ASN A 75 -24.33 -0.07 -15.05
C ASN A 75 -24.60 0.50 -16.43
N TYR A 76 -25.56 -0.09 -17.13
CA TYR A 76 -25.93 0.32 -18.47
C TYR A 76 -27.42 0.63 -18.55
N PRO A 77 -27.84 1.73 -17.90
CA PRO A 77 -29.26 2.10 -17.92
C PRO A 77 -29.80 2.49 -19.28
N VAL A 78 -31.08 2.19 -19.50
CA VAL A 78 -31.73 2.50 -20.76
C VAL A 78 -33.04 3.29 -20.54
N LEU A 79 -33.34 4.17 -21.48
CA LEU A 79 -34.55 4.96 -21.41
C LEU A 79 -35.73 4.14 -21.88
N THR A 80 -36.83 4.24 -21.16
CA THR A 80 -38.08 3.54 -21.48
C THR A 80 -39.21 4.53 -21.22
N PRO A 81 -39.61 5.28 -22.25
CA PRO A 81 -40.68 6.29 -22.19
C PRO A 81 -42.08 5.76 -21.87
N ASN A 82 -42.31 4.48 -22.13
CA ASN A 82 -43.62 3.93 -21.82
C ASN A 82 -43.55 2.45 -21.49
N LEU A 83 -44.71 1.88 -21.15
CA LEU A 83 -44.78 0.48 -20.76
C LEU A 83 -44.29 -0.47 -21.86
N LYS A 84 -44.66 -0.17 -23.10
CA LYS A 84 -44.28 -1.00 -24.22
C LYS A 84 -42.75 -1.07 -24.34
N GLY A 85 -42.09 0.07 -24.17
CA GLY A 85 -40.63 0.11 -24.26
C GLY A 85 -40.01 -0.54 -23.05
N PHE A 86 -40.66 -0.40 -21.90
CA PHE A 86 -40.15 -0.99 -20.68
C PHE A 86 -40.11 -2.51 -20.85
N GLU A 87 -41.18 -3.09 -21.38
CA GLU A 87 -41.22 -4.54 -21.57
C GLU A 87 -40.14 -5.01 -22.55
N ALA A 88 -39.90 -4.24 -23.60
CA ALA A 88 -38.88 -4.59 -24.57
C ALA A 88 -37.50 -4.50 -23.92
N ALA A 89 -37.26 -3.43 -23.16
CA ALA A 89 -35.98 -3.26 -22.50
C ALA A 89 -35.67 -4.44 -21.57
N VAL A 90 -36.67 -4.84 -20.78
CA VAL A 90 -36.51 -5.95 -19.85
C VAL A 90 -36.21 -7.25 -20.61
N ALA A 91 -36.93 -7.47 -21.69
CA ALA A 91 -36.76 -8.67 -22.51
C ALA A 91 -35.37 -8.69 -23.14
N ALA A 92 -34.78 -7.51 -23.30
CA ALA A 92 -33.45 -7.41 -23.90
C ALA A 92 -32.37 -7.49 -22.84
N GLY A 93 -32.77 -7.65 -21.58
CA GLY A 93 -31.80 -7.78 -20.52
C GLY A 93 -31.47 -6.58 -19.66
N ALA A 94 -32.15 -5.45 -19.89
CA ALA A 94 -31.90 -4.25 -19.09
C ALA A 94 -32.12 -4.53 -17.61
N LYS A 95 -31.28 -3.91 -16.77
CA LYS A 95 -31.38 -4.08 -15.33
C LYS A 95 -31.71 -2.74 -14.67
N GLU A 96 -31.61 -1.68 -15.45
CA GLU A 96 -31.92 -0.34 -14.97
C GLU A 96 -32.55 0.44 -16.10
N VAL A 97 -33.60 1.18 -15.78
CA VAL A 97 -34.29 1.98 -16.78
C VAL A 97 -34.38 3.42 -16.31
N VAL A 98 -34.70 4.32 -17.23
CA VAL A 98 -34.78 5.73 -16.92
C VAL A 98 -36.06 6.33 -17.45
N ILE A 99 -36.75 7.08 -16.60
CA ILE A 99 -37.97 7.73 -17.02
C ILE A 99 -37.73 9.23 -16.94
N PHE A 100 -38.46 10.00 -17.72
CA PHE A 100 -38.24 11.43 -17.72
C PHE A 100 -39.49 12.28 -17.68
N GLY A 101 -39.46 13.27 -16.79
CA GLY A 101 -40.56 14.19 -16.64
C GLY A 101 -39.99 15.60 -16.71
N ALA A 102 -40.78 16.59 -16.31
CA ALA A 102 -40.33 17.97 -16.33
C ALA A 102 -40.98 18.73 -15.20
N ALA A 103 -40.37 19.84 -14.81
CA ALA A 103 -40.92 20.63 -13.73
C ALA A 103 -41.74 21.76 -14.36
N SER A 104 -41.86 21.73 -15.68
CA SER A 104 -42.59 22.74 -16.42
C SER A 104 -43.90 22.21 -16.98
N GLU A 105 -44.99 22.92 -16.68
CA GLU A 105 -46.28 22.51 -17.18
C GLU A 105 -46.31 22.69 -18.70
N LEU A 106 -45.86 23.84 -19.17
CA LEU A 106 -45.87 24.11 -20.61
C LEU A 106 -45.02 23.12 -21.41
N PHE A 107 -43.89 22.73 -20.86
CA PHE A 107 -42.99 21.79 -21.51
C PHE A 107 -43.66 20.42 -21.57
N THR A 108 -44.23 19.98 -20.45
CA THR A 108 -44.89 18.67 -20.44
C THR A 108 -46.03 18.64 -21.46
N LYS A 109 -46.90 19.65 -21.43
CA LYS A 109 -48.03 19.69 -22.36
C LYS A 109 -47.62 19.71 -23.83
N LYS A 110 -46.58 20.45 -24.17
CA LYS A 110 -46.15 20.49 -25.57
C LYS A 110 -45.30 19.28 -25.91
N ASN A 111 -45.14 18.38 -24.95
CA ASN A 111 -44.35 17.18 -25.18
C ASN A 111 -45.14 15.89 -24.95
N ILE A 112 -46.42 16.01 -24.57
CA ILE A 112 -47.26 14.84 -24.33
C ILE A 112 -48.73 15.15 -24.00
N ASN A 113 -49.13 16.40 -24.17
CA ASN A 113 -50.51 16.80 -23.91
C ASN A 113 -51.02 16.50 -22.51
N CYS A 114 -50.12 16.04 -21.63
CA CYS A 114 -50.49 15.73 -20.25
C CYS A 114 -49.88 16.76 -19.31
N SER A 115 -50.53 16.98 -18.17
CA SER A 115 -50.02 17.94 -17.19
C SER A 115 -48.93 17.20 -16.42
N ILE A 116 -48.21 17.92 -15.56
CA ILE A 116 -47.18 17.29 -14.76
C ILE A 116 -47.79 16.17 -13.93
N GLU A 117 -48.95 16.43 -13.34
CA GLU A 117 -49.61 15.42 -12.51
C GLU A 117 -49.98 14.20 -13.35
N GLU A 118 -50.53 14.44 -14.53
CA GLU A 118 -50.92 13.36 -15.43
C GLU A 118 -49.73 12.51 -15.89
N SER A 119 -48.60 13.15 -16.16
CA SER A 119 -47.42 12.42 -16.61
C SER A 119 -47.00 11.35 -15.60
N PHE A 120 -47.29 11.59 -14.33
CA PHE A 120 -46.92 10.64 -13.28
C PHE A 120 -47.76 9.36 -13.23
N GLN A 121 -48.89 9.34 -13.93
CA GLN A 121 -49.71 8.15 -13.94
C GLN A 121 -49.07 7.17 -14.92
N ARG A 122 -48.52 7.72 -15.99
CA ARG A 122 -47.86 6.90 -16.98
C ARG A 122 -46.61 6.29 -16.35
N PHE A 123 -45.99 7.04 -15.45
CA PHE A 123 -44.79 6.59 -14.78
C PHE A 123 -45.08 5.52 -13.73
N ASP A 124 -46.21 5.65 -13.04
CA ASP A 124 -46.60 4.69 -12.03
C ASP A 124 -46.68 3.26 -12.57
N ALA A 125 -47.18 3.13 -13.79
CA ALA A 125 -47.30 1.83 -14.43
C ALA A 125 -45.93 1.16 -14.65
N ILE A 126 -44.96 1.95 -15.09
CA ILE A 126 -43.60 1.44 -15.32
C ILE A 126 -42.96 1.08 -13.98
N LEU A 127 -43.06 1.99 -13.02
CA LEU A 127 -42.48 1.78 -11.71
C LEU A 127 -43.05 0.57 -10.99
N LYS A 128 -44.32 0.26 -11.25
CA LYS A 128 -44.97 -0.90 -10.65
C LYS A 128 -44.39 -2.12 -11.35
N ALA A 129 -44.28 -2.02 -12.67
CA ALA A 129 -43.73 -3.12 -13.46
C ALA A 129 -42.26 -3.35 -13.13
N ALA A 130 -41.52 -2.26 -12.91
CA ALA A 130 -40.10 -2.37 -12.58
C ALA A 130 -39.87 -3.00 -11.21
N GLN A 131 -40.74 -2.68 -10.26
CA GLN A 131 -40.59 -3.24 -8.92
C GLN A 131 -40.81 -4.75 -8.91
N SER A 132 -41.78 -5.22 -9.69
CA SER A 132 -42.07 -6.65 -9.74
C SER A 132 -40.92 -7.42 -10.38
N ALA A 133 -40.13 -6.74 -11.20
CA ALA A 133 -39.01 -7.37 -11.88
C ALA A 133 -37.64 -7.06 -11.26
N ASN A 134 -37.65 -6.38 -10.11
CA ASN A 134 -36.42 -6.02 -9.42
C ASN A 134 -35.52 -5.12 -10.27
N ILE A 135 -36.13 -4.32 -11.13
CA ILE A 135 -35.37 -3.44 -11.98
C ILE A 135 -35.35 -2.02 -11.38
N SER A 136 -34.16 -1.43 -11.37
CA SER A 136 -33.96 -0.08 -10.85
C SER A 136 -34.49 0.97 -11.82
N VAL A 137 -34.90 2.11 -11.28
CA VAL A 137 -35.41 3.18 -12.11
C VAL A 137 -34.78 4.52 -11.76
N ARG A 138 -34.20 5.19 -12.76
CA ARG A 138 -33.61 6.49 -12.51
C ARG A 138 -34.56 7.53 -13.10
N GLY A 139 -34.69 8.67 -12.43
CA GLY A 139 -35.59 9.69 -12.93
C GLY A 139 -34.90 10.94 -13.44
N TYR A 140 -35.46 11.53 -14.48
CA TYR A 140 -34.96 12.75 -15.11
C TYR A 140 -36.00 13.85 -14.93
N VAL A 141 -35.61 14.99 -14.37
CA VAL A 141 -36.51 16.13 -14.21
C VAL A 141 -35.96 17.27 -15.06
N SER A 142 -36.54 17.47 -16.23
CA SER A 142 -36.07 18.53 -17.10
C SER A 142 -36.62 19.92 -16.72
N CYS A 143 -35.97 20.95 -17.25
CA CYS A 143 -36.33 22.34 -16.99
C CYS A 143 -36.14 22.72 -15.53
N ALA A 144 -35.24 22.05 -14.84
CA ALA A 144 -34.98 22.31 -13.43
C ALA A 144 -34.44 23.71 -13.16
N LEU A 145 -33.75 24.30 -14.14
CA LEU A 145 -33.20 25.64 -13.97
C LEU A 145 -33.76 26.64 -14.97
N GLY A 146 -34.90 26.33 -15.55
CA GLY A 146 -35.50 27.21 -16.54
C GLY A 146 -36.14 26.40 -17.64
N CYS A 147 -37.20 26.94 -18.21
CA CYS A 147 -37.91 26.25 -19.28
C CYS A 147 -37.89 27.15 -20.50
N PRO A 148 -37.86 26.55 -21.69
CA PRO A 148 -37.85 27.35 -22.91
C PRO A 148 -39.20 28.04 -23.16
N TYR A 149 -40.24 27.57 -22.47
CA TYR A 149 -41.59 28.14 -22.62
C TYR A 149 -42.07 29.00 -21.46
N GLU A 150 -41.85 28.54 -20.23
CA GLU A 150 -42.29 29.29 -19.05
C GLU A 150 -41.25 30.27 -18.55
N GLY A 151 -40.00 30.08 -18.95
CA GLY A 151 -38.96 30.95 -18.45
C GLY A 151 -38.55 30.43 -17.09
N LYS A 152 -38.45 31.31 -16.09
CA LYS A 152 -38.05 30.89 -14.76
C LYS A 152 -38.92 29.79 -14.16
N ILE A 153 -38.29 28.88 -13.43
CA ILE A 153 -38.99 27.77 -12.79
C ILE A 153 -38.77 27.82 -11.29
N SER A 154 -39.86 27.74 -10.55
CA SER A 154 -39.82 27.77 -9.10
C SER A 154 -39.08 26.59 -8.47
N PRO A 155 -38.21 26.86 -7.49
CA PRO A 155 -37.46 25.82 -6.80
C PRO A 155 -38.42 24.85 -6.13
N ALA A 156 -39.43 25.41 -5.45
CA ALA A 156 -40.42 24.60 -4.77
C ALA A 156 -41.03 23.60 -5.76
N LYS A 157 -41.34 24.07 -6.96
CA LYS A 157 -41.92 23.22 -7.97
C LYS A 157 -40.96 22.08 -8.34
N VAL A 158 -39.68 22.40 -8.54
CA VAL A 158 -38.73 21.34 -8.87
C VAL A 158 -38.67 20.37 -7.70
N ALA A 159 -38.65 20.88 -6.47
CA ALA A 159 -38.59 20.02 -5.30
C ALA A 159 -39.81 19.10 -5.26
N GLU A 160 -40.96 19.65 -5.61
CA GLU A 160 -42.22 18.90 -5.62
C GLU A 160 -42.18 17.72 -6.58
N VAL A 161 -41.80 17.96 -7.83
CA VAL A 161 -41.74 16.88 -8.79
C VAL A 161 -40.65 15.86 -8.47
N THR A 162 -39.50 16.32 -7.98
CA THR A 162 -38.41 15.41 -7.62
C THR A 162 -38.87 14.48 -6.49
N LYS A 163 -39.54 15.06 -5.50
CA LYS A 163 -40.04 14.31 -4.36
C LYS A 163 -40.99 13.22 -4.87
N LYS A 164 -41.88 13.59 -5.78
CA LYS A 164 -42.84 12.64 -6.34
C LYS A 164 -42.10 11.46 -6.99
N PHE A 165 -41.09 11.77 -7.81
CA PHE A 165 -40.29 10.74 -8.46
C PHE A 165 -39.69 9.77 -7.45
N TYR A 166 -39.11 10.34 -6.39
CA TYR A 166 -38.46 9.57 -5.33
C TYR A 166 -39.41 8.71 -4.49
N SER A 167 -40.58 9.24 -4.14
CA SER A 167 -41.53 8.48 -3.33
C SER A 167 -42.21 7.41 -4.18
N MET A 168 -42.15 7.60 -5.48
CA MET A 168 -42.77 6.67 -6.41
C MET A 168 -41.85 5.49 -6.71
N GLY A 169 -40.59 5.57 -6.28
CA GLY A 169 -39.67 4.46 -6.52
C GLY A 169 -38.29 4.74 -7.14
N CYS A 170 -38.11 5.88 -7.77
CA CYS A 170 -36.80 6.20 -8.39
C CYS A 170 -35.72 6.27 -7.33
N TYR A 171 -34.65 5.51 -7.48
CA TYR A 171 -33.58 5.56 -6.48
C TYR A 171 -32.69 6.79 -6.72
N GLU A 172 -32.81 7.42 -7.87
CA GLU A 172 -31.95 8.56 -8.16
C GLU A 172 -32.64 9.51 -9.14
N ILE A 173 -32.58 10.80 -8.87
CA ILE A 173 -33.19 11.73 -9.80
C ILE A 173 -32.17 12.74 -10.31
N SER A 174 -32.15 12.91 -11.62
CA SER A 174 -31.21 13.82 -12.22
C SER A 174 -31.95 15.11 -12.56
N LEU A 175 -31.50 16.19 -11.98
CA LEU A 175 -32.09 17.50 -12.18
C LEU A 175 -31.34 18.10 -13.37
N GLY A 176 -32.06 18.29 -14.47
CA GLY A 176 -31.41 18.81 -15.64
C GLY A 176 -31.73 20.21 -16.09
N ASP A 177 -30.67 20.95 -16.42
CA ASP A 177 -30.78 22.30 -16.93
C ASP A 177 -30.75 22.00 -18.41
N THR A 178 -31.92 21.60 -18.91
CA THR A 178 -32.14 21.21 -20.30
C THR A 178 -31.74 22.17 -21.41
N ILE A 179 -31.85 23.48 -21.17
CA ILE A 179 -31.49 24.44 -22.22
C ILE A 179 -30.22 25.22 -21.88
N GLY A 180 -29.65 24.92 -20.73
CA GLY A 180 -28.41 25.56 -20.30
C GLY A 180 -28.48 27.02 -19.92
N VAL A 181 -29.68 27.50 -19.59
CA VAL A 181 -29.83 28.90 -19.22
C VAL A 181 -29.48 29.17 -17.77
N GLY A 182 -29.31 28.13 -16.98
CA GLY A 182 -29.01 28.35 -15.57
C GLY A 182 -27.65 28.92 -15.23
N THR A 183 -27.59 29.57 -14.06
CA THR A 183 -26.36 30.15 -13.53
C THR A 183 -26.29 29.64 -12.10
N PRO A 184 -25.10 29.63 -11.50
CA PRO A 184 -24.89 29.14 -10.13
C PRO A 184 -25.87 29.54 -9.02
N GLY A 185 -26.37 30.77 -9.07
CA GLY A 185 -27.30 31.20 -8.05
C GLY A 185 -28.59 30.40 -8.19
N ILE A 186 -29.04 30.24 -9.43
CA ILE A 186 -30.25 29.49 -9.76
C ILE A 186 -30.07 28.03 -9.37
N MET A 187 -28.88 27.49 -9.62
CA MET A 187 -28.59 26.10 -9.28
C MET A 187 -28.69 25.95 -7.76
N LYS A 188 -28.05 26.88 -7.06
CA LYS A 188 -28.03 26.90 -5.62
C LYS A 188 -29.44 26.92 -5.02
N ASP A 189 -30.27 27.84 -5.50
CA ASP A 189 -31.64 27.94 -5.01
C ASP A 189 -32.42 26.66 -5.25
N MET A 190 -32.30 26.11 -6.45
CA MET A 190 -33.02 24.90 -6.81
C MET A 190 -32.66 23.72 -5.91
N LEU A 191 -31.37 23.41 -5.82
CA LEU A 191 -30.90 22.29 -4.99
C LEU A 191 -31.27 22.48 -3.53
N SER A 192 -31.16 23.72 -3.06
CA SER A 192 -31.51 24.01 -1.68
C SER A 192 -32.98 23.55 -1.42
N ALA A 193 -33.88 23.85 -2.34
CA ALA A 193 -35.28 23.46 -2.16
C ALA A 193 -35.47 21.93 -2.31
N VAL A 194 -34.79 21.34 -3.27
CA VAL A 194 -34.90 19.90 -3.49
C VAL A 194 -34.38 19.10 -2.30
N MET A 195 -33.24 19.50 -1.75
CA MET A 195 -32.62 18.79 -0.62
C MET A 195 -33.47 18.76 0.65
N GLN A 196 -34.41 19.69 0.77
CA GLN A 196 -35.28 19.73 1.94
C GLN A 196 -36.13 18.46 1.97
N GLU A 197 -36.51 17.99 0.80
CA GLU A 197 -37.38 16.82 0.70
C GLU A 197 -36.78 15.50 0.23
N VAL A 198 -35.60 15.56 -0.39
CA VAL A 198 -34.98 14.35 -0.93
C VAL A 198 -33.56 14.19 -0.40
N PRO A 199 -33.20 12.98 0.06
CA PRO A 199 -31.84 12.81 0.58
C PRO A 199 -30.78 13.12 -0.49
N LEU A 200 -29.67 13.64 -0.03
CA LEU A 200 -28.60 14.04 -0.93
C LEU A 200 -28.10 12.94 -1.87
N ALA A 201 -28.04 11.70 -1.39
CA ALA A 201 -27.53 10.61 -2.22
C ALA A 201 -28.40 10.25 -3.43
N ALA A 202 -29.66 10.64 -3.44
CA ALA A 202 -30.53 10.31 -4.56
C ALA A 202 -30.53 11.38 -5.68
N LEU A 203 -29.72 12.40 -5.50
CA LEU A 203 -29.67 13.50 -6.48
C LEU A 203 -28.49 13.51 -7.43
N ALA A 204 -28.75 13.87 -8.67
CA ALA A 204 -27.72 13.98 -9.70
C ALA A 204 -28.05 15.28 -10.44
N VAL A 205 -27.04 15.86 -11.07
CA VAL A 205 -27.18 17.10 -11.83
C VAL A 205 -26.77 16.82 -13.29
N HIS A 206 -27.49 17.42 -14.22
CA HIS A 206 -27.28 17.23 -15.65
C HIS A 206 -27.36 18.63 -16.31
N CYS A 207 -26.21 19.26 -16.48
CA CYS A 207 -26.17 20.61 -17.06
C CYS A 207 -25.75 20.70 -18.51
N HIS A 208 -26.41 21.58 -19.26
CA HIS A 208 -26.06 21.79 -20.66
C HIS A 208 -25.13 22.99 -20.70
N ASP A 209 -24.23 23.01 -21.68
CA ASP A 209 -23.24 24.08 -21.79
C ASP A 209 -23.57 25.07 -22.91
N THR A 210 -24.84 25.09 -23.29
CA THR A 210 -25.37 25.99 -24.30
C THR A 210 -24.95 27.45 -24.11
N TYR A 211 -24.88 27.89 -22.85
CA TYR A 211 -24.48 29.25 -22.52
C TYR A 211 -23.13 29.29 -21.79
N GLY A 212 -22.38 28.19 -21.86
CA GLY A 212 -21.09 28.13 -21.21
C GLY A 212 -21.13 28.06 -19.70
N GLN A 213 -22.29 27.72 -19.13
CA GLN A 213 -22.45 27.66 -17.69
C GLN A 213 -22.40 26.25 -17.09
N ALA A 214 -22.32 25.23 -17.92
CA ALA A 214 -22.33 23.84 -17.44
C ALA A 214 -21.40 23.49 -16.29
N LEU A 215 -20.11 23.74 -16.48
CA LEU A 215 -19.13 23.40 -15.46
C LEU A 215 -19.26 24.21 -14.18
N ALA A 216 -19.59 25.50 -14.30
CA ALA A 216 -19.76 26.34 -13.12
C ALA A 216 -21.02 25.92 -12.34
N ASN A 217 -22.06 25.52 -13.06
CA ASN A 217 -23.29 25.06 -12.40
C ASN A 217 -23.03 23.72 -11.70
N THR A 218 -22.18 22.90 -12.30
CA THR A 218 -21.85 21.59 -11.73
C THR A 218 -21.04 21.76 -10.46
N LEU A 219 -20.14 22.74 -10.46
CA LEU A 219 -19.32 22.98 -9.30
C LEU A 219 -20.18 23.45 -8.13
N MET A 220 -21.16 24.30 -8.42
CA MET A 220 -22.06 24.79 -7.36
C MET A 220 -22.74 23.54 -6.75
N ALA A 221 -23.22 22.65 -7.60
CA ALA A 221 -23.89 21.43 -7.14
C ALA A 221 -22.96 20.61 -6.24
N LEU A 222 -21.69 20.52 -6.62
CA LEU A 222 -20.69 19.78 -5.85
C LEU A 222 -20.44 20.45 -4.50
N GLN A 223 -20.46 21.78 -4.49
CA GLN A 223 -20.25 22.52 -3.25
C GLN A 223 -21.45 22.33 -2.34
N MET A 224 -22.60 22.00 -2.93
CA MET A 224 -23.84 21.77 -2.20
C MET A 224 -23.91 20.31 -1.73
N GLY A 225 -23.00 19.47 -2.24
CA GLY A 225 -23.00 18.07 -1.81
C GLY A 225 -23.50 17.03 -2.78
N VAL A 226 -23.91 17.43 -3.96
CA VAL A 226 -24.36 16.45 -4.95
C VAL A 226 -23.10 15.66 -5.33
N SER A 227 -23.21 14.34 -5.44
CA SER A 227 -22.06 13.52 -5.77
C SER A 227 -22.17 12.71 -7.05
N VAL A 228 -23.14 13.07 -7.89
CA VAL A 228 -23.28 12.41 -9.16
C VAL A 228 -23.66 13.41 -10.22
N VAL A 229 -22.93 13.39 -11.32
CA VAL A 229 -23.21 14.33 -12.39
C VAL A 229 -23.15 13.66 -13.74
N ASP A 230 -24.08 14.06 -14.60
CA ASP A 230 -24.20 13.52 -15.95
C ASP A 230 -23.34 14.35 -16.91
N SER A 231 -22.79 13.71 -17.92
CA SER A 231 -21.95 14.42 -18.88
C SER A 231 -21.85 13.56 -20.14
N SER A 232 -21.49 14.17 -21.25
CA SER A 232 -21.40 13.45 -22.50
C SER A 232 -19.97 13.46 -23.04
N VAL A 233 -19.50 12.29 -23.47
CA VAL A 233 -18.16 12.10 -23.99
C VAL A 233 -17.44 13.33 -24.50
N ALA A 234 -17.68 13.72 -25.73
CA ALA A 234 -16.95 14.89 -26.25
C ALA A 234 -17.86 16.10 -26.29
N GLY A 235 -18.78 16.18 -25.33
CA GLY A 235 -19.70 17.27 -25.33
C GLY A 235 -20.71 17.04 -26.43
N LEU A 236 -20.91 15.77 -26.82
CA LEU A 236 -21.89 15.45 -27.86
C LEU A 236 -23.31 15.84 -27.43
N GLY A 237 -24.19 15.99 -28.41
CA GLY A 237 -25.56 16.34 -28.09
C GLY A 237 -26.02 17.70 -28.54
N GLY A 238 -27.09 18.17 -27.93
CA GLY A 238 -27.64 19.46 -28.28
C GLY A 238 -29.06 19.46 -27.79
N CYS A 239 -29.72 20.61 -27.87
CA CYS A 239 -31.09 20.68 -27.41
C CYS A 239 -31.99 21.19 -28.52
N PRO A 240 -33.01 20.40 -28.87
CA PRO A 240 -33.94 20.80 -29.92
C PRO A 240 -34.61 22.15 -29.63
N TYR A 241 -34.71 22.49 -28.34
CA TYR A 241 -35.34 23.74 -27.92
C TYR A 241 -34.40 24.95 -27.79
N ALA A 242 -33.25 24.90 -28.45
CA ALA A 242 -32.29 26.00 -28.39
C ALA A 242 -31.45 26.09 -29.65
N GLN A 243 -31.15 27.32 -30.07
CA GLN A 243 -30.35 27.56 -31.27
C GLN A 243 -29.10 26.68 -31.32
N GLY A 244 -28.85 26.08 -32.48
CA GLY A 244 -27.72 25.20 -32.70
C GLY A 244 -26.35 25.50 -32.09
N ALA A 245 -26.32 25.71 -30.77
CA ALA A 245 -25.07 25.98 -30.08
C ALA A 245 -24.65 24.61 -29.51
N SER A 246 -24.07 24.58 -28.32
CA SER A 246 -23.64 23.30 -27.76
C SER A 246 -24.72 22.60 -26.92
N GLY A 247 -24.41 21.38 -26.50
CA GLY A 247 -25.33 20.59 -25.69
C GLY A 247 -24.78 20.18 -24.33
N ASN A 248 -24.51 18.89 -24.14
CA ASN A 248 -24.02 18.41 -22.83
C ASN A 248 -22.62 18.86 -22.38
N LEU A 249 -22.44 18.86 -21.07
CA LEU A 249 -21.15 19.18 -20.44
C LEU A 249 -20.19 18.08 -20.95
N ALA A 250 -18.96 18.44 -21.33
CA ALA A 250 -18.01 17.43 -21.84
C ALA A 250 -17.40 16.61 -20.70
N THR A 251 -17.56 15.29 -20.75
CA THR A 251 -17.01 14.45 -19.69
C THR A 251 -15.54 14.70 -19.40
N GLU A 252 -14.74 14.91 -20.44
CA GLU A 252 -13.30 15.14 -20.23
C GLU A 252 -13.06 16.44 -19.47
N ASP A 253 -13.81 17.49 -19.78
CA ASP A 253 -13.60 18.73 -19.06
C ASP A 253 -14.05 18.57 -17.61
N LEU A 254 -15.00 17.67 -17.38
CA LEU A 254 -15.46 17.44 -16.01
C LEU A 254 -14.44 16.62 -15.22
N VAL A 255 -13.91 15.55 -15.81
CA VAL A 255 -12.96 14.77 -15.05
C VAL A 255 -11.69 15.57 -14.82
N TYR A 256 -11.32 16.41 -15.78
CA TYR A 256 -10.11 17.20 -15.62
C TYR A 256 -10.28 18.04 -14.36
N MET A 257 -11.45 18.66 -14.22
CA MET A 257 -11.72 19.47 -13.05
C MET A 257 -11.72 18.62 -11.79
N LEU A 258 -12.37 17.46 -11.83
CA LEU A 258 -12.43 16.60 -10.65
C LEU A 258 -11.06 16.10 -10.24
N GLU A 259 -10.22 15.73 -11.21
CA GLU A 259 -8.87 15.28 -10.85
C GLU A 259 -8.14 16.44 -10.20
N GLY A 260 -8.30 17.65 -10.74
CA GLY A 260 -7.66 18.80 -10.13
C GLY A 260 -8.11 18.99 -8.70
N LEU A 261 -9.39 18.76 -8.44
CA LEU A 261 -9.94 18.92 -7.09
C LEU A 261 -9.50 17.80 -6.16
N GLY A 262 -8.94 16.73 -6.72
CA GLY A 262 -8.49 15.62 -5.89
C GLY A 262 -9.66 14.70 -5.57
N ILE A 263 -10.70 14.80 -6.40
CA ILE A 263 -11.89 13.99 -6.23
C ILE A 263 -11.84 12.72 -7.07
N HIS A 264 -12.09 11.58 -6.43
CA HIS A 264 -12.07 10.30 -7.12
C HIS A 264 -13.25 10.11 -8.07
N THR A 265 -12.94 9.64 -9.28
CA THR A 265 -13.93 9.38 -10.31
C THR A 265 -13.70 7.99 -10.87
N GLY A 266 -12.47 7.51 -10.72
CA GLY A 266 -12.12 6.20 -11.21
C GLY A 266 -12.09 6.15 -12.72
N VAL A 267 -12.03 7.32 -13.35
CA VAL A 267 -12.01 7.41 -14.81
C VAL A 267 -10.59 7.70 -15.33
N ASN A 268 -10.19 7.03 -16.42
CA ASN A 268 -8.87 7.25 -17.02
C ASN A 268 -9.00 8.29 -18.14
N LEU A 269 -8.52 9.49 -17.88
CA LEU A 269 -8.62 10.58 -18.85
C LEU A 269 -8.08 10.28 -20.25
N GLN A 270 -6.92 9.64 -20.32
CA GLN A 270 -6.35 9.33 -21.63
C GLN A 270 -7.27 8.44 -22.44
N LYS A 271 -7.80 7.38 -21.82
CA LYS A 271 -8.71 6.49 -22.52
C LYS A 271 -10.08 7.12 -22.80
N LEU A 272 -10.45 8.13 -22.02
CA LEU A 272 -11.72 8.78 -22.25
C LEU A 272 -11.55 9.65 -23.51
N LEU A 273 -10.39 10.30 -23.61
CA LEU A 273 -10.09 11.13 -24.78
C LEU A 273 -10.06 10.29 -26.05
N GLU A 274 -9.65 9.01 -25.94
CA GLU A 274 -9.63 8.13 -27.11
C GLU A 274 -11.05 7.85 -27.59
N ALA A 275 -11.95 7.61 -26.63
CA ALA A 275 -13.34 7.33 -26.96
C ALA A 275 -13.93 8.57 -27.64
N GLY A 276 -13.69 9.73 -27.06
CA GLY A 276 -14.20 10.95 -27.64
C GLY A 276 -13.69 11.18 -29.05
N ASN A 277 -12.39 10.97 -29.26
CA ASN A 277 -11.84 11.17 -30.59
C ASN A 277 -12.44 10.18 -31.57
N PHE A 278 -12.63 8.95 -31.11
CA PHE A 278 -13.21 7.91 -31.95
C PHE A 278 -14.61 8.28 -32.45
N ILE A 279 -15.52 8.60 -31.53
CA ILE A 279 -16.88 8.92 -31.95
C ILE A 279 -16.93 10.21 -32.76
N CYS A 280 -16.06 11.16 -32.45
CA CYS A 280 -16.06 12.40 -33.21
C CYS A 280 -15.71 12.20 -34.68
N GLN A 281 -14.82 11.25 -34.96
CA GLN A 281 -14.43 10.97 -36.33
C GLN A 281 -15.56 10.23 -37.04
N ALA A 282 -16.20 9.30 -36.34
CA ALA A 282 -17.31 8.58 -36.95
C ALA A 282 -18.45 9.54 -37.31
N LEU A 283 -18.58 10.62 -36.54
CA LEU A 283 -19.63 11.62 -36.73
C LEU A 283 -19.20 12.79 -37.62
N ASN A 284 -17.94 12.79 -38.04
CA ASN A 284 -17.39 13.87 -38.86
C ASN A 284 -17.64 15.22 -38.19
N ARG A 285 -17.24 15.33 -36.92
CA ARG A 285 -17.40 16.59 -36.21
C ARG A 285 -16.19 16.84 -35.32
N LYS A 286 -16.06 18.06 -34.85
CA LYS A 286 -14.97 18.44 -33.96
C LYS A 286 -15.49 18.26 -32.53
N THR A 287 -14.64 17.74 -31.66
CA THR A 287 -15.02 17.54 -30.26
C THR A 287 -15.38 18.87 -29.63
N SER A 288 -16.23 18.83 -28.61
CA SER A 288 -16.61 20.06 -27.92
C SER A 288 -15.86 20.17 -26.60
N SER A 289 -15.00 19.18 -26.34
CA SER A 289 -14.20 19.14 -25.14
C SER A 289 -12.97 20.04 -25.31
N LYS A 290 -12.75 20.94 -24.36
CA LYS A 290 -11.59 21.84 -24.40
C LYS A 290 -10.33 21.07 -24.05
N VAL A 291 -10.45 20.12 -23.12
CA VAL A 291 -9.29 19.34 -22.73
C VAL A 291 -8.76 18.58 -23.94
N ALA A 292 -9.66 18.03 -24.73
CA ALA A 292 -9.29 17.29 -25.94
C ALA A 292 -8.56 18.22 -26.91
N GLN A 293 -9.08 19.43 -27.07
CA GLN A 293 -8.45 20.40 -27.97
C GLN A 293 -7.07 20.81 -27.49
N ALA A 294 -6.89 20.95 -26.18
CA ALA A 294 -5.60 21.35 -25.62
C ALA A 294 -4.57 20.23 -25.56
N THR A 295 -5.04 18.98 -25.54
CA THR A 295 -4.14 17.83 -25.46
C THR A 295 -3.51 17.46 -26.79
N CYS A 296 -4.24 17.67 -27.88
CA CYS A 296 -3.75 17.38 -29.22
C CYS A 296 -4.79 17.75 -30.27
N THR B 1 -18.84 36.20 0.75
CA THR B 1 -19.84 35.87 -0.30
C THR B 1 -19.62 36.71 -1.56
N LEU B 2 -20.46 36.49 -2.57
CA LEU B 2 -20.33 37.20 -3.84
C LEU B 2 -20.50 38.72 -3.75
N PRO B 3 -19.58 39.47 -4.39
CA PRO B 3 -19.66 40.93 -4.35
C PRO B 3 -20.91 41.44 -5.08
N LYS B 4 -21.40 42.61 -4.72
CA LYS B 4 -22.59 43.17 -5.37
C LYS B 4 -22.30 43.60 -6.80
N ARG B 5 -21.08 44.06 -7.06
CA ARG B 5 -20.74 44.48 -8.39
C ARG B 5 -19.33 44.04 -8.78
N VAL B 6 -19.13 43.85 -10.07
CA VAL B 6 -17.84 43.41 -10.58
C VAL B 6 -17.35 44.30 -11.74
N LYS B 7 -16.09 44.66 -11.68
CA LYS B 7 -15.47 45.47 -12.73
C LYS B 7 -14.88 44.50 -13.74
N ILE B 8 -15.43 44.48 -14.95
CA ILE B 8 -14.91 43.60 -15.97
C ILE B 8 -13.84 44.36 -16.75
N VAL B 9 -12.67 43.74 -16.86
CA VAL B 9 -11.57 44.37 -17.58
C VAL B 9 -11.46 43.65 -18.90
N GLU B 10 -11.81 44.36 -19.97
CA GLU B 10 -11.79 43.83 -21.32
C GLU B 10 -10.37 43.88 -21.91
N VAL B 11 -9.82 42.71 -22.25
CA VAL B 11 -8.48 42.66 -22.81
C VAL B 11 -8.44 42.22 -24.27
N GLY B 12 -9.60 42.00 -24.86
CA GLY B 12 -9.66 41.56 -26.25
C GLY B 12 -8.80 42.33 -27.25
N PRO B 13 -8.92 43.67 -27.30
CA PRO B 13 -8.11 44.40 -28.27
C PRO B 13 -6.60 44.32 -28.11
N ARG B 14 -6.11 43.88 -26.95
CA ARG B 14 -4.67 43.79 -26.73
C ARG B 14 -4.25 42.33 -26.52
N ASP B 15 -4.68 41.77 -25.40
CA ASP B 15 -4.36 40.39 -25.10
C ASP B 15 -4.97 39.50 -26.18
N GLY B 16 -6.26 39.69 -26.45
CA GLY B 16 -6.91 38.90 -27.46
C GLY B 16 -6.27 38.98 -28.84
N LEU B 17 -6.13 40.20 -29.35
CA LEU B 17 -5.56 40.44 -30.68
C LEU B 17 -4.07 40.10 -30.81
N GLN B 18 -3.30 40.36 -29.75
CA GLN B 18 -1.88 40.07 -29.79
C GLN B 18 -1.66 38.57 -30.00
N ASN B 19 -2.56 37.77 -29.45
CA ASN B 19 -2.45 36.31 -29.54
C ASN B 19 -3.37 35.67 -30.55
N GLU B 20 -3.59 36.34 -31.68
CA GLU B 20 -4.45 35.79 -32.73
C GLU B 20 -3.61 35.54 -33.97
N LYS B 21 -3.99 34.55 -34.78
CA LYS B 21 -3.26 34.21 -36.00
C LYS B 21 -3.24 35.38 -36.98
N ASN B 22 -4.42 35.76 -37.44
CA ASN B 22 -4.55 36.86 -38.39
C ASN B 22 -4.46 38.18 -37.66
N ILE B 23 -4.15 39.23 -38.43
CA ILE B 23 -4.03 40.56 -37.87
C ILE B 23 -5.11 41.44 -38.50
N VAL B 24 -5.30 42.62 -37.93
CA VAL B 24 -6.31 43.53 -38.47
C VAL B 24 -5.76 44.94 -38.57
N SER B 25 -6.40 45.73 -39.43
CA SER B 25 -6.02 47.11 -39.65
C SER B 25 -6.19 47.97 -38.40
N THR B 26 -5.49 49.11 -38.38
CA THR B 26 -5.58 50.03 -37.27
C THR B 26 -7.01 50.56 -37.15
N PRO B 27 -7.67 50.79 -38.29
CA PRO B 27 -9.05 51.28 -38.19
C PRO B 27 -10.01 50.25 -37.59
N VAL B 28 -9.69 48.97 -37.76
CA VAL B 28 -10.53 47.90 -37.20
C VAL B 28 -10.40 47.90 -35.69
N LYS B 29 -9.15 47.96 -35.21
CA LYS B 29 -8.88 48.00 -33.78
C LYS B 29 -9.64 49.17 -33.15
N ILE B 30 -9.44 50.37 -33.72
CA ILE B 30 -10.09 51.56 -33.21
C ILE B 30 -11.61 51.38 -33.07
N LYS B 31 -12.26 50.88 -34.11
CA LYS B 31 -13.70 50.67 -34.10
C LYS B 31 -14.11 49.61 -33.05
N LEU B 32 -13.31 48.57 -32.93
CA LEU B 32 -13.60 47.53 -31.95
C LEU B 32 -13.65 48.16 -30.57
N ILE B 33 -12.65 48.98 -30.26
CA ILE B 33 -12.56 49.62 -28.97
C ILE B 33 -13.69 50.62 -28.75
N ASP B 34 -14.13 51.28 -29.80
CA ASP B 34 -15.26 52.21 -29.69
C ASP B 34 -16.54 51.40 -29.44
N MET B 35 -16.66 50.24 -30.08
CA MET B 35 -17.83 49.40 -29.89
C MET B 35 -17.82 48.82 -28.48
N LEU B 36 -16.64 48.50 -27.98
CA LEU B 36 -16.55 47.98 -26.62
C LEU B 36 -16.93 49.10 -25.66
N SER B 37 -16.59 50.34 -26.01
CA SER B 37 -16.94 51.47 -25.16
C SER B 37 -18.45 51.63 -25.18
N GLU B 38 -19.03 51.44 -26.35
CA GLU B 38 -20.47 51.55 -26.53
C GLU B 38 -21.22 50.57 -25.63
N ALA B 39 -20.68 49.35 -25.53
CA ALA B 39 -21.30 48.30 -24.74
C ALA B 39 -21.26 48.56 -23.24
N GLY B 40 -20.51 49.57 -22.82
CA GLY B 40 -20.45 49.89 -21.41
C GLY B 40 -19.32 49.35 -20.56
N LEU B 41 -18.29 48.74 -21.15
CA LEU B 41 -17.17 48.25 -20.35
C LEU B 41 -16.52 49.47 -19.69
N SER B 42 -16.10 49.33 -18.43
CA SER B 42 -15.48 50.47 -17.74
C SER B 42 -13.97 50.51 -17.92
N VAL B 43 -13.37 49.42 -18.35
CA VAL B 43 -11.94 49.40 -18.59
C VAL B 43 -11.64 48.50 -19.76
N ILE B 44 -10.95 49.06 -20.75
CA ILE B 44 -10.59 48.37 -21.97
C ILE B 44 -9.10 48.47 -22.25
N GLU B 45 -8.41 47.35 -22.14
CA GLU B 45 -6.97 47.33 -22.40
C GLU B 45 -6.85 47.65 -23.88
N THR B 46 -6.34 48.83 -24.20
CA THR B 46 -6.26 49.29 -25.57
C THR B 46 -5.15 48.79 -26.46
N THR B 47 -3.93 48.83 -25.99
CA THR B 47 -2.82 48.38 -26.82
C THR B 47 -1.58 48.20 -25.97
N SER B 48 -0.46 47.89 -26.62
CA SER B 48 0.80 47.70 -25.93
C SER B 48 1.91 48.51 -26.61
N PHE B 49 2.68 49.24 -25.82
CA PHE B 49 3.77 50.04 -26.39
C PHE B 49 5.06 49.23 -26.35
N VAL B 50 5.13 48.24 -27.22
CA VAL B 50 6.28 47.36 -27.32
C VAL B 50 6.79 47.37 -28.76
N SER B 51 8.05 47.03 -28.94
CA SER B 51 8.67 47.01 -30.26
C SER B 51 7.96 46.11 -31.26
N PRO B 52 7.88 46.58 -32.53
CA PRO B 52 7.23 45.81 -33.60
C PRO B 52 8.07 44.56 -33.88
N LYS B 53 9.33 44.58 -33.46
CA LYS B 53 10.23 43.46 -33.64
C LYS B 53 9.63 42.24 -32.94
N TRP B 54 9.47 42.34 -31.63
CA TRP B 54 8.89 41.27 -30.85
C TRP B 54 7.48 40.95 -31.34
N VAL B 55 6.52 41.84 -31.05
CA VAL B 55 5.14 41.61 -31.48
C VAL B 55 4.66 42.71 -32.43
N PRO B 56 4.69 42.44 -33.73
CA PRO B 56 4.25 43.41 -34.73
C PRO B 56 2.76 43.71 -34.69
N GLN B 57 1.97 42.80 -34.12
CA GLN B 57 0.53 43.01 -34.04
C GLN B 57 0.16 44.25 -33.26
N MET B 58 1.06 44.68 -32.38
CA MET B 58 0.80 45.84 -31.56
C MET B 58 1.54 47.10 -32.02
N GLY B 59 2.12 47.04 -33.21
CA GLY B 59 2.86 48.19 -33.73
C GLY B 59 2.16 49.53 -33.80
N ASP B 60 0.88 49.52 -34.18
CA ASP B 60 0.09 50.74 -34.31
C ASP B 60 -0.34 51.32 -32.96
N HIS B 61 0.29 50.87 -31.89
CA HIS B 61 -0.08 51.32 -30.55
C HIS B 61 -0.28 52.83 -30.37
N THR B 62 0.59 53.63 -30.97
CA THR B 62 0.47 55.07 -30.84
C THR B 62 -0.79 55.61 -31.50
N GLU B 63 -0.99 55.33 -32.79
CA GLU B 63 -2.18 55.82 -33.46
C GLU B 63 -3.48 55.24 -32.89
N VAL B 64 -3.43 54.01 -32.40
CA VAL B 64 -4.61 53.39 -31.81
C VAL B 64 -5.07 54.17 -30.59
N LEU B 65 -4.15 54.39 -29.65
CA LEU B 65 -4.47 55.12 -28.43
C LEU B 65 -4.99 56.54 -28.73
N LYS B 66 -4.39 57.18 -29.73
CA LYS B 66 -4.78 58.54 -30.10
C LYS B 66 -6.09 58.58 -30.89
N GLY B 67 -6.35 57.52 -31.66
CA GLY B 67 -7.55 57.49 -32.48
C GLY B 67 -8.87 57.02 -31.88
N ILE B 68 -8.81 56.30 -30.77
CA ILE B 68 -10.05 55.80 -30.15
C ILE B 68 -10.79 56.91 -29.41
N GLN B 69 -12.12 56.83 -29.40
CA GLN B 69 -12.91 57.81 -28.68
C GLN B 69 -12.67 57.54 -27.22
N LYS B 70 -12.67 58.60 -26.42
CA LYS B 70 -12.46 58.45 -24.99
C LYS B 70 -13.81 58.70 -24.33
N PHE B 71 -14.53 57.64 -24.00
CA PHE B 71 -15.84 57.78 -23.36
C PHE B 71 -15.70 58.18 -21.91
N PRO B 72 -16.59 59.06 -21.43
CA PRO B 72 -16.56 59.52 -20.04
C PRO B 72 -16.63 58.35 -19.06
N GLY B 73 -15.69 58.32 -18.12
CA GLY B 73 -15.67 57.26 -17.13
C GLY B 73 -14.87 56.01 -17.47
N ILE B 74 -14.80 55.68 -18.76
CA ILE B 74 -14.07 54.49 -19.18
C ILE B 74 -12.56 54.70 -19.15
N ASN B 75 -11.83 53.66 -18.75
CA ASN B 75 -10.37 53.71 -18.68
C ASN B 75 -9.79 52.93 -19.86
N TYR B 76 -8.63 53.36 -20.34
CA TYR B 76 -7.98 52.73 -21.48
C TYR B 76 -6.51 52.48 -21.20
N PRO B 77 -6.22 51.56 -20.28
CA PRO B 77 -4.84 51.23 -19.91
C PRO B 77 -4.09 50.60 -21.06
N VAL B 78 -2.77 50.78 -21.06
CA VAL B 78 -1.93 50.22 -22.11
C VAL B 78 -0.72 49.58 -21.47
N LEU B 79 -0.14 48.59 -22.15
CA LEU B 79 1.05 47.91 -21.63
C LEU B 79 2.30 48.71 -21.98
N THR B 80 3.25 48.73 -21.05
CA THR B 80 4.53 49.42 -21.21
C THR B 80 5.59 48.53 -20.58
N PRO B 81 6.28 47.72 -21.38
CA PRO B 81 7.33 46.84 -20.84
C PRO B 81 8.56 47.55 -20.31
N ASN B 82 9.26 48.29 -21.17
CA ASN B 82 10.45 49.01 -20.76
C ASN B 82 10.17 50.49 -20.57
N LEU B 83 11.13 51.21 -19.99
CA LEU B 83 10.99 52.64 -19.72
C LEU B 83 10.71 53.45 -21.00
N LYS B 84 11.23 52.99 -22.12
CA LYS B 84 11.02 53.70 -23.38
C LYS B 84 9.59 53.52 -23.85
N GLY B 85 9.01 52.36 -23.56
CA GLY B 85 7.64 52.10 -23.93
C GLY B 85 6.76 53.02 -23.11
N PHE B 86 7.08 53.13 -21.83
CA PHE B 86 6.32 53.98 -20.94
C PHE B 86 6.40 55.44 -21.39
N GLU B 87 7.54 55.81 -21.97
CA GLU B 87 7.76 57.18 -22.46
C GLU B 87 6.72 57.52 -23.53
N ALA B 88 6.66 56.66 -24.55
CA ALA B 88 5.72 56.84 -25.65
C ALA B 88 4.26 56.85 -25.17
N ALA B 89 3.94 55.93 -24.26
CA ALA B 89 2.58 55.84 -23.76
C ALA B 89 2.12 57.16 -23.17
N VAL B 90 2.95 57.75 -22.31
CA VAL B 90 2.61 59.03 -21.69
C VAL B 90 2.34 60.11 -22.74
N ALA B 91 3.25 60.20 -23.71
CA ALA B 91 3.14 61.17 -24.78
C ALA B 91 1.85 60.98 -25.58
N ALA B 92 1.51 59.73 -25.86
CA ALA B 92 0.29 59.43 -26.61
C ALA B 92 -0.97 59.71 -25.79
N GLY B 93 -0.80 60.17 -24.56
CA GLY B 93 -1.94 60.51 -23.72
C GLY B 93 -2.42 59.47 -22.71
N ALA B 94 -1.71 58.34 -22.60
CA ALA B 94 -2.09 57.29 -21.66
C ALA B 94 -2.24 57.81 -20.24
N LYS B 95 -3.26 57.33 -19.53
CA LYS B 95 -3.51 57.76 -18.16
C LYS B 95 -3.37 56.57 -17.22
N GLU B 96 -3.09 55.40 -17.79
CA GLU B 96 -2.95 54.18 -17.02
C GLU B 96 -2.07 53.21 -17.79
N VAL B 97 -1.09 52.63 -17.10
CA VAL B 97 -0.20 51.68 -17.74
C VAL B 97 -0.22 50.33 -17.04
N VAL B 98 0.32 49.33 -17.72
CA VAL B 98 0.37 47.96 -17.23
C VAL B 98 1.76 47.36 -17.37
N ILE B 99 2.28 46.78 -16.28
CA ILE B 99 3.59 46.11 -16.29
C ILE B 99 3.29 44.63 -16.02
N PHE B 100 4.00 43.75 -16.71
CA PHE B 100 3.74 42.32 -16.54
C PHE B 100 4.91 41.47 -16.07
N GLY B 101 4.72 40.82 -14.93
CA GLY B 101 5.72 39.94 -14.37
C GLY B 101 5.26 38.50 -14.44
N ALA B 102 5.84 37.66 -13.59
CA ALA B 102 5.48 36.24 -13.56
C ALA B 102 6.04 35.61 -12.29
N ALA B 103 5.32 34.65 -11.74
CA ALA B 103 5.77 33.98 -10.52
C ALA B 103 6.74 32.86 -10.90
N SER B 104 6.83 32.58 -12.20
CA SER B 104 7.71 31.53 -12.69
C SER B 104 9.05 32.06 -13.21
N GLU B 105 10.13 31.51 -12.67
CA GLU B 105 11.47 31.91 -13.09
C GLU B 105 11.72 31.59 -14.56
N LEU B 106 11.65 30.31 -14.92
CA LEU B 106 11.86 29.88 -16.30
C LEU B 106 11.03 30.72 -17.26
N PHE B 107 9.82 31.04 -16.87
CA PHE B 107 8.92 31.83 -17.71
C PHE B 107 9.46 33.22 -17.99
N THR B 108 10.04 33.86 -16.97
CA THR B 108 10.59 35.20 -17.14
C THR B 108 11.82 35.15 -18.05
N LYS B 109 12.42 33.97 -18.18
CA LYS B 109 13.60 33.80 -19.02
C LYS B 109 13.24 33.58 -20.50
N LYS B 110 12.10 32.96 -20.75
CA LYS B 110 11.66 32.73 -22.13
C LYS B 110 10.92 33.96 -22.64
N ASN B 111 10.17 34.60 -21.76
CA ASN B 111 9.41 35.79 -22.11
C ASN B 111 10.33 36.96 -22.44
N ILE B 112 10.93 37.55 -21.40
CA ILE B 112 11.81 38.70 -21.60
C ILE B 112 13.30 38.47 -21.42
N ASN B 113 13.64 37.31 -20.83
CA ASN B 113 15.03 36.88 -20.61
C ASN B 113 15.71 36.99 -19.22
N CYS B 114 15.08 37.60 -18.21
CA CYS B 114 15.77 37.74 -16.92
C CYS B 114 15.18 37.16 -15.65
N SER B 115 15.96 37.23 -14.58
CA SER B 115 15.55 36.74 -13.28
C SER B 115 14.31 37.47 -12.76
N ILE B 116 13.44 36.74 -12.08
CA ILE B 116 12.23 37.33 -11.53
C ILE B 116 12.61 38.53 -10.67
N GLU B 117 13.76 38.43 -10.03
CA GLU B 117 14.25 39.52 -9.17
C GLU B 117 14.72 40.69 -10.02
N GLU B 118 15.46 40.39 -11.08
CA GLU B 118 15.98 41.43 -11.95
C GLU B 118 14.83 42.22 -12.60
N SER B 119 13.80 41.51 -13.04
CA SER B 119 12.65 42.14 -13.68
C SER B 119 12.00 43.18 -12.76
N PHE B 120 12.32 43.13 -11.47
CA PHE B 120 11.76 44.09 -10.51
C PHE B 120 12.51 45.42 -10.56
N GLN B 121 13.74 45.39 -11.05
CA GLN B 121 14.53 46.62 -11.16
C GLN B 121 13.93 47.47 -12.26
N ARG B 122 13.58 46.81 -13.36
CA ARG B 122 12.98 47.46 -14.51
C ARG B 122 11.67 48.13 -14.10
N PHE B 123 10.80 47.34 -13.48
CA PHE B 123 9.50 47.81 -13.03
C PHE B 123 9.61 49.00 -12.08
N ASP B 124 10.69 49.03 -11.30
CA ASP B 124 10.90 50.11 -10.35
C ASP B 124 11.02 51.46 -11.06
N ALA B 125 11.90 51.52 -12.06
CA ALA B 125 12.12 52.74 -12.83
C ALA B 125 10.81 53.22 -13.45
N ILE B 126 10.09 52.30 -14.08
CA ILE B 126 8.81 52.62 -14.71
C ILE B 126 7.85 53.14 -13.64
N LEU B 127 7.73 52.38 -12.55
CA LEU B 127 6.85 52.77 -11.45
C LEU B 127 7.28 54.12 -10.91
N LYS B 128 8.60 54.32 -10.83
CA LYS B 128 9.16 55.56 -10.33
C LYS B 128 8.75 56.70 -11.27
N ALA B 129 9.02 56.51 -12.55
CA ALA B 129 8.68 57.50 -13.57
C ALA B 129 7.17 57.73 -13.59
N ALA B 130 6.43 56.62 -13.57
CA ALA B 130 4.98 56.66 -13.59
C ALA B 130 4.44 57.50 -12.44
N GLN B 131 5.16 57.50 -11.33
CA GLN B 131 4.77 58.25 -10.16
C GLN B 131 5.05 59.74 -10.38
N SER B 132 6.18 60.04 -11.01
CA SER B 132 6.53 61.42 -11.29
C SER B 132 5.51 61.92 -12.31
N ALA B 133 5.21 61.06 -13.29
CA ALA B 133 4.27 61.39 -14.35
C ALA B 133 2.80 61.40 -13.94
N ASN B 134 2.49 60.90 -12.74
CA ASN B 134 1.11 60.87 -12.26
C ASN B 134 0.26 59.84 -13.03
N ILE B 135 0.82 58.66 -13.29
CA ILE B 135 0.10 57.63 -14.02
C ILE B 135 -0.13 56.37 -13.18
N SER B 136 -1.39 55.97 -13.03
CA SER B 136 -1.70 54.77 -12.25
C SER B 136 -1.15 53.56 -12.98
N VAL B 137 -0.68 52.57 -12.24
CA VAL B 137 -0.10 51.37 -12.84
C VAL B 137 -0.74 50.07 -12.35
N ARG B 138 -0.98 49.15 -13.28
CA ARG B 138 -1.56 47.86 -12.95
C ARG B 138 -0.56 46.76 -13.24
N GLY B 139 -0.46 45.79 -12.35
CA GLY B 139 0.48 44.69 -12.54
C GLY B 139 -0.15 43.40 -13.04
N TYR B 140 0.65 42.58 -13.72
CA TYR B 140 0.21 41.32 -14.25
C TYR B 140 1.17 40.23 -13.78
N VAL B 141 0.65 39.26 -13.02
CA VAL B 141 1.48 38.16 -12.55
C VAL B 141 1.06 36.91 -13.29
N SER B 142 1.90 36.44 -14.21
CA SER B 142 1.58 35.25 -14.98
C SER B 142 1.96 33.95 -14.25
N CYS B 143 1.46 32.83 -14.76
CA CYS B 143 1.73 31.52 -14.19
C CYS B 143 1.27 31.44 -12.73
N ALA B 144 0.24 32.20 -12.39
CA ALA B 144 -0.27 32.20 -11.02
C ALA B 144 -0.85 30.86 -10.56
N LEU B 145 -1.30 30.02 -11.48
CA LEU B 145 -1.86 28.73 -11.09
C LEU B 145 -1.13 27.59 -11.78
N GLY B 146 0.13 27.84 -12.16
CA GLY B 146 0.91 26.81 -12.84
C GLY B 146 1.65 27.40 -14.02
N CYS B 147 2.73 26.74 -14.42
CA CYS B 147 3.56 27.20 -15.52
C CYS B 147 3.81 26.07 -16.51
N PRO B 148 3.97 26.41 -17.80
CA PRO B 148 4.22 25.40 -18.84
C PRO B 148 5.66 24.87 -18.80
N TYR B 149 6.49 25.53 -18.00
CA TYR B 149 7.90 25.15 -17.86
C TYR B 149 8.24 24.55 -16.50
N GLU B 150 7.72 25.16 -15.44
CA GLU B 150 7.99 24.66 -14.09
C GLU B 150 6.88 23.75 -13.58
N GLY B 151 5.70 23.87 -14.17
CA GLY B 151 4.57 23.07 -13.73
C GLY B 151 3.96 23.75 -12.53
N LYS B 152 3.69 23.00 -11.47
CA LYS B 152 3.11 23.57 -10.26
C LYS B 152 3.85 24.82 -9.78
N ILE B 153 3.08 25.81 -9.33
CA ILE B 153 3.63 27.05 -8.83
C ILE B 153 3.03 27.24 -7.45
N SER B 154 3.88 27.59 -6.48
CA SER B 154 3.44 27.77 -5.11
C SER B 154 2.69 29.07 -4.82
N PRO B 155 1.64 28.99 -3.98
CA PRO B 155 0.85 30.17 -3.63
C PRO B 155 1.76 31.21 -2.99
N ALA B 156 2.75 30.74 -2.24
CA ALA B 156 3.70 31.62 -1.57
C ALA B 156 4.43 32.48 -2.60
N LYS B 157 5.02 31.83 -3.60
CA LYS B 157 5.75 32.55 -4.64
C LYS B 157 4.85 33.56 -5.33
N VAL B 158 3.58 33.20 -5.56
CA VAL B 158 2.65 34.12 -6.18
C VAL B 158 2.36 35.29 -5.22
N ALA B 159 2.14 34.95 -3.95
CA ALA B 159 1.87 35.97 -2.93
C ALA B 159 3.06 36.92 -2.83
N GLU B 160 4.25 36.37 -3.01
CA GLU B 160 5.48 37.16 -2.92
C GLU B 160 5.55 38.22 -4.01
N VAL B 161 5.33 37.79 -5.25
CA VAL B 161 5.36 38.69 -6.40
C VAL B 161 4.26 39.74 -6.32
N THR B 162 3.04 39.32 -6.01
CA THR B 162 1.92 40.24 -5.91
C THR B 162 2.22 41.30 -4.85
N LYS B 163 2.81 40.86 -3.75
CA LYS B 163 3.16 41.76 -2.65
C LYS B 163 4.21 42.76 -3.14
N LYS B 164 5.22 42.27 -3.83
CA LYS B 164 6.27 43.15 -4.33
C LYS B 164 5.66 44.22 -5.24
N PHE B 165 4.79 43.79 -6.15
CA PHE B 165 4.13 44.71 -7.08
C PHE B 165 3.25 45.73 -6.36
N TYR B 166 2.52 45.28 -5.35
CA TYR B 166 1.63 46.16 -4.61
C TYR B 166 2.32 47.23 -3.78
N SER B 167 3.41 46.85 -3.11
CA SER B 167 4.16 47.78 -2.27
C SER B 167 5.04 48.70 -3.11
N MET B 168 5.20 48.31 -4.37
CA MET B 168 6.04 49.05 -5.30
C MET B 168 5.24 50.08 -6.09
N GLY B 169 3.94 50.21 -5.78
CA GLY B 169 3.11 51.19 -6.48
C GLY B 169 1.84 50.75 -7.20
N CYS B 170 1.81 49.53 -7.73
CA CYS B 170 0.62 49.06 -8.45
C CYS B 170 -0.63 49.16 -7.59
N TYR B 171 -1.70 49.72 -8.16
CA TYR B 171 -2.95 49.86 -7.41
C TYR B 171 -3.85 48.64 -7.59
N GLU B 172 -3.46 47.75 -8.49
CA GLU B 172 -4.24 46.55 -8.77
C GLU B 172 -3.35 45.50 -9.42
N ILE B 173 -3.41 44.27 -8.94
CA ILE B 173 -2.59 43.23 -9.53
C ILE B 173 -3.48 42.13 -10.12
N SER B 174 -3.29 41.87 -11.39
CA SER B 174 -4.08 40.85 -12.06
C SER B 174 -3.31 39.54 -12.04
N LEU B 175 -3.90 38.55 -11.38
CA LEU B 175 -3.31 37.21 -11.26
C LEU B 175 -3.83 36.40 -12.43
N GLY B 176 -2.92 35.89 -13.25
CA GLY B 176 -3.36 35.14 -14.42
C GLY B 176 -2.96 33.70 -14.59
N ASP B 177 -3.92 32.90 -15.03
CA ASP B 177 -3.71 31.49 -15.31
C ASP B 177 -3.51 31.50 -16.81
N THR B 178 -2.30 31.93 -17.20
CA THR B 178 -1.92 32.05 -18.60
C THR B 178 -2.07 30.79 -19.47
N ILE B 179 -1.91 29.61 -18.89
CA ILE B 179 -2.06 28.39 -19.69
C ILE B 179 -3.41 27.69 -19.44
N GLY B 180 -4.20 28.23 -18.53
CA GLY B 180 -5.51 27.67 -18.25
C GLY B 180 -5.53 26.24 -17.72
N VAL B 181 -4.54 25.88 -16.90
CA VAL B 181 -4.49 24.53 -16.35
C VAL B 181 -5.05 24.46 -14.93
N GLY B 182 -5.32 25.62 -14.36
CA GLY B 182 -5.84 25.66 -13.01
C GLY B 182 -7.25 25.12 -12.81
N THR B 183 -7.52 24.65 -11.60
CA THR B 183 -8.84 24.14 -11.26
C THR B 183 -9.22 24.92 -10.02
N PRO B 184 -10.49 24.84 -9.59
CA PRO B 184 -10.95 25.56 -8.41
C PRO B 184 -10.09 25.52 -7.13
N GLY B 185 -9.61 24.34 -6.76
CA GLY B 185 -8.80 24.23 -5.56
C GLY B 185 -7.50 25.01 -5.62
N ILE B 186 -6.82 24.95 -6.76
CA ILE B 186 -5.56 25.68 -6.94
C ILE B 186 -5.83 27.18 -6.89
N MET B 187 -6.93 27.60 -7.50
CA MET B 187 -7.31 29.02 -7.49
C MET B 187 -7.52 29.47 -6.05
N LYS B 188 -8.22 28.65 -5.27
CA LYS B 188 -8.49 28.99 -3.89
C LYS B 188 -7.23 29.09 -3.04
N ASP B 189 -6.31 28.14 -3.18
CA ASP B 189 -5.07 28.17 -2.42
C ASP B 189 -4.23 29.38 -2.77
N MET B 190 -4.20 29.71 -4.06
CA MET B 190 -3.45 30.86 -4.55
C MET B 190 -4.05 32.15 -3.97
N LEU B 191 -5.32 32.38 -4.23
CA LEU B 191 -5.98 33.58 -3.73
C LEU B 191 -5.80 33.72 -2.24
N SER B 192 -5.90 32.59 -1.56
CA SER B 192 -5.77 32.53 -0.10
C SER B 192 -4.41 33.04 0.38
N ALA B 193 -3.33 32.60 -0.26
CA ALA B 193 -2.00 33.04 0.13
C ALA B 193 -1.80 34.52 -0.20
N VAL B 194 -2.33 34.96 -1.33
CA VAL B 194 -2.19 36.35 -1.75
C VAL B 194 -2.98 37.32 -0.87
N MET B 195 -4.19 36.93 -0.50
CA MET B 195 -5.04 37.78 0.32
C MET B 195 -4.48 38.02 1.71
N GLN B 196 -3.51 37.20 2.11
CA GLN B 196 -2.89 37.37 3.43
C GLN B 196 -2.03 38.62 3.42
N GLU B 197 -1.42 38.88 2.27
CA GLU B 197 -0.50 40.00 2.09
C GLU B 197 -1.02 41.25 1.38
N VAL B 198 -2.05 41.10 0.53
CA VAL B 198 -2.58 42.22 -0.24
C VAL B 198 -4.09 42.41 -0.07
N PRO B 199 -4.54 43.66 0.12
CA PRO B 199 -5.98 43.87 0.28
C PRO B 199 -6.74 43.33 -0.94
N LEU B 200 -7.94 42.83 -0.69
CA LEU B 200 -8.78 42.23 -1.71
C LEU B 200 -9.16 43.14 -2.87
N ALA B 201 -9.44 44.40 -2.58
CA ALA B 201 -9.84 45.36 -3.62
C ALA B 201 -8.79 45.58 -4.70
N ALA B 202 -7.54 45.23 -4.42
CA ALA B 202 -6.45 45.42 -5.39
C ALA B 202 -6.12 44.15 -6.17
N LEU B 203 -7.02 43.16 -6.09
CA LEU B 203 -6.81 41.89 -6.80
C LEU B 203 -7.76 41.69 -7.98
N ALA B 204 -7.23 41.08 -9.03
CA ALA B 204 -7.99 40.78 -10.22
C ALA B 204 -7.61 39.39 -10.69
N VAL B 205 -8.54 38.71 -11.31
CA VAL B 205 -8.23 37.39 -11.82
C VAL B 205 -8.34 37.42 -13.33
N HIS B 206 -7.50 36.61 -13.97
CA HIS B 206 -7.44 36.54 -15.41
C HIS B 206 -7.23 35.07 -15.73
N CYS B 207 -8.29 34.38 -16.14
CA CYS B 207 -8.21 32.95 -16.41
C CYS B 207 -8.44 32.56 -17.86
N HIS B 208 -7.60 31.68 -18.38
CA HIS B 208 -7.80 31.23 -19.75
C HIS B 208 -8.70 30.01 -19.73
N ASP B 209 -9.44 29.80 -20.80
CA ASP B 209 -10.36 28.69 -20.88
C ASP B 209 -9.81 27.53 -21.69
N THR B 210 -8.48 27.46 -21.79
CA THR B 210 -7.83 26.40 -22.58
C THR B 210 -8.31 25.00 -22.22
N TYR B 211 -8.55 24.75 -20.93
CA TYR B 211 -9.04 23.44 -20.50
C TYR B 211 -10.51 23.50 -20.06
N GLY B 212 -11.16 24.61 -20.39
CA GLY B 212 -12.56 24.80 -20.05
C GLY B 212 -12.81 25.07 -18.59
N GLN B 213 -11.80 25.56 -17.87
CA GLN B 213 -11.90 25.82 -16.46
C GLN B 213 -12.06 27.30 -16.08
N ALA B 214 -11.92 28.19 -17.06
CA ALA B 214 -12.00 29.63 -16.83
C ALA B 214 -13.18 30.16 -16.00
N LEU B 215 -14.41 29.89 -16.41
CA LEU B 215 -15.57 30.40 -15.69
C LEU B 215 -15.67 29.84 -14.26
N ALA B 216 -15.30 28.57 -14.09
CA ALA B 216 -15.33 27.94 -12.77
C ALA B 216 -14.26 28.54 -11.85
N ASN B 217 -13.04 28.72 -12.38
CA ASN B 217 -11.98 29.32 -11.56
C ASN B 217 -12.39 30.76 -11.20
N THR B 218 -13.12 31.40 -12.10
CA THR B 218 -13.57 32.77 -11.89
C THR B 218 -14.64 32.81 -10.81
N LEU B 219 -15.53 31.81 -10.82
CA LEU B 219 -16.59 31.74 -9.82
C LEU B 219 -15.93 31.58 -8.46
N MET B 220 -14.88 30.76 -8.39
CA MET B 220 -14.19 30.55 -7.13
C MET B 220 -13.59 31.85 -6.63
N ALA B 221 -12.99 32.62 -7.52
CA ALA B 221 -12.39 33.90 -7.11
C ALA B 221 -13.47 34.84 -6.61
N LEU B 222 -14.61 34.89 -7.28
CA LEU B 222 -15.69 35.76 -6.84
C LEU B 222 -16.13 35.31 -5.44
N GLN B 223 -16.26 34.00 -5.24
CA GLN B 223 -16.68 33.48 -3.94
C GLN B 223 -15.69 33.87 -2.85
N MET B 224 -14.45 34.12 -3.27
CA MET B 224 -13.39 34.52 -2.35
C MET B 224 -13.38 36.04 -2.15
N GLY B 225 -14.24 36.75 -2.87
CA GLY B 225 -14.28 38.19 -2.71
C GLY B 225 -13.59 39.04 -3.76
N VAL B 226 -12.95 38.41 -4.74
CA VAL B 226 -12.29 39.15 -5.81
C VAL B 226 -13.42 39.82 -6.58
N SER B 227 -13.23 41.09 -6.95
CA SER B 227 -14.28 41.84 -7.65
C SER B 227 -13.93 42.43 -9.02
N VAL B 228 -12.83 41.99 -9.60
CA VAL B 228 -12.48 42.44 -10.93
C VAL B 228 -11.89 41.23 -11.64
N VAL B 229 -12.42 40.94 -12.82
CA VAL B 229 -11.90 39.81 -13.57
C VAL B 229 -11.71 40.24 -15.01
N ASP B 230 -10.66 39.71 -15.63
CA ASP B 230 -10.33 40.02 -17.02
C ASP B 230 -10.94 38.97 -17.95
N SER B 231 -11.32 39.42 -19.14
CA SER B 231 -11.90 38.55 -20.14
C SER B 231 -11.76 39.22 -21.50
N SER B 232 -11.82 38.43 -22.56
CA SER B 232 -11.69 38.92 -23.92
C SER B 232 -13.02 38.76 -24.65
N VAL B 233 -13.35 39.76 -25.48
CA VAL B 233 -14.59 39.79 -26.24
C VAL B 233 -15.15 38.42 -26.58
N ALA B 234 -14.91 37.96 -27.79
CA ALA B 234 -15.45 36.66 -28.22
C ALA B 234 -14.48 35.51 -27.93
N GLY B 235 -13.88 35.54 -26.74
CA GLY B 235 -12.93 34.50 -26.40
C GLY B 235 -11.68 34.63 -27.26
N LEU B 236 -11.40 35.85 -27.74
CA LEU B 236 -10.23 36.10 -28.58
C LEU B 236 -8.90 35.78 -27.91
N GLY B 237 -7.94 35.39 -28.74
CA GLY B 237 -6.62 35.07 -28.22
C GLY B 237 -6.33 33.60 -28.26
N GLY B 238 -5.30 33.21 -27.52
CA GLY B 238 -4.90 31.81 -27.48
C GLY B 238 -3.57 31.75 -26.77
N CYS B 239 -3.23 30.59 -26.25
CA CYS B 239 -1.96 30.44 -25.55
C CYS B 239 -0.90 29.90 -26.49
N PRO B 240 0.22 30.62 -26.62
CA PRO B 240 1.31 30.19 -27.48
C PRO B 240 1.96 28.93 -26.93
N TYR B 241 1.64 28.60 -25.67
CA TYR B 241 2.21 27.44 -25.01
C TYR B 241 1.31 26.20 -25.04
N ALA B 242 0.50 26.05 -26.09
CA ALA B 242 -0.37 24.88 -26.20
C ALA B 242 -0.95 24.70 -27.59
N GLN B 243 -1.64 23.56 -27.79
CA GLN B 243 -2.25 23.22 -29.07
C GLN B 243 -3.16 24.33 -29.61
N GLY B 244 -3.94 23.99 -30.64
CA GLY B 244 -4.87 24.94 -31.21
C GLY B 244 -6.17 24.95 -30.45
N ALA B 245 -6.12 25.44 -29.22
CA ALA B 245 -7.30 25.49 -28.36
C ALA B 245 -7.59 26.92 -27.89
N SER B 246 -8.81 27.13 -27.41
CA SER B 246 -9.25 28.45 -26.93
C SER B 246 -8.26 29.13 -25.99
N GLY B 247 -8.47 30.42 -25.78
CA GLY B 247 -7.61 31.21 -24.90
C GLY B 247 -8.33 31.89 -23.76
N ASN B 248 -8.53 33.20 -23.87
CA ASN B 248 -9.19 33.96 -22.81
C ASN B 248 -10.66 33.62 -22.57
N LEU B 249 -11.11 33.83 -21.34
CA LEU B 249 -12.49 33.62 -20.95
C LEU B 249 -13.23 34.62 -21.84
N ALA B 250 -14.37 34.20 -22.39
CA ALA B 250 -15.16 35.07 -23.25
C ALA B 250 -16.02 36.00 -22.41
N THR B 251 -15.88 37.31 -22.65
CA THR B 251 -16.60 38.34 -21.92
C THR B 251 -18.12 38.15 -21.92
N GLU B 252 -18.70 37.76 -23.05
CA GLU B 252 -20.16 37.60 -23.09
C GLU B 252 -20.64 36.48 -22.18
N ASP B 253 -19.84 35.43 -22.03
CA ASP B 253 -20.22 34.29 -21.19
C ASP B 253 -20.11 34.66 -19.73
N LEU B 254 -19.17 35.55 -19.43
CA LEU B 254 -18.97 36.00 -18.07
C LEU B 254 -20.07 36.98 -17.64
N VAL B 255 -20.50 37.90 -18.51
CA VAL B 255 -21.54 38.83 -18.06
C VAL B 255 -22.85 38.07 -17.93
N TYR B 256 -23.06 37.07 -18.78
CA TYR B 256 -24.28 36.29 -18.70
C TYR B 256 -24.31 35.63 -17.32
N MET B 257 -23.17 35.12 -16.86
CA MET B 257 -23.12 34.49 -15.53
C MET B 257 -23.37 35.53 -14.44
N LEU B 258 -22.70 36.67 -14.54
CA LEU B 258 -22.87 37.73 -13.55
C LEU B 258 -24.30 38.24 -13.54
N GLU B 259 -24.85 38.53 -14.71
CA GLU B 259 -26.22 39.01 -14.78
C GLU B 259 -27.12 37.95 -14.13
N GLY B 260 -26.82 36.68 -14.38
CA GLY B 260 -27.60 35.61 -13.79
C GLY B 260 -27.53 35.67 -12.27
N LEU B 261 -26.34 35.94 -11.74
CA LEU B 261 -26.13 36.07 -10.30
C LEU B 261 -26.65 37.39 -9.75
N GLY B 262 -27.22 38.23 -10.61
CA GLY B 262 -27.70 39.52 -10.16
C GLY B 262 -26.57 40.48 -9.78
N ILE B 263 -25.37 40.22 -10.30
CA ILE B 263 -24.22 41.08 -10.00
C ILE B 263 -24.11 42.20 -11.04
N HIS B 264 -23.99 43.44 -10.57
CA HIS B 264 -23.90 44.59 -11.46
C HIS B 264 -22.59 44.63 -12.24
N THR B 265 -22.68 44.81 -13.55
CA THR B 265 -21.47 44.90 -14.39
C THR B 265 -21.54 46.19 -15.22
N GLY B 266 -22.77 46.63 -15.49
CA GLY B 266 -22.99 47.84 -16.27
C GLY B 266 -22.75 47.63 -17.75
N VAL B 267 -22.64 46.37 -18.14
CA VAL B 267 -22.39 46.03 -19.53
C VAL B 267 -23.67 45.68 -20.28
N ASN B 268 -23.79 46.17 -21.51
CA ASN B 268 -24.95 45.88 -22.34
C ASN B 268 -24.56 44.66 -23.17
N LEU B 269 -25.13 43.51 -22.84
CA LEU B 269 -24.80 42.25 -23.52
C LEU B 269 -24.99 42.27 -25.03
N GLN B 270 -26.12 42.82 -25.48
CA GLN B 270 -26.41 42.88 -26.91
C GLN B 270 -25.37 43.71 -27.67
N LYS B 271 -24.94 44.83 -27.10
CA LYS B 271 -23.94 45.63 -27.79
C LYS B 271 -22.59 44.94 -27.70
N LEU B 272 -22.39 44.12 -26.67
CA LEU B 272 -21.14 43.38 -26.50
C LEU B 272 -21.04 42.34 -27.60
N LEU B 273 -22.17 41.69 -27.89
CA LEU B 273 -22.24 40.67 -28.93
C LEU B 273 -22.01 41.28 -30.29
N GLU B 274 -22.52 42.51 -30.49
CA GLU B 274 -22.32 43.21 -31.75
C GLU B 274 -20.82 43.38 -31.94
N ALA B 275 -20.15 43.81 -30.87
CA ALA B 275 -18.71 44.03 -30.92
C ALA B 275 -17.98 42.72 -31.22
N GLY B 276 -18.39 41.64 -30.54
CA GLY B 276 -17.78 40.36 -30.78
C GLY B 276 -17.94 39.93 -32.22
N ASN B 277 -19.14 40.05 -32.75
CA ASN B 277 -19.41 39.67 -34.12
C ASN B 277 -18.58 40.52 -35.07
N PHE B 278 -18.49 41.81 -34.80
CA PHE B 278 -17.71 42.70 -35.63
C PHE B 278 -16.27 42.23 -35.79
N ILE B 279 -15.60 41.95 -34.67
CA ILE B 279 -14.20 41.54 -34.74
C ILE B 279 -13.96 40.15 -35.31
N CYS B 280 -14.86 39.21 -35.01
CA CYS B 280 -14.68 37.87 -35.56
C CYS B 280 -14.76 37.92 -37.07
N GLN B 281 -15.61 38.78 -37.59
CA GLN B 281 -15.74 38.92 -39.03
C GLN B 281 -14.45 39.50 -39.61
N ALA B 282 -13.93 40.54 -38.98
CA ALA B 282 -12.69 41.15 -39.45
C ALA B 282 -11.54 40.14 -39.38
N LEU B 283 -11.60 39.25 -38.40
CA LEU B 283 -10.58 38.25 -38.18
C LEU B 283 -10.87 37.00 -39.00
N ASN B 284 -12.06 36.96 -39.59
CA ASN B 284 -12.48 35.80 -40.37
C ASN B 284 -12.47 34.52 -39.54
N ARG B 285 -12.95 34.61 -38.30
CA ARG B 285 -13.00 33.46 -37.41
C ARG B 285 -14.37 33.29 -36.81
N LYS B 286 -14.56 32.20 -36.06
CA LYS B 286 -15.83 31.94 -35.40
C LYS B 286 -15.70 32.33 -33.94
N THR B 287 -16.72 32.95 -33.38
CA THR B 287 -16.64 33.36 -32.00
C THR B 287 -16.49 32.14 -31.08
N SER B 288 -15.86 32.35 -29.93
CA SER B 288 -15.65 31.28 -28.95
C SER B 288 -16.60 31.48 -27.79
N SER B 289 -17.53 32.41 -27.96
CA SER B 289 -18.52 32.71 -26.94
C SER B 289 -19.73 31.78 -27.13
N LYS B 290 -20.04 31.01 -26.10
CA LYS B 290 -21.18 30.10 -26.17
C LYS B 290 -22.47 30.92 -26.26
N VAL B 291 -22.54 31.96 -25.44
CA VAL B 291 -23.69 32.86 -25.42
C VAL B 291 -23.94 33.43 -26.79
N ALA B 292 -22.87 33.78 -27.49
CA ALA B 292 -22.98 34.32 -28.84
C ALA B 292 -23.63 33.27 -29.74
N GLN B 293 -23.15 32.04 -29.67
CA GLN B 293 -23.70 30.96 -30.48
C GLN B 293 -25.14 30.61 -30.17
N ALA B 294 -25.56 30.86 -28.94
CA ALA B 294 -26.94 30.56 -28.54
C ALA B 294 -27.90 31.72 -28.86
N THR B 295 -27.38 32.94 -28.84
CA THR B 295 -28.19 34.12 -29.13
C THR B 295 -28.47 34.23 -30.62
N CYS B 296 -27.53 33.76 -31.44
CA CYS B 296 -27.68 33.79 -32.89
C CYS B 296 -26.37 33.48 -33.61
N LEU C 2 34.65 1.77 34.81
CA LEU C 2 35.45 1.31 33.62
C LEU C 2 36.69 0.53 34.04
N PRO C 3 36.90 -0.65 33.44
CA PRO C 3 38.08 -1.44 33.79
C PRO C 3 39.35 -0.76 33.33
N LYS C 4 40.46 -1.05 34.01
CA LYS C 4 41.74 -0.45 33.65
C LYS C 4 42.28 -1.07 32.36
N ARG C 5 41.91 -2.32 32.11
CA ARG C 5 42.32 -2.98 30.87
C ARG C 5 41.29 -3.92 30.28
N VAL C 6 41.26 -3.96 28.96
CA VAL C 6 40.32 -4.77 28.22
C VAL C 6 40.99 -5.78 27.30
N LYS C 7 40.59 -7.04 27.41
CA LYS C 7 41.14 -8.08 26.56
C LYS C 7 40.28 -8.18 25.31
N ILE C 8 40.83 -7.76 24.17
CA ILE C 8 40.12 -7.83 22.90
C ILE C 8 40.30 -9.19 22.24
N VAL C 9 39.19 -9.80 21.87
CA VAL C 9 39.19 -11.10 21.22
C VAL C 9 38.88 -10.84 19.76
N GLU C 10 39.84 -11.17 18.89
CA GLU C 10 39.72 -10.96 17.45
C GLU C 10 39.05 -12.16 16.81
N VAL C 11 37.92 -11.93 16.17
CA VAL C 11 37.17 -13.01 15.56
C VAL C 11 37.12 -12.87 14.03
N GLY C 12 37.90 -11.93 13.52
CA GLY C 12 37.93 -11.72 12.08
C GLY C 12 38.18 -12.99 11.29
N PRO C 13 39.26 -13.73 11.57
CA PRO C 13 39.54 -14.96 10.82
C PRO C 13 38.52 -16.10 10.91
N ARG C 14 37.76 -16.19 11.98
CA ARG C 14 36.78 -17.28 12.06
C ARG C 14 35.38 -16.72 11.86
N ASP C 15 34.92 -15.89 12.79
CA ASP C 15 33.59 -15.30 12.70
C ASP C 15 33.46 -14.39 11.46
N GLY C 16 34.45 -13.53 11.25
CA GLY C 16 34.41 -12.64 10.11
C GLY C 16 34.40 -13.31 8.73
N LEU C 17 35.44 -14.09 8.44
CA LEU C 17 35.54 -14.76 7.15
C LEU C 17 34.39 -15.73 6.86
N GLN C 18 33.98 -16.49 7.86
CA GLN C 18 32.90 -17.44 7.67
C GLN C 18 31.63 -16.78 7.13
N ASN C 19 31.41 -15.53 7.50
CA ASN C 19 30.22 -14.81 7.06
C ASN C 19 30.48 -13.80 5.96
N GLU C 20 31.65 -13.88 5.33
CA GLU C 20 31.98 -12.96 4.26
C GLU C 20 31.55 -13.61 2.94
N LYS C 21 31.21 -12.79 1.96
CA LYS C 21 30.76 -13.27 0.65
C LYS C 21 31.81 -14.09 -0.07
N ASN C 22 33.03 -13.56 -0.10
CA ASN C 22 34.14 -14.22 -0.79
C ASN C 22 34.99 -15.08 0.15
N ILE C 23 35.52 -16.17 -0.39
CA ILE C 23 36.39 -17.05 0.40
C ILE C 23 37.84 -16.76 0.00
N VAL C 24 38.78 -17.02 0.90
CA VAL C 24 40.19 -16.78 0.61
C VAL C 24 41.06 -18.03 0.75
N SER C 25 42.31 -17.93 0.28
CA SER C 25 43.24 -19.04 0.33
C SER C 25 43.78 -19.31 1.73
N THR C 26 44.11 -20.57 1.98
CA THR C 26 44.66 -21.01 3.25
C THR C 26 45.87 -20.17 3.62
N PRO C 27 46.80 -19.97 2.68
CA PRO C 27 47.97 -19.16 3.05
C PRO C 27 47.55 -17.73 3.37
N VAL C 28 46.41 -17.29 2.84
CA VAL C 28 45.93 -15.95 3.13
C VAL C 28 45.47 -15.84 4.60
N LYS C 29 44.67 -16.82 5.04
CA LYS C 29 44.19 -16.84 6.41
C LYS C 29 45.38 -16.83 7.38
N ILE C 30 46.31 -17.76 7.15
CA ILE C 30 47.51 -17.89 7.97
C ILE C 30 48.26 -16.57 8.11
N LYS C 31 48.42 -15.85 7.01
CA LYS C 31 49.14 -14.57 7.06
C LYS C 31 48.37 -13.57 7.90
N LEU C 32 47.05 -13.48 7.66
CA LEU C 32 46.20 -12.55 8.40
C LEU C 32 46.38 -12.79 9.91
N ILE C 33 46.23 -14.04 10.33
CA ILE C 33 46.39 -14.36 11.73
C ILE C 33 47.78 -13.98 12.24
N ASP C 34 48.83 -14.27 11.48
CA ASP C 34 50.18 -13.90 11.90
C ASP C 34 50.26 -12.37 12.02
N MET C 35 49.60 -11.68 11.10
CA MET C 35 49.58 -10.22 11.10
C MET C 35 48.84 -9.63 12.29
N LEU C 36 47.77 -10.30 12.73
CA LEU C 36 47.01 -9.82 13.87
C LEU C 36 47.86 -10.05 15.12
N SER C 37 48.54 -11.20 15.16
CA SER C 37 49.40 -11.54 16.27
C SER C 37 50.51 -10.50 16.46
N GLU C 38 50.99 -9.95 15.34
CA GLU C 38 52.04 -8.94 15.39
C GLU C 38 51.48 -7.61 15.84
N ALA C 39 50.18 -7.42 15.62
CA ALA C 39 49.52 -6.19 16.02
C ALA C 39 49.33 -6.13 17.53
N GLY C 40 49.45 -7.27 18.20
CA GLY C 40 49.28 -7.31 19.64
C GLY C 40 48.04 -7.98 20.20
N LEU C 41 47.09 -8.38 19.35
CA LEU C 41 45.88 -9.05 19.85
C LEU C 41 46.28 -10.28 20.65
N SER C 42 45.74 -10.42 21.85
CA SER C 42 46.08 -11.55 22.70
C SER C 42 45.23 -12.78 22.44
N VAL C 43 44.09 -12.60 21.79
CA VAL C 43 43.22 -13.73 21.48
C VAL C 43 42.73 -13.60 20.05
N ILE C 44 42.94 -14.66 19.27
CA ILE C 44 42.53 -14.64 17.87
C ILE C 44 41.77 -15.91 17.51
N GLU C 45 40.46 -15.77 17.30
CA GLU C 45 39.65 -16.93 16.94
C GLU C 45 40.17 -17.36 15.58
N THR C 46 40.87 -18.48 15.55
CA THR C 46 41.50 -18.97 14.33
C THR C 46 40.66 -19.65 13.29
N THR C 47 39.96 -20.72 13.66
CA THR C 47 39.15 -21.41 12.69
C THR C 47 38.10 -22.26 13.38
N SER C 48 37.34 -23.00 12.58
CA SER C 48 36.30 -23.87 13.09
C SER C 48 36.44 -25.30 12.56
N PHE C 49 36.51 -26.28 13.46
CA PHE C 49 36.65 -27.68 13.06
C PHE C 49 35.28 -28.30 12.83
N VAL C 50 34.60 -27.75 11.83
CA VAL C 50 33.27 -28.18 11.45
C VAL C 50 33.34 -28.85 10.08
N SER C 51 32.36 -29.68 9.77
CA SER C 51 32.31 -30.38 8.49
C SER C 51 32.42 -29.41 7.32
N PRO C 52 33.30 -29.71 6.35
CA PRO C 52 33.51 -28.85 5.17
C PRO C 52 32.27 -28.81 4.28
N LYS C 53 31.40 -29.80 4.46
CA LYS C 53 30.17 -29.91 3.68
C LYS C 53 29.16 -28.85 4.11
N TRP C 54 29.18 -28.50 5.41
CA TRP C 54 28.24 -27.51 5.95
C TRP C 54 28.75 -26.08 5.87
N VAL C 55 30.04 -25.90 6.09
CA VAL C 55 30.64 -24.58 6.01
C VAL C 55 32.03 -24.76 5.40
N PRO C 56 32.10 -24.78 4.07
CA PRO C 56 33.34 -24.94 3.31
C PRO C 56 34.32 -23.79 3.46
N GLN C 57 33.82 -22.65 3.95
CA GLN C 57 34.66 -21.47 4.16
C GLN C 57 35.72 -21.75 5.24
N MET C 58 35.46 -22.77 6.04
CA MET C 58 36.36 -23.13 7.14
C MET C 58 37.02 -24.50 6.90
N GLY C 59 36.76 -25.11 5.75
CA GLY C 59 37.29 -26.42 5.42
C GLY C 59 38.77 -26.69 5.65
N ASP C 60 39.60 -25.65 5.58
CA ASP C 60 41.04 -25.79 5.78
C ASP C 60 41.46 -25.63 7.24
N HIS C 61 40.54 -25.86 8.16
CA HIS C 61 40.85 -25.70 9.58
C HIS C 61 42.10 -26.40 10.09
N THR C 62 42.33 -27.63 9.67
CA THR C 62 43.51 -28.34 10.14
C THR C 62 44.80 -27.66 9.70
N GLU C 63 44.92 -27.39 8.41
CA GLU C 63 46.11 -26.73 7.88
C GLU C 63 46.32 -25.30 8.39
N VAL C 64 45.23 -24.64 8.80
CA VAL C 64 45.34 -23.28 9.32
C VAL C 64 45.86 -23.28 10.75
N LEU C 65 45.28 -24.12 11.61
CA LEU C 65 45.72 -24.16 13.00
C LEU C 65 47.20 -24.52 13.05
N LYS C 66 47.60 -25.56 12.32
CA LYS C 66 49.00 -25.99 12.30
C LYS C 66 49.94 -24.95 11.65
N GLY C 67 49.47 -24.31 10.59
CA GLY C 67 50.29 -23.35 9.86
C GLY C 67 50.61 -21.99 10.46
N ILE C 68 49.76 -21.48 11.33
CA ILE C 68 49.98 -20.17 11.94
C ILE C 68 51.09 -20.21 13.00
N GLN C 69 51.83 -19.12 13.13
CA GLN C 69 52.88 -19.05 14.14
C GLN C 69 52.19 -18.99 15.51
N LYS C 70 52.78 -19.62 16.52
CA LYS C 70 52.20 -19.57 17.85
C LYS C 70 53.02 -18.58 18.67
N PHE C 71 52.61 -17.32 18.64
CA PHE C 71 53.32 -16.27 19.38
C PHE C 71 53.13 -16.44 20.88
N PRO C 72 54.17 -16.07 21.66
CA PRO C 72 54.12 -16.18 23.13
C PRO C 72 53.03 -15.33 23.73
N GLY C 73 52.33 -15.87 24.72
CA GLY C 73 51.27 -15.14 25.38
C GLY C 73 50.03 -14.87 24.55
N ILE C 74 49.94 -15.49 23.38
CA ILE C 74 48.79 -15.29 22.52
C ILE C 74 47.98 -16.59 22.37
N ASN C 75 46.67 -16.47 22.47
CA ASN C 75 45.78 -17.63 22.36
C ASN C 75 45.09 -17.71 21.02
N TYR C 76 44.92 -18.93 20.53
CA TYR C 76 44.28 -19.15 19.25
C TYR C 76 43.16 -20.16 19.38
N PRO C 77 42.01 -19.74 19.95
CA PRO C 77 40.87 -20.64 20.13
C PRO C 77 40.23 -21.01 18.79
N VAL C 78 39.67 -22.22 18.74
CA VAL C 78 39.03 -22.72 17.53
C VAL C 78 37.69 -23.33 17.92
N LEU C 79 36.71 -23.24 17.03
CA LEU C 79 35.39 -23.80 17.29
C LEU C 79 35.34 -25.30 17.11
N THR C 80 34.65 -25.98 18.02
CA THR C 80 34.49 -27.43 17.96
C THR C 80 33.04 -27.75 18.28
N PRO C 81 32.17 -27.77 17.25
CA PRO C 81 30.74 -28.07 17.46
C PRO C 81 30.39 -29.47 17.94
N ASN C 82 31.30 -30.44 17.79
CA ASN C 82 31.06 -31.79 18.25
C ASN C 82 32.35 -32.54 18.57
N LEU C 83 32.25 -33.62 19.34
CA LEU C 83 33.41 -34.41 19.75
C LEU C 83 34.40 -34.78 18.65
N LYS C 84 33.91 -35.03 17.44
CA LYS C 84 34.80 -35.37 16.34
C LYS C 84 35.61 -34.16 15.90
N GLY C 85 34.98 -32.98 15.95
CA GLY C 85 35.68 -31.77 15.59
C GLY C 85 36.69 -31.43 16.68
N PHE C 86 36.30 -31.69 17.92
CA PHE C 86 37.16 -31.44 19.06
C PHE C 86 38.43 -32.28 18.92
N GLU C 87 38.25 -33.53 18.51
CA GLU C 87 39.36 -34.46 18.33
C GLU C 87 40.37 -33.93 17.33
N ALA C 88 39.86 -33.46 16.20
CA ALA C 88 40.72 -32.91 15.15
C ALA C 88 41.48 -31.68 15.63
N ALA C 89 40.80 -30.83 16.39
CA ALA C 89 41.42 -29.62 16.91
C ALA C 89 42.64 -30.02 17.75
N VAL C 90 42.42 -30.94 18.68
CA VAL C 90 43.48 -31.45 19.54
C VAL C 90 44.64 -31.96 18.69
N ALA C 91 44.33 -32.85 17.74
CA ALA C 91 45.34 -33.42 16.86
C ALA C 91 46.06 -32.32 16.08
N ALA C 92 45.42 -31.17 15.92
CA ALA C 92 46.03 -30.06 15.21
C ALA C 92 46.76 -29.16 16.20
N GLY C 93 46.76 -29.58 17.46
CA GLY C 93 47.43 -28.83 18.51
C GLY C 93 46.67 -27.72 19.22
N ALA C 94 45.34 -27.82 19.31
CA ALA C 94 44.56 -26.77 19.98
C ALA C 94 44.76 -26.81 21.50
N LYS C 95 44.71 -25.65 22.13
CA LYS C 95 44.85 -25.55 23.57
C LYS C 95 43.57 -24.94 24.16
N GLU C 96 42.75 -24.38 23.28
CA GLU C 96 41.49 -23.75 23.66
C GLU C 96 40.45 -23.98 22.59
N VAL C 97 39.28 -24.47 22.99
CA VAL C 97 38.20 -24.72 22.03
C VAL C 97 37.01 -23.84 22.38
N VAL C 98 36.14 -23.60 21.41
CA VAL C 98 34.96 -22.79 21.62
C VAL C 98 33.69 -23.56 21.29
N ILE C 99 32.72 -23.52 22.20
CA ILE C 99 31.45 -24.20 21.97
C ILE C 99 30.37 -23.11 21.94
N PHE C 100 29.23 -23.39 21.32
CA PHE C 100 28.19 -22.37 21.26
C PHE C 100 26.75 -22.82 21.51
N GLY C 101 25.98 -21.92 22.10
CA GLY C 101 24.59 -22.18 22.39
C GLY C 101 23.81 -20.93 22.09
N ALA C 102 22.55 -20.90 22.50
CA ALA C 102 21.74 -19.73 22.26
C ALA C 102 20.77 -19.58 23.43
N ALA C 103 20.31 -18.36 23.66
CA ALA C 103 19.38 -18.13 24.75
C ALA C 103 17.97 -18.23 24.19
N SER C 104 17.87 -18.62 22.92
CA SER C 104 16.58 -18.75 22.24
C SER C 104 16.29 -20.20 21.88
N GLU C 105 15.09 -20.66 22.23
CA GLU C 105 14.65 -22.01 21.91
C GLU C 105 14.39 -22.18 20.42
N LEU C 106 13.73 -21.20 19.81
CA LEU C 106 13.40 -21.25 18.39
C LEU C 106 14.64 -21.21 17.51
N PHE C 107 15.64 -20.43 17.94
CA PHE C 107 16.89 -20.29 17.20
C PHE C 107 17.65 -21.61 17.31
N THR C 108 17.63 -22.22 18.49
CA THR C 108 18.32 -23.49 18.71
C THR C 108 17.66 -24.59 17.90
N LYS C 109 16.33 -24.65 17.93
CA LYS C 109 15.60 -25.68 17.20
C LYS C 109 15.73 -25.45 15.70
N LYS C 110 15.82 -24.18 15.33
CA LYS C 110 15.95 -23.76 13.95
C LYS C 110 17.26 -24.24 13.34
N ASN C 111 18.27 -24.45 14.18
CA ASN C 111 19.58 -24.87 13.69
C ASN C 111 20.06 -26.30 14.04
N ILE C 112 19.56 -26.89 15.11
CA ILE C 112 20.00 -28.25 15.45
C ILE C 112 18.91 -29.20 15.92
N ASN C 113 17.65 -28.82 15.68
CA ASN C 113 16.51 -29.66 16.05
C ASN C 113 16.45 -30.20 17.47
N CYS C 114 16.61 -29.31 18.46
CA CYS C 114 16.52 -29.71 19.86
C CYS C 114 16.45 -28.49 20.74
N SER C 115 15.89 -28.65 21.93
CA SER C 115 15.74 -27.55 22.87
C SER C 115 17.11 -27.06 23.33
N ILE C 116 17.12 -26.06 24.20
CA ILE C 116 18.35 -25.53 24.73
C ILE C 116 18.98 -26.55 25.68
N GLU C 117 18.15 -27.16 26.52
CA GLU C 117 18.62 -28.15 27.50
C GLU C 117 19.30 -29.33 26.82
N GLU C 118 18.79 -29.72 25.65
CA GLU C 118 19.38 -30.84 24.92
C GLU C 118 20.71 -30.44 24.31
N SER C 119 20.77 -29.24 23.73
CA SER C 119 21.99 -28.78 23.10
C SER C 119 23.21 -28.84 24.03
N PHE C 120 22.96 -28.95 25.32
CA PHE C 120 24.05 -29.02 26.29
C PHE C 120 24.59 -30.44 26.49
N GLN C 121 23.83 -31.44 26.04
CA GLN C 121 24.25 -32.83 26.15
C GLN C 121 25.43 -33.05 25.21
N ARG C 122 25.30 -32.48 24.02
CA ARG C 122 26.32 -32.58 22.98
C ARG C 122 27.61 -31.93 23.45
N PHE C 123 27.54 -31.19 24.54
CA PHE C 123 28.70 -30.50 25.09
C PHE C 123 29.43 -31.29 26.16
N ASP C 124 28.68 -31.92 27.06
CA ASP C 124 29.28 -32.71 28.13
C ASP C 124 30.45 -33.54 27.59
N ALA C 125 30.21 -34.20 26.47
CA ALA C 125 31.23 -35.03 25.84
C ALA C 125 32.50 -34.19 25.67
N ILE C 126 32.37 -33.09 24.94
CA ILE C 126 33.50 -32.21 24.69
C ILE C 126 34.16 -31.76 25.99
N LEU C 127 33.42 -31.02 26.80
CA LEU C 127 33.96 -30.52 28.06
C LEU C 127 34.63 -31.62 28.91
N LYS C 128 34.11 -32.85 28.82
CA LYS C 128 34.70 -33.95 29.57
C LYS C 128 36.05 -34.31 28.96
N ALA C 129 36.13 -34.22 27.63
CA ALA C 129 37.36 -34.53 26.91
C ALA C 129 38.34 -33.37 27.08
N ALA C 130 37.79 -32.17 27.21
CA ALA C 130 38.58 -30.96 27.38
C ALA C 130 39.33 -30.97 28.70
N GLN C 131 38.65 -31.37 29.76
CA GLN C 131 39.26 -31.42 31.09
C GLN C 131 40.41 -32.43 31.18
N SER C 132 40.40 -33.44 30.31
CA SER C 132 41.46 -34.45 30.31
C SER C 132 42.74 -33.97 29.63
N ALA C 133 42.60 -33.46 28.41
CA ALA C 133 43.76 -32.98 27.67
C ALA C 133 44.15 -31.58 28.10
N ASN C 134 43.69 -31.16 29.28
CA ASN C 134 44.00 -29.83 29.78
C ASN C 134 43.76 -28.80 28.67
N ILE C 135 42.52 -28.76 28.18
CA ILE C 135 42.12 -27.84 27.14
C ILE C 135 41.03 -26.92 27.67
N SER C 136 41.26 -25.61 27.58
CA SER C 136 40.28 -24.65 28.07
C SER C 136 39.13 -24.52 27.06
N VAL C 137 37.93 -24.27 27.58
CA VAL C 137 36.76 -24.13 26.73
C VAL C 137 36.09 -22.77 26.90
N ARG C 138 35.76 -22.13 25.78
CA ARG C 138 35.10 -20.85 25.80
C ARG C 138 33.68 -21.06 25.28
N GLY C 139 32.71 -20.34 25.86
CA GLY C 139 31.33 -20.50 25.43
C GLY C 139 30.72 -19.27 24.78
N TYR C 140 29.82 -19.52 23.83
CA TYR C 140 29.12 -18.47 23.10
C TYR C 140 27.63 -18.65 23.38
N VAL C 141 26.94 -17.55 23.62
CA VAL C 141 25.49 -17.56 23.84
C VAL C 141 24.97 -16.52 22.86
N SER C 142 24.37 -16.95 21.77
CA SER C 142 23.83 -16.00 20.82
C SER C 142 22.39 -15.60 21.18
N CYS C 143 21.89 -14.53 20.56
CA CYS C 143 20.54 -14.04 20.82
C CYS C 143 20.43 -13.48 22.23
N ALA C 144 21.52 -12.93 22.75
CA ALA C 144 21.50 -12.40 24.11
C ALA C 144 20.71 -11.10 24.22
N LEU C 145 20.60 -10.37 23.13
CA LEU C 145 19.86 -9.11 23.16
C LEU C 145 18.69 -9.14 22.20
N GLY C 146 18.23 -10.33 21.86
CA GLY C 146 17.11 -10.44 20.93
C GLY C 146 17.33 -11.54 19.89
N CYS C 147 16.25 -12.21 19.54
CA CYS C 147 16.28 -13.30 18.57
C CYS C 147 15.53 -12.97 17.29
N PRO C 148 16.08 -13.36 16.13
CA PRO C 148 15.39 -13.07 14.87
C PRO C 148 14.08 -13.85 14.75
N TYR C 149 13.86 -14.80 15.66
CA TYR C 149 12.63 -15.60 15.64
C TYR C 149 11.71 -15.34 16.81
N GLU C 150 12.27 -15.31 18.02
CA GLU C 150 11.44 -15.08 19.19
C GLU C 150 11.27 -13.61 19.48
N GLY C 151 12.17 -12.78 18.96
CA GLY C 151 12.09 -11.37 19.22
C GLY C 151 12.83 -11.08 20.52
N LYS C 152 12.17 -10.44 21.47
CA LYS C 152 12.81 -10.13 22.73
C LYS C 152 13.19 -11.39 23.50
N ILE C 153 14.31 -11.31 24.21
CA ILE C 153 14.81 -12.43 24.98
C ILE C 153 14.94 -12.01 26.42
N SER C 154 14.36 -12.81 27.31
CA SER C 154 14.39 -12.53 28.72
C SER C 154 15.80 -12.60 29.33
N PRO C 155 16.18 -11.59 30.13
CA PRO C 155 17.49 -11.54 30.77
C PRO C 155 17.71 -12.81 31.63
N ALA C 156 16.66 -13.23 32.32
CA ALA C 156 16.74 -14.41 33.17
C ALA C 156 17.10 -15.63 32.36
N LYS C 157 16.59 -15.69 31.13
CA LYS C 157 16.88 -16.81 30.26
C LYS C 157 18.36 -16.79 29.84
N VAL C 158 18.88 -15.62 29.51
CA VAL C 158 20.28 -15.52 29.11
C VAL C 158 21.14 -15.91 30.31
N ALA C 159 20.75 -15.47 31.50
CA ALA C 159 21.52 -15.80 32.70
C ALA C 159 21.56 -17.31 32.95
N GLU C 160 20.42 -17.99 32.75
CA GLU C 160 20.33 -19.42 32.97
C GLU C 160 21.29 -20.19 32.06
N VAL C 161 21.27 -19.86 30.77
CA VAL C 161 22.13 -20.53 29.79
C VAL C 161 23.59 -20.21 30.08
N THR C 162 23.87 -18.94 30.36
CA THR C 162 25.23 -18.52 30.66
C THR C 162 25.73 -19.26 31.90
N LYS C 163 24.88 -19.35 32.91
CA LYS C 163 25.25 -20.04 34.15
C LYS C 163 25.57 -21.50 33.91
N LYS C 164 24.82 -22.13 33.01
CA LYS C 164 25.01 -23.54 32.68
C LYS C 164 26.37 -23.76 32.00
N PHE C 165 26.67 -22.94 30.99
CA PHE C 165 27.95 -23.04 30.29
C PHE C 165 29.09 -22.97 31.30
N TYR C 166 28.98 -21.97 32.17
CA TYR C 166 29.98 -21.75 33.19
C TYR C 166 30.09 -22.94 34.14
N SER C 167 28.95 -23.48 34.57
CA SER C 167 28.96 -24.60 35.50
C SER C 167 29.47 -25.87 34.81
N MET C 168 29.39 -25.92 33.48
CA MET C 168 29.86 -27.07 32.74
C MET C 168 31.38 -27.05 32.52
N GLY C 169 32.01 -25.91 32.76
CA GLY C 169 33.45 -25.84 32.57
C GLY C 169 34.05 -24.70 31.74
N CYS C 170 33.22 -23.89 31.10
CA CYS C 170 33.73 -22.78 30.30
C CYS C 170 34.37 -21.75 31.22
N TYR C 171 35.59 -21.33 30.92
CA TYR C 171 36.25 -20.33 31.75
C TYR C 171 35.74 -18.93 31.40
N GLU C 172 35.13 -18.80 30.22
CA GLU C 172 34.65 -17.50 29.77
C GLU C 172 33.45 -17.69 28.86
N ILE C 173 32.48 -16.80 28.96
CA ILE C 173 31.29 -16.89 28.12
C ILE C 173 31.04 -15.59 27.41
N SER C 174 30.86 -15.69 26.10
CA SER C 174 30.66 -14.53 25.26
C SER C 174 29.17 -14.35 24.97
N LEU C 175 28.63 -13.22 25.39
CA LEU C 175 27.23 -12.91 25.17
C LEU C 175 27.16 -12.14 23.85
N GLY C 176 26.50 -12.73 22.86
CA GLY C 176 26.45 -12.09 21.57
C GLY C 176 25.12 -11.55 21.10
N ASP C 177 25.17 -10.32 20.58
CA ASP C 177 23.99 -9.67 20.04
C ASP C 177 24.08 -10.07 18.58
N THR C 178 23.65 -11.30 18.32
CA THR C 178 23.63 -11.96 17.02
C THR C 178 23.15 -11.13 15.83
N ILE C 179 22.07 -10.39 16.02
CA ILE C 179 21.52 -9.60 14.93
C ILE C 179 21.69 -8.11 15.13
N GLY C 180 22.40 -7.73 16.19
CA GLY C 180 22.65 -6.33 16.46
C GLY C 180 21.46 -5.42 16.69
N VAL C 181 20.33 -5.96 17.14
CA VAL C 181 19.15 -5.12 17.39
C VAL C 181 19.14 -4.56 18.81
N GLY C 182 20.08 -5.00 19.64
CA GLY C 182 20.11 -4.51 21.00
C GLY C 182 20.48 -3.04 21.20
N THR C 183 20.01 -2.47 22.30
CA THR C 183 20.30 -1.09 22.65
C THR C 183 20.82 -1.07 24.08
N PRO C 184 21.46 0.03 24.53
CA PRO C 184 22.02 0.17 25.87
C PRO C 184 21.19 -0.33 27.05
N GLY C 185 19.91 0.01 27.06
CA GLY C 185 19.05 -0.43 28.15
C GLY C 185 18.99 -1.94 28.19
N ILE C 186 18.71 -2.54 27.04
CA ILE C 186 18.63 -4.00 26.90
C ILE C 186 19.96 -4.65 27.29
N MET C 187 21.06 -4.05 26.88
CA MET C 187 22.39 -4.56 27.21
C MET C 187 22.56 -4.56 28.73
N LYS C 188 22.18 -3.44 29.35
CA LYS C 188 22.26 -3.27 30.78
C LYS C 188 21.43 -4.31 31.54
N ASP C 189 20.15 -4.46 31.19
CA ASP C 189 19.30 -5.42 31.88
C ASP C 189 19.82 -6.84 31.74
N MET C 190 20.36 -7.16 30.56
CA MET C 190 20.89 -8.51 30.32
C MET C 190 22.06 -8.81 31.23
N LEU C 191 23.04 -7.92 31.25
CA LEU C 191 24.23 -8.08 32.07
C LEU C 191 23.93 -8.15 33.56
N SER C 192 23.00 -7.32 34.01
CA SER C 192 22.68 -7.34 35.42
C SER C 192 22.20 -8.73 35.80
N ALA C 193 21.34 -9.32 34.99
CA ALA C 193 20.84 -10.66 35.29
C ALA C 193 21.96 -11.70 35.19
N VAL C 194 22.80 -11.61 34.17
CA VAL C 194 23.89 -12.57 34.02
C VAL C 194 24.87 -12.45 35.18
N MET C 195 25.21 -11.21 35.52
CA MET C 195 26.15 -10.94 36.60
C MET C 195 25.75 -11.50 37.97
N GLN C 196 24.44 -11.72 38.18
CA GLN C 196 23.99 -12.29 39.45
C GLN C 196 24.52 -13.70 39.58
N GLU C 197 24.56 -14.42 38.47
CA GLU C 197 24.99 -15.81 38.48
C GLU C 197 26.40 -16.18 38.04
N VAL C 198 27.08 -15.29 37.34
CA VAL C 198 28.42 -15.59 36.87
C VAL C 198 29.39 -14.45 37.13
N PRO C 199 30.59 -14.77 37.67
CA PRO C 199 31.57 -13.73 37.96
C PRO C 199 31.87 -12.87 36.73
N LEU C 200 32.03 -11.58 36.95
CA LEU C 200 32.27 -10.60 35.90
C LEU C 200 33.46 -10.89 34.99
N ALA C 201 34.52 -11.43 35.55
CA ALA C 201 35.72 -11.72 34.78
C ALA C 201 35.48 -12.78 33.71
N ALA C 202 34.49 -13.65 33.93
CA ALA C 202 34.21 -14.71 32.95
C ALA C 202 33.24 -14.29 31.87
N LEU C 203 33.00 -12.99 31.73
CA LEU C 203 32.07 -12.50 30.73
C LEU C 203 32.68 -11.67 29.61
N ALA C 204 32.12 -11.82 28.41
CA ALA C 204 32.57 -11.07 27.25
C ALA C 204 31.34 -10.65 26.47
N VAL C 205 31.44 -9.55 25.76
CA VAL C 205 30.34 -9.10 24.93
C VAL C 205 30.80 -9.18 23.49
N HIS C 206 29.86 -9.46 22.59
CA HIS C 206 30.16 -9.59 21.18
C HIS C 206 28.96 -8.99 20.47
N CYS C 207 29.12 -7.74 20.04
CA CYS C 207 28.03 -7.01 19.41
C CYS C 207 28.20 -6.72 17.93
N HIS C 208 27.11 -6.88 17.19
CA HIS C 208 27.10 -6.59 15.76
C HIS C 208 26.59 -5.18 15.58
N ASP C 209 27.14 -4.49 14.61
CA ASP C 209 26.79 -3.10 14.35
C ASP C 209 25.76 -2.96 13.23
N THR C 210 24.98 -4.01 13.01
CA THR C 210 23.95 -4.02 11.97
C THR C 210 23.07 -2.78 12.04
N TYR C 211 22.72 -2.37 13.25
CA TYR C 211 21.87 -1.20 13.44
C TYR C 211 22.64 -0.02 13.99
N GLY C 212 23.97 -0.09 13.92
CA GLY C 212 24.82 0.98 14.40
C GLY C 212 24.91 1.13 15.91
N GLN C 213 24.59 0.07 16.65
CA GLN C 213 24.62 0.13 18.12
C GLN C 213 25.79 -0.61 18.77
N ALA C 214 26.63 -1.28 17.98
CA ALA C 214 27.73 -2.07 18.55
C ALA C 214 28.63 -1.41 19.59
N LEU C 215 29.23 -0.27 19.26
CA LEU C 215 30.14 0.38 20.19
C LEU C 215 29.43 0.95 21.41
N ALA C 216 28.22 1.47 21.21
CA ALA C 216 27.43 2.04 22.29
C ALA C 216 27.05 0.92 23.24
N ASN C 217 26.65 -0.22 22.70
CA ASN C 217 26.32 -1.36 23.53
C ASN C 217 27.56 -1.86 24.27
N THR C 218 28.72 -1.73 23.63
CA THR C 218 29.97 -2.16 24.26
C THR C 218 30.34 -1.22 25.39
N LEU C 219 30.11 0.08 25.19
CA LEU C 219 30.40 1.07 26.22
C LEU C 219 29.57 0.76 27.48
N MET C 220 28.30 0.42 27.27
CA MET C 220 27.41 0.10 28.39
C MET C 220 28.00 -1.11 29.11
N ALA C 221 28.38 -2.12 28.35
CA ALA C 221 28.95 -3.33 28.92
C ALA C 221 30.19 -2.99 29.76
N LEU C 222 31.02 -2.07 29.24
CA LEU C 222 32.23 -1.65 29.95
C LEU C 222 31.87 -0.93 31.25
N GLN C 223 30.83 -0.11 31.21
CA GLN C 223 30.40 0.62 32.40
C GLN C 223 29.87 -0.35 33.46
N MET C 224 29.49 -1.54 33.01
CA MET C 224 28.99 -2.58 33.91
C MET C 224 30.16 -3.41 34.46
N GLY C 225 31.36 -3.17 33.93
CA GLY C 225 32.52 -3.91 34.41
C GLY C 225 33.00 -5.05 33.53
N VAL C 226 32.37 -5.25 32.37
CA VAL C 226 32.81 -6.31 31.47
C VAL C 226 34.18 -5.87 30.93
N SER C 227 35.17 -6.76 30.94
CA SER C 227 36.50 -6.37 30.47
C SER C 227 37.05 -7.13 29.27
N VAL C 228 36.17 -7.82 28.54
CA VAL C 228 36.58 -8.50 27.34
C VAL C 228 35.50 -8.39 26.28
N VAL C 229 35.92 -7.91 25.13
CA VAL C 229 35.00 -7.73 24.02
C VAL C 229 35.55 -8.30 22.72
N ASP C 230 34.64 -8.90 21.95
CA ASP C 230 34.97 -9.50 20.67
C ASP C 230 34.78 -8.47 19.57
N SER C 231 35.60 -8.58 18.53
CA SER C 231 35.52 -7.65 17.42
C SER C 231 36.18 -8.28 16.20
N SER C 232 35.84 -7.74 15.04
CA SER C 232 36.37 -8.27 13.79
C SER C 232 37.29 -7.25 13.11
N VAL C 233 38.39 -7.77 12.57
CA VAL C 233 39.41 -6.98 11.90
C VAL C 233 38.98 -5.69 11.24
N ALA C 234 38.27 -5.78 10.12
CA ALA C 234 37.87 -4.56 9.45
C ALA C 234 36.36 -4.51 9.32
N GLY C 235 35.68 -4.96 10.38
CA GLY C 235 34.23 -4.99 10.36
C GLY C 235 33.83 -6.15 9.49
N LEU C 236 34.74 -7.12 9.35
CA LEU C 236 34.48 -8.30 8.54
C LEU C 236 33.33 -9.12 9.08
N GLY C 237 32.68 -9.85 8.19
CA GLY C 237 31.57 -10.67 8.59
C GLY C 237 30.30 -10.27 7.85
N GLY C 238 29.24 -10.03 8.60
CA GLY C 238 27.99 -9.67 7.99
C GLY C 238 26.93 -10.46 8.71
N CYS C 239 25.66 -10.13 8.47
CA CYS C 239 24.59 -10.84 9.14
C CYS C 239 23.73 -11.67 8.21
N PRO C 240 23.68 -12.99 8.45
CA PRO C 240 22.87 -13.90 7.63
C PRO C 240 21.40 -13.64 7.88
N TYR C 241 21.02 -13.63 9.15
CA TYR C 241 19.63 -13.40 9.55
C TYR C 241 19.21 -11.94 9.47
N ALA C 242 19.97 -11.14 8.74
CA ALA C 242 19.66 -9.72 8.59
C ALA C 242 19.91 -9.32 7.14
N GLN C 243 19.68 -8.04 6.82
CA GLN C 243 19.88 -7.57 5.45
C GLN C 243 21.36 -7.58 5.09
N GLY C 244 21.69 -7.05 3.91
CA GLY C 244 23.08 -7.00 3.49
C GLY C 244 23.85 -5.88 4.16
N ALA C 245 23.49 -5.58 5.40
CA ALA C 245 24.13 -4.51 6.17
C ALA C 245 25.42 -5.02 6.81
N SER C 246 25.94 -4.28 7.78
CA SER C 246 27.17 -4.67 8.43
C SER C 246 26.98 -5.80 9.44
N GLY C 247 28.10 -6.30 9.95
CA GLY C 247 28.07 -7.36 10.92
C GLY C 247 28.82 -7.00 12.19
N ASN C 248 29.96 -7.66 12.41
CA ASN C 248 30.77 -7.44 13.61
C ASN C 248 31.31 -6.04 13.82
N LEU C 249 31.51 -5.71 15.09
CA LEU C 249 32.09 -4.44 15.50
C LEU C 249 33.52 -4.46 14.98
N ALA C 250 33.96 -3.37 14.35
CA ALA C 250 35.32 -3.29 13.83
C ALA C 250 36.31 -3.07 14.96
N THR C 251 37.31 -3.94 15.03
CA THR C 251 38.34 -3.84 16.07
C THR C 251 39.07 -2.49 16.11
N GLU C 252 39.21 -1.84 14.96
CA GLU C 252 39.90 -0.55 14.92
C GLU C 252 39.12 0.54 15.64
N ASP C 253 37.82 0.56 15.43
CA ASP C 253 37.00 1.57 16.08
C ASP C 253 36.95 1.30 17.59
N LEU C 254 37.01 0.03 17.96
CA LEU C 254 37.00 -0.34 19.37
C LEU C 254 38.30 0.05 20.05
N VAL C 255 39.44 -0.27 19.45
CA VAL C 255 40.72 0.07 20.07
C VAL C 255 40.84 1.58 20.15
N TYR C 256 40.30 2.27 19.14
CA TYR C 256 40.34 3.74 19.13
C TYR C 256 39.61 4.28 20.36
N MET C 257 38.41 3.77 20.60
CA MET C 257 37.66 4.24 21.76
C MET C 257 38.37 3.90 23.06
N LEU C 258 38.89 2.68 23.16
CA LEU C 258 39.57 2.27 24.38
C LEU C 258 40.81 3.12 24.66
N GLU C 259 41.59 3.42 23.62
CA GLU C 259 42.78 4.25 23.83
C GLU C 259 42.31 5.60 24.36
N GLY C 260 41.29 6.16 23.73
CA GLY C 260 40.77 7.45 24.17
C GLY C 260 40.41 7.43 25.65
N LEU C 261 39.80 6.33 26.09
CA LEU C 261 39.39 6.16 27.49
C LEU C 261 40.59 5.87 28.38
N GLY C 262 41.78 5.76 27.79
CA GLY C 262 42.97 5.47 28.58
C GLY C 262 42.95 4.07 29.12
N ILE C 263 42.32 3.16 28.37
CA ILE C 263 42.23 1.77 28.78
C ILE C 263 43.24 0.92 28.03
N HIS C 264 44.06 0.19 28.77
CA HIS C 264 45.08 -0.64 28.16
C HIS C 264 44.47 -1.76 27.32
N THR C 265 45.00 -1.96 26.12
CA THR C 265 44.54 -3.02 25.23
C THR C 265 45.77 -3.79 24.74
N GLY C 266 46.92 -3.11 24.71
CA GLY C 266 48.15 -3.73 24.26
C GLY C 266 48.18 -3.98 22.77
N VAL C 267 47.32 -3.30 22.04
CA VAL C 267 47.26 -3.48 20.59
C VAL C 267 47.87 -2.29 19.85
N ASN C 268 48.57 -2.57 18.76
CA ASN C 268 49.18 -1.51 17.94
C ASN C 268 48.23 -1.18 16.81
N LEU C 269 47.54 -0.05 16.95
CA LEU C 269 46.55 0.37 15.98
C LEU C 269 47.08 0.41 14.55
N GLN C 270 48.28 0.94 14.39
CA GLN C 270 48.88 1.04 13.06
C GLN C 270 49.02 -0.31 12.41
N LYS C 271 49.59 -1.28 13.12
CA LYS C 271 49.74 -2.61 12.55
C LYS C 271 48.38 -3.32 12.39
N LEU C 272 47.40 -2.93 13.21
CA LEU C 272 46.08 -3.55 13.12
C LEU C 272 45.42 -3.07 11.82
N LEU C 273 45.57 -1.79 11.52
CA LEU C 273 45.02 -1.22 10.28
C LEU C 273 45.65 -1.88 9.06
N GLU C 274 46.96 -2.17 9.14
CA GLU C 274 47.65 -2.81 8.04
C GLU C 274 47.09 -4.22 7.86
N ALA C 275 46.75 -4.86 8.97
CA ALA C 275 46.19 -6.20 8.93
C ALA C 275 44.83 -6.15 8.26
N GLY C 276 44.07 -5.11 8.60
CA GLY C 276 42.74 -4.96 8.02
C GLY C 276 42.80 -4.78 6.51
N ASN C 277 43.62 -3.84 6.07
CA ASN C 277 43.75 -3.58 4.64
C ASN C 277 44.20 -4.84 3.90
N PHE C 278 45.12 -5.58 4.50
CA PHE C 278 45.61 -6.81 3.89
C PHE C 278 44.48 -7.78 3.53
N ILE C 279 43.58 -8.02 4.48
CA ILE C 279 42.48 -8.95 4.25
C ILE C 279 41.36 -8.39 3.39
N CYS C 280 41.12 -7.08 3.48
CA CYS C 280 40.06 -6.46 2.70
C CYS C 280 40.29 -6.54 1.20
N GLN C 281 41.49 -6.20 0.77
CA GLN C 281 41.85 -6.24 -0.64
C GLN C 281 41.92 -7.69 -1.12
N ALA C 282 42.47 -8.56 -0.28
CA ALA C 282 42.59 -9.97 -0.63
C ALA C 282 41.21 -10.61 -0.67
N LEU C 283 40.21 -9.85 -0.24
CA LEU C 283 38.83 -10.31 -0.20
C LEU C 283 38.00 -9.46 -1.16
N ASN C 284 38.65 -8.47 -1.76
CA ASN C 284 38.02 -7.55 -2.70
C ASN C 284 36.82 -6.86 -2.07
N ARG C 285 37.07 -6.02 -1.06
CA ARG C 285 35.99 -5.30 -0.38
C ARG C 285 36.54 -4.13 0.41
N LYS C 286 35.72 -3.08 0.54
CA LYS C 286 36.11 -1.91 1.29
C LYS C 286 35.95 -2.19 2.78
N THR C 287 36.84 -1.63 3.60
CA THR C 287 36.80 -1.82 5.04
C THR C 287 35.61 -1.10 5.67
N SER C 288 35.06 -1.69 6.73
CA SER C 288 33.93 -1.13 7.44
C SER C 288 34.39 -0.22 8.57
N SER C 289 35.65 -0.39 8.97
CA SER C 289 36.21 0.42 10.05
C SER C 289 36.26 1.90 9.68
N LYS C 290 35.51 2.71 10.43
CA LYS C 290 35.46 4.15 10.19
C LYS C 290 36.85 4.75 10.37
N VAL C 291 37.51 4.37 11.47
CA VAL C 291 38.86 4.85 11.77
C VAL C 291 39.78 4.67 10.56
N ALA C 292 39.73 3.48 9.98
CA ALA C 292 40.54 3.14 8.82
C ALA C 292 40.26 4.10 7.66
N GLN C 293 38.99 4.45 7.49
CA GLN C 293 38.57 5.35 6.43
C GLN C 293 39.00 6.79 6.73
N ALA C 294 38.86 7.19 7.98
CA ALA C 294 39.22 8.55 8.39
C ALA C 294 40.74 8.71 8.44
N THR C 295 41.44 7.58 8.49
CA THR C 295 42.91 7.59 8.55
C THR C 295 43.53 7.34 7.18
N THR D 1 21.09 10.11 35.58
CA THR D 1 20.08 9.29 34.84
C THR D 1 19.76 9.87 33.46
N LEU D 2 19.06 9.07 32.66
CA LEU D 2 18.66 9.48 31.33
C LEU D 2 17.40 10.33 31.32
N PRO D 3 17.32 11.29 30.40
CA PRO D 3 16.14 12.16 30.29
C PRO D 3 14.93 11.40 29.76
N LYS D 4 13.73 11.84 30.12
CA LYS D 4 12.49 11.20 29.69
C LYS D 4 12.23 11.43 28.20
N ARG D 5 12.55 12.62 27.72
CA ARG D 5 12.36 12.94 26.31
C ARG D 5 13.54 13.73 25.77
N VAL D 6 13.87 13.48 24.50
CA VAL D 6 14.99 14.15 23.88
C VAL D 6 14.53 14.89 22.64
N LYS D 7 15.03 16.11 22.47
CA LYS D 7 14.68 16.93 21.32
C LYS D 7 15.77 16.68 20.28
N ILE D 8 15.38 16.13 19.14
CA ILE D 8 16.36 15.87 18.10
C ILE D 8 16.35 17.03 17.14
N VAL D 9 17.53 17.57 16.89
CA VAL D 9 17.71 18.70 15.99
C VAL D 9 18.35 18.18 14.72
N GLU D 10 17.53 18.05 13.68
CA GLU D 10 17.98 17.56 12.38
C GLU D 10 18.75 18.65 11.64
N VAL D 11 19.96 18.34 11.21
CA VAL D 11 20.79 19.31 10.51
C VAL D 11 21.23 18.79 9.14
N GLY D 12 20.55 17.76 8.66
CA GLY D 12 20.88 17.18 7.37
C GLY D 12 20.74 18.14 6.20
N PRO D 13 19.65 18.91 6.14
CA PRO D 13 19.46 19.85 5.03
C PRO D 13 20.48 20.98 4.97
N ARG D 14 21.09 21.31 6.10
CA ARG D 14 22.09 22.38 6.14
C ARG D 14 23.49 21.80 6.28
N ASP D 15 23.79 21.28 7.46
CA ASP D 15 25.09 20.71 7.77
C ASP D 15 25.41 19.48 6.93
N GLY D 16 24.38 18.73 6.55
CA GLY D 16 24.62 17.55 5.74
C GLY D 16 24.96 17.87 4.30
N LEU D 17 24.06 18.57 3.61
CA LEU D 17 24.27 18.94 2.22
C LEU D 17 25.44 19.89 2.01
N GLN D 18 25.55 20.89 2.88
CA GLN D 18 26.64 21.86 2.77
C GLN D 18 27.98 21.14 2.71
N ASN D 19 28.08 20.01 3.42
CA ASN D 19 29.30 19.24 3.45
C ASN D 19 29.30 18.01 2.54
N GLU D 20 28.51 18.04 1.48
CA GLU D 20 28.46 16.90 0.57
C GLU D 20 29.10 17.24 -0.77
N LYS D 21 29.76 16.24 -1.37
CA LYS D 21 30.42 16.41 -2.65
C LYS D 21 29.50 16.95 -3.73
N ASN D 22 28.28 16.41 -3.80
CA ASN D 22 27.31 16.84 -4.80
C ASN D 22 26.40 17.97 -4.33
N ILE D 23 25.54 18.43 -5.23
CA ILE D 23 24.60 19.50 -4.95
C ILE D 23 23.23 19.13 -5.50
N VAL D 24 22.19 19.44 -4.74
CA VAL D 24 20.82 19.13 -5.17
C VAL D 24 20.04 20.40 -5.50
N SER D 25 19.00 20.24 -6.31
CA SER D 25 18.16 21.36 -6.72
C SER D 25 17.32 21.91 -5.58
N THR D 26 17.04 23.20 -5.66
CA THR D 26 16.23 23.88 -4.66
C THR D 26 14.95 23.11 -4.41
N PRO D 27 14.28 22.66 -5.49
CA PRO D 27 13.04 21.91 -5.27
C PRO D 27 13.30 20.63 -4.47
N VAL D 28 14.45 20.01 -4.70
CA VAL D 28 14.83 18.81 -3.99
C VAL D 28 15.10 19.07 -2.50
N LYS D 29 15.73 20.21 -2.20
CA LYS D 29 16.02 20.58 -0.82
C LYS D 29 14.72 20.85 -0.09
N ILE D 30 13.79 21.49 -0.80
CA ILE D 30 12.49 21.84 -0.24
C ILE D 30 11.70 20.60 0.15
N LYS D 31 11.74 19.58 -0.69
CA LYS D 31 11.00 18.34 -0.45
C LYS D 31 11.59 17.55 0.72
N LEU D 32 12.91 17.62 0.88
CA LEU D 32 13.57 16.92 1.97
C LEU D 32 13.13 17.48 3.31
N ILE D 33 13.11 18.81 3.41
CA ILE D 33 12.70 19.48 4.65
C ILE D 33 11.22 19.21 4.93
N ASP D 34 10.40 19.21 3.89
CA ASP D 34 8.98 18.94 4.06
C ASP D 34 8.80 17.52 4.58
N MET D 35 9.63 16.59 4.11
CA MET D 35 9.55 15.21 4.56
C MET D 35 10.02 15.04 6.00
N LEU D 36 11.05 15.79 6.39
CA LEU D 36 11.54 15.71 7.75
C LEU D 36 10.48 16.28 8.69
N SER D 37 9.76 17.29 8.22
CA SER D 37 8.71 17.89 9.03
C SER D 37 7.62 16.85 9.26
N GLU D 38 7.31 16.10 8.21
CA GLU D 38 6.29 15.06 8.31
C GLU D 38 6.76 13.83 9.08
N ALA D 39 8.07 13.72 9.27
CA ALA D 39 8.63 12.60 10.02
C ALA D 39 8.46 12.87 11.51
N GLY D 40 8.18 14.13 11.85
CA GLY D 40 7.98 14.48 13.24
C GLY D 40 9.05 15.32 13.92
N LEU D 41 10.13 15.62 13.20
CA LEU D 41 11.20 16.43 13.79
C LEU D 41 10.61 17.78 14.19
N SER D 42 10.92 18.23 15.41
CA SER D 42 10.40 19.49 15.92
C SER D 42 11.32 20.69 15.66
N VAL D 43 12.52 20.40 15.15
CA VAL D 43 13.46 21.45 14.84
C VAL D 43 14.33 20.98 13.69
N ILE D 44 14.29 21.72 12.59
CA ILE D 44 15.05 21.36 11.41
C ILE D 44 15.93 22.50 10.94
N GLU D 45 17.24 22.26 10.93
CA GLU D 45 18.18 23.28 10.49
C GLU D 45 17.99 23.41 8.98
N THR D 46 17.16 24.36 8.59
CA THR D 46 16.82 24.59 7.19
C THR D 46 17.98 25.00 6.26
N THR D 47 18.46 26.22 6.40
CA THR D 47 19.54 26.67 5.51
C THR D 47 20.47 27.68 6.15
N SER D 48 21.59 27.95 5.48
CA SER D 48 22.60 28.89 5.96
C SER D 48 22.69 30.12 5.05
N PHE D 49 22.25 31.26 5.58
CA PHE D 49 22.31 32.52 4.85
C PHE D 49 23.76 32.98 4.80
N VAL D 50 24.47 32.52 3.77
CA VAL D 50 25.87 32.86 3.62
C VAL D 50 26.27 33.10 2.16
N SER D 51 27.36 33.82 1.96
CA SER D 51 27.88 34.14 0.65
C SER D 51 27.90 32.95 -0.30
N PRO D 52 27.17 33.04 -1.42
CA PRO D 52 27.12 31.96 -2.41
C PRO D 52 28.48 31.82 -3.09
N LYS D 53 29.35 32.80 -2.86
CA LYS D 53 30.68 32.82 -3.46
C LYS D 53 31.66 32.09 -2.55
N TRP D 54 31.20 31.77 -1.33
CA TRP D 54 32.02 31.07 -0.35
C TRP D 54 31.63 29.59 -0.32
N VAL D 55 30.35 29.33 -0.17
CA VAL D 55 29.82 27.97 -0.14
C VAL D 55 28.59 27.91 -1.05
N PRO D 56 28.76 27.37 -2.27
CA PRO D 56 27.68 27.25 -3.26
C PRO D 56 26.47 26.43 -2.83
N GLN D 57 26.73 25.21 -2.35
CA GLN D 57 25.66 24.32 -1.92
C GLN D 57 24.54 25.01 -1.14
N MET D 58 24.90 26.04 -0.39
CA MET D 58 23.92 26.76 0.42
C MET D 58 23.52 28.10 -0.16
N GLY D 59 23.68 28.26 -1.47
CA GLY D 59 23.35 29.51 -2.11
C GLY D 59 21.86 29.80 -2.15
N ASP D 60 21.09 28.85 -2.65
CA ASP D 60 19.64 28.97 -2.77
C ASP D 60 18.94 29.06 -1.42
N HIS D 61 19.60 29.63 -0.43
CA HIS D 61 19.04 29.74 0.91
C HIS D 61 17.77 30.57 1.08
N THR D 62 17.60 31.62 0.28
CA THR D 62 16.40 32.46 0.40
C THR D 62 15.16 31.72 -0.10
N GLU D 63 15.27 31.10 -1.27
CA GLU D 63 14.15 30.38 -1.85
C GLU D 63 13.83 29.11 -1.05
N VAL D 64 14.84 28.57 -0.36
CA VAL D 64 14.62 27.37 0.44
C VAL D 64 13.77 27.68 1.69
N LEU D 65 14.20 28.67 2.47
CA LEU D 65 13.46 29.06 3.67
C LEU D 65 12.06 29.51 3.30
N LYS D 66 11.93 30.16 2.15
CA LYS D 66 10.64 30.65 1.67
C LYS D 66 9.83 29.53 1.05
N GLY D 67 10.53 28.61 0.39
CA GLY D 67 9.87 27.49 -0.28
C GLY D 67 9.45 26.31 0.56
N ILE D 68 9.90 26.24 1.81
CA ILE D 68 9.53 25.11 2.67
C ILE D 68 8.21 25.36 3.39
N GLN D 69 7.49 24.28 3.67
CA GLN D 69 6.23 24.38 4.39
C GLN D 69 6.60 24.61 5.84
N LYS D 70 5.95 25.57 6.47
CA LYS D 70 6.23 25.88 7.87
C LYS D 70 5.22 25.15 8.75
N PHE D 71 5.48 23.88 9.03
CA PHE D 71 4.58 23.10 9.87
C PHE D 71 4.42 23.73 11.24
N PRO D 72 3.21 23.67 11.80
CA PRO D 72 2.91 24.22 13.12
C PRO D 72 3.67 23.47 14.21
N GLY D 73 4.28 24.20 15.13
CA GLY D 73 5.02 23.57 16.21
C GLY D 73 6.37 23.02 15.81
N ILE D 74 6.88 23.44 14.65
CA ILE D 74 8.16 22.97 14.16
C ILE D 74 9.05 24.16 13.81
N ASN D 75 10.19 24.26 14.50
CA ASN D 75 11.10 25.37 14.24
C ASN D 75 12.06 25.07 13.09
N TYR D 76 12.47 26.13 12.38
CA TYR D 76 13.36 25.99 11.25
C TYR D 76 14.49 27.01 11.32
N PRO D 77 15.35 26.90 12.34
CA PRO D 77 16.46 27.85 12.50
C PRO D 77 17.38 27.92 11.28
N VAL D 78 18.12 29.03 11.17
CA VAL D 78 19.05 29.21 10.06
C VAL D 78 20.35 29.88 10.50
N LEU D 79 21.47 29.43 9.93
CA LEU D 79 22.77 29.98 10.28
C LEU D 79 22.98 31.35 9.63
N THR D 80 23.34 32.32 10.44
CA THR D 80 23.58 33.68 9.98
C THR D 80 24.94 34.15 10.47
N PRO D 81 25.99 33.94 9.66
CA PRO D 81 27.36 34.33 10.02
C PRO D 81 27.54 35.82 10.35
N ASN D 82 27.04 36.69 9.48
CA ASN D 82 27.17 38.13 9.68
C ASN D 82 25.81 38.81 9.84
N LEU D 83 25.83 40.06 10.27
CA LEU D 83 24.60 40.82 10.46
C LEU D 83 23.80 40.87 9.16
N LYS D 84 24.50 40.86 8.03
CA LYS D 84 23.85 40.90 6.73
C LYS D 84 23.05 39.62 6.52
N GLY D 85 23.72 38.48 6.66
CA GLY D 85 23.05 37.21 6.48
C GLY D 85 21.83 37.14 7.38
N PHE D 86 21.93 37.77 8.54
CA PHE D 86 20.84 37.80 9.50
C PHE D 86 19.69 38.64 8.97
N GLU D 87 20.03 39.72 8.28
CA GLU D 87 19.02 40.61 7.71
C GLU D 87 18.22 39.87 6.65
N ALA D 88 18.91 39.10 5.82
CA ALA D 88 18.26 38.32 4.77
C ALA D 88 17.43 37.21 5.41
N ALA D 89 17.89 36.73 6.56
CA ALA D 89 17.20 35.67 7.29
C ALA D 89 15.81 36.14 7.70
N VAL D 90 15.77 37.26 8.42
CA VAL D 90 14.50 37.82 8.86
C VAL D 90 13.73 38.23 7.61
N ALA D 91 14.46 38.62 6.58
CA ALA D 91 13.87 39.04 5.31
C ALA D 91 13.24 37.85 4.58
N ALA D 92 13.49 36.65 5.08
CA ALA D 92 12.94 35.45 4.47
C ALA D 92 12.01 34.71 5.43
N GLY D 93 11.68 35.35 6.55
CA GLY D 93 10.77 34.73 7.51
C GLY D 93 11.41 34.01 8.68
N ALA D 94 12.74 33.92 8.69
CA ALA D 94 13.45 33.25 9.77
C ALA D 94 13.05 33.75 11.15
N LYS D 95 12.55 32.85 11.99
CA LYS D 95 12.13 33.21 13.35
C LYS D 95 13.24 32.86 14.35
N GLU D 96 14.18 32.04 13.91
CA GLU D 96 15.30 31.65 14.76
C GLU D 96 16.56 31.53 13.92
N VAL D 97 17.67 32.06 14.44
CA VAL D 97 18.94 32.02 13.73
C VAL D 97 19.97 31.33 14.60
N VAL D 98 21.10 30.97 14.00
CA VAL D 98 22.15 30.28 14.74
C VAL D 98 23.55 30.82 14.42
N ILE D 99 24.29 31.16 15.47
CA ILE D 99 25.65 31.66 15.31
C ILE D 99 26.60 30.51 15.59
N PHE D 100 27.80 30.57 15.01
CA PHE D 100 28.78 29.51 15.19
C PHE D 100 30.14 30.02 15.65
N GLY D 101 30.62 29.45 16.75
CA GLY D 101 31.92 29.84 17.30
C GLY D 101 32.73 28.61 17.67
N ALA D 102 34.00 28.81 18.02
CA ALA D 102 34.85 27.69 18.37
C ALA D 102 35.57 27.87 19.70
N ALA D 103 36.06 26.77 20.25
CA ALA D 103 36.80 26.79 21.50
C ALA D 103 38.28 26.68 21.17
N SER D 104 38.59 26.75 19.89
CA SER D 104 39.97 26.66 19.41
C SER D 104 40.38 27.92 18.68
N GLU D 105 41.57 28.42 18.97
CA GLU D 105 42.11 29.62 18.35
C GLU D 105 42.43 29.41 16.87
N LEU D 106 43.27 28.41 16.59
CA LEU D 106 43.67 28.08 15.22
C LEU D 106 42.48 27.81 14.32
N PHE D 107 41.43 27.19 14.87
CA PHE D 107 40.25 26.86 14.11
C PHE D 107 39.44 28.10 13.73
N THR D 108 39.35 29.06 14.65
CA THR D 108 38.61 30.30 14.38
C THR D 108 39.19 31.06 13.19
N LYS D 109 40.52 31.13 13.11
CA LYS D 109 41.18 31.84 12.01
C LYS D 109 41.23 31.00 10.74
N LYS D 110 42.30 30.24 10.58
CA LYS D 110 42.50 29.39 9.42
C LYS D 110 41.22 28.66 9.02
N GLU D 118 37.98 37.93 18.89
CA GLU D 118 37.50 38.93 17.88
C GLU D 118 36.14 38.53 17.30
N SER D 119 35.94 37.23 17.09
CA SER D 119 34.67 36.75 16.53
C SER D 119 33.52 37.04 17.48
N PHE D 120 33.82 37.16 18.77
CA PHE D 120 32.80 37.46 19.78
C PHE D 120 32.19 38.84 19.59
N GLN D 121 32.78 39.61 18.68
CA GLN D 121 32.31 40.95 18.37
C GLN D 121 31.18 40.91 17.36
N ARG D 122 31.46 40.31 16.21
CA ARG D 122 30.49 40.19 15.12
C ARG D 122 29.24 39.43 15.55
N PHE D 123 29.32 38.74 16.67
CA PHE D 123 28.19 37.97 17.20
C PHE D 123 27.33 38.86 18.07
N ASP D 124 27.98 39.61 18.96
CA ASP D 124 27.28 40.52 19.86
C ASP D 124 26.41 41.44 19.00
N ALA D 125 26.88 41.70 17.79
CA ALA D 125 26.15 42.56 16.85
C ALA D 125 24.87 41.87 16.40
N ILE D 126 25.02 40.63 15.96
CA ILE D 126 23.88 39.84 15.48
C ILE D 126 22.86 39.61 16.59
N LEU D 127 23.36 39.28 17.79
CA LEU D 127 22.48 39.04 18.92
C LEU D 127 21.67 40.29 19.27
N LYS D 128 22.22 41.45 18.95
CA LYS D 128 21.55 42.72 19.21
C LYS D 128 20.26 42.80 18.39
N ALA D 129 20.41 42.80 17.07
CA ALA D 129 19.27 42.87 16.17
C ALA D 129 18.27 41.75 16.45
N ALA D 130 18.79 40.53 16.61
CA ALA D 130 17.96 39.36 16.87
C ALA D 130 17.06 39.56 18.07
N GLN D 131 17.61 40.10 19.15
CA GLN D 131 16.85 40.31 20.37
C GLN D 131 15.82 41.44 20.24
N SER D 132 16.01 42.32 19.27
CA SER D 132 15.07 43.42 19.05
C SER D 132 13.85 42.89 18.30
N ALA D 133 14.10 41.97 17.38
CA ALA D 133 13.03 41.37 16.58
C ALA D 133 12.45 40.17 17.33
N ASN D 134 12.79 40.07 18.61
CA ASN D 134 12.33 38.98 19.46
C ASN D 134 12.70 37.63 18.85
N ILE D 135 13.74 37.63 18.02
CA ILE D 135 14.23 36.43 17.36
C ILE D 135 15.22 35.68 18.26
N SER D 136 14.89 34.45 18.61
CA SER D 136 15.77 33.63 19.45
C SER D 136 17.05 33.24 18.73
N VAL D 137 18.11 33.00 19.50
CA VAL D 137 19.39 32.63 18.92
C VAL D 137 19.98 31.35 19.52
N ARG D 138 20.47 30.49 18.64
CA ARG D 138 21.10 29.23 19.01
C ARG D 138 22.60 29.43 18.80
N GLY D 139 23.42 28.84 19.67
CA GLY D 139 24.85 29.00 19.54
C GLY D 139 25.61 27.69 19.41
N TYR D 140 26.51 27.63 18.43
CA TYR D 140 27.33 26.47 18.17
C TYR D 140 28.74 26.70 18.69
N VAL D 141 29.27 25.72 19.42
CA VAL D 141 30.63 25.80 19.94
C VAL D 141 31.39 24.59 19.41
N SER D 142 32.11 24.78 18.30
CA SER D 142 32.85 23.69 17.68
C SER D 142 34.17 23.37 18.39
N CYS D 143 34.72 22.20 18.03
CA CYS D 143 35.98 21.70 18.60
C CYS D 143 35.88 21.49 20.11
N ALA D 144 34.68 21.22 20.61
CA ALA D 144 34.47 21.01 22.04
C ALA D 144 35.14 19.72 22.54
N LEU D 145 35.50 18.84 21.62
CA LEU D 145 36.14 17.59 22.00
C LEU D 145 37.47 17.37 21.27
N GLY D 146 38.00 18.43 20.68
CA GLY D 146 39.26 18.30 19.96
C GLY D 146 39.33 19.21 18.76
N CYS D 147 40.54 19.66 18.43
CA CYS D 147 40.75 20.56 17.29
C CYS D 147 41.75 19.98 16.29
N PRO D 148 41.53 20.25 15.00
CA PRO D 148 42.41 19.77 13.93
C PRO D 148 43.72 20.57 13.80
N TYR D 149 43.94 21.49 14.72
CA TYR D 149 45.15 22.32 14.69
C TYR D 149 45.87 22.33 16.03
N GLU D 150 45.12 22.58 17.09
CA GLU D 150 45.69 22.62 18.44
C GLU D 150 45.66 21.25 19.10
N GLY D 151 44.97 20.31 18.48
CA GLY D 151 44.86 18.97 19.04
C GLY D 151 43.79 18.91 20.11
N LYS D 152 44.21 18.79 21.38
CA LYS D 152 43.26 18.72 22.48
C LYS D 152 42.81 20.09 22.93
N ILE D 153 41.57 20.16 23.43
CA ILE D 153 40.99 21.41 23.92
C ILE D 153 40.55 21.20 25.37
N SER D 154 40.89 22.14 26.24
CA SER D 154 40.56 22.04 27.65
C SER D 154 39.08 22.25 28.00
N PRO D 155 38.54 21.44 28.93
CA PRO D 155 37.14 21.53 29.35
C PRO D 155 36.83 22.95 29.83
N ALA D 156 37.75 23.53 30.57
CA ALA D 156 37.57 24.89 31.08
C ALA D 156 37.36 25.89 29.95
N LYS D 157 38.04 25.66 28.83
CA LYS D 157 37.94 26.56 27.69
C LYS D 157 36.56 26.48 27.04
N VAL D 158 36.08 25.25 26.84
CA VAL D 158 34.76 25.05 26.25
C VAL D 158 33.70 25.65 27.17
N ALA D 159 33.88 25.49 28.48
CA ALA D 159 32.94 26.02 29.46
C ALA D 159 32.97 27.54 29.46
N GLU D 160 34.08 28.11 28.99
CA GLU D 160 34.26 29.56 28.95
C GLU D 160 33.45 30.21 27.83
N VAL D 161 33.68 29.77 26.59
CA VAL D 161 32.95 30.34 25.46
C VAL D 161 31.46 29.99 25.52
N THR D 162 31.14 28.86 26.14
CA THR D 162 29.76 28.42 26.29
C THR D 162 29.04 29.39 27.22
N LYS D 163 29.68 29.72 28.33
CA LYS D 163 29.14 30.65 29.30
C LYS D 163 29.05 32.03 28.66
N LYS D 164 29.89 32.26 27.65
CA LYS D 164 29.93 33.52 26.92
C LYS D 164 28.68 33.59 26.06
N PHE D 165 28.58 32.67 25.11
CA PHE D 165 27.42 32.61 24.22
C PHE D 165 26.13 32.65 25.02
N TYR D 166 26.05 31.81 26.05
CA TYR D 166 24.85 31.74 26.89
C TYR D 166 24.46 33.08 27.49
N SER D 167 25.35 33.66 28.29
CA SER D 167 25.06 34.94 28.94
C SER D 167 24.92 36.07 27.91
N MET D 168 25.42 35.82 26.70
CA MET D 168 25.37 36.80 25.63
C MET D 168 24.03 36.79 24.89
N GLY D 169 23.16 35.84 25.22
CA GLY D 169 21.86 35.78 24.56
C GLY D 169 21.36 34.43 24.11
N CYS D 170 22.24 33.61 23.51
CA CYS D 170 21.86 32.28 23.03
C CYS D 170 21.13 31.47 24.11
N TYR D 171 19.90 31.06 23.83
CA TYR D 171 19.11 30.29 24.77
C TYR D 171 19.53 28.82 24.79
N GLU D 172 20.26 28.40 23.77
CA GLU D 172 20.69 27.02 23.67
C GLU D 172 22.05 26.95 22.99
N ILE D 173 22.95 26.15 23.55
CA ILE D 173 24.28 26.04 22.98
C ILE D 173 24.61 24.59 22.62
N SER D 174 25.00 24.37 21.37
CA SER D 174 25.35 23.06 20.87
C SER D 174 26.87 22.85 20.83
N LEU D 175 27.34 21.95 21.69
CA LEU D 175 28.75 21.62 21.80
C LEU D 175 29.01 20.56 20.75
N GLY D 176 29.87 20.84 19.79
CA GLY D 176 30.11 19.86 18.76
C GLY D 176 31.51 19.32 18.59
N ASP D 177 31.60 18.01 18.34
CA ASP D 177 32.85 17.32 18.10
C ASP D 177 33.00 17.34 16.58
N THR D 178 33.35 18.51 16.05
CA THR D 178 33.51 18.75 14.62
C THR D 178 34.33 17.71 13.85
N ILE D 179 35.36 17.15 14.47
CA ILE D 179 36.17 16.16 13.78
C ILE D 179 35.86 14.74 14.25
N GLY D 180 34.91 14.64 15.16
CA GLY D 180 34.51 13.34 15.68
C GLY D 180 35.66 12.51 16.21
N VAL D 181 36.67 13.16 16.78
CA VAL D 181 37.82 12.46 17.32
C VAL D 181 37.62 12.09 18.79
N GLY D 182 36.77 12.84 19.47
CA GLY D 182 36.52 12.59 20.88
C GLY D 182 35.97 11.24 21.29
N THR D 183 36.25 10.87 22.52
CA THR D 183 35.77 9.60 23.08
C THR D 183 34.89 9.92 24.29
N PRO D 184 34.09 8.95 24.75
CA PRO D 184 33.20 9.19 25.91
C PRO D 184 33.86 9.85 27.12
N GLY D 185 35.13 9.52 27.36
CA GLY D 185 35.83 10.13 28.48
C GLY D 185 35.90 11.64 28.31
N ILE D 186 36.37 12.08 27.14
CA ILE D 186 36.49 13.51 26.86
C ILE D 186 35.15 14.22 26.97
N MET D 187 34.11 13.59 26.44
CA MET D 187 32.77 14.13 26.46
C MET D 187 32.29 14.41 27.89
N LYS D 188 32.43 13.41 28.76
CA LYS D 188 32.01 13.54 30.14
C LYS D 188 32.69 14.73 30.83
N ASP D 189 34.01 14.80 30.69
CA ASP D 189 34.77 15.88 31.30
C ASP D 189 34.35 17.24 30.78
N MET D 190 34.17 17.34 29.47
CA MET D 190 33.76 18.59 28.86
C MET D 190 32.39 19.02 29.40
N LEU D 191 31.44 18.11 29.39
CA LEU D 191 30.09 18.40 29.89
C LEU D 191 30.13 18.80 31.35
N SER D 192 30.87 18.05 32.16
CA SER D 192 30.98 18.34 33.57
C SER D 192 31.37 19.80 33.84
N ALA D 193 32.39 20.28 33.13
CA ALA D 193 32.86 21.65 33.30
C ALA D 193 31.78 22.65 32.87
N VAL D 194 31.15 22.40 31.73
CA VAL D 194 30.12 23.28 31.21
C VAL D 194 28.89 23.36 32.13
N MET D 195 28.42 22.21 32.61
CA MET D 195 27.26 22.16 33.48
C MET D 195 27.38 23.01 34.74
N GLN D 196 28.59 23.43 35.08
CA GLN D 196 28.79 24.24 36.27
C GLN D 196 28.34 25.67 36.01
N GLU D 197 28.54 26.15 34.79
CA GLU D 197 28.18 27.52 34.43
C GLU D 197 26.80 27.67 33.82
N VAL D 198 26.47 26.79 32.87
CA VAL D 198 25.21 26.83 32.14
C VAL D 198 24.20 25.75 32.54
N PRO D 199 22.94 26.15 32.83
CA PRO D 199 21.91 25.18 33.22
C PRO D 199 21.80 24.06 32.18
N LEU D 200 21.51 22.85 32.66
CA LEU D 200 21.43 21.67 31.80
C LEU D 200 20.52 21.76 30.56
N ALA D 201 19.32 22.29 30.76
CA ALA D 201 18.34 22.43 29.68
C ALA D 201 18.87 23.21 28.48
N ALA D 202 19.80 24.13 28.70
CA ALA D 202 20.36 24.94 27.62
C ALA D 202 21.47 24.26 26.83
N LEU D 203 21.75 23.01 27.18
CA LEU D 203 22.81 22.29 26.49
C LEU D 203 22.33 21.33 25.40
N ALA D 204 23.17 21.18 24.37
CA ALA D 204 22.91 20.30 23.25
C ALA D 204 24.25 19.76 22.80
N VAL D 205 24.27 18.53 22.31
CA VAL D 205 25.51 17.94 21.85
C VAL D 205 25.41 17.68 20.34
N HIS D 206 26.54 17.73 19.66
CA HIS D 206 26.59 17.55 18.20
C HIS D 206 27.89 16.82 17.86
N CYS D 207 27.81 15.50 17.76
CA CYS D 207 29.00 14.69 17.48
C CYS D 207 29.08 14.21 16.05
N HIS D 208 30.30 13.94 15.59
CA HIS D 208 30.53 13.42 14.24
C HIS D 208 30.97 11.97 14.34
N ASP D 209 30.58 11.18 13.35
CA ASP D 209 30.89 9.76 13.34
C ASP D 209 32.13 9.41 12.54
N THR D 210 32.94 10.42 12.23
CA THR D 210 34.16 10.25 11.46
C THR D 210 35.00 9.06 11.95
N TYR D 211 35.03 8.86 13.26
CA TYR D 211 35.79 7.76 13.85
C TYR D 211 34.89 6.72 14.49
N GLY D 212 33.62 6.71 14.10
CA GLY D 212 32.66 5.75 14.62
C GLY D 212 32.38 5.94 16.10
N GLN D 213 32.52 7.17 16.58
CA GLN D 213 32.33 7.46 17.99
C GLN D 213 31.08 8.28 18.32
N ALA D 214 30.46 8.86 17.29
CA ALA D 214 29.28 9.72 17.46
C ALA D 214 28.19 9.23 18.40
N LEU D 215 27.70 8.01 18.19
CA LEU D 215 26.63 7.51 19.04
C LEU D 215 27.06 7.21 20.46
N ALA D 216 28.31 6.76 20.63
CA ALA D 216 28.84 6.45 21.95
C ALA D 216 28.95 7.73 22.77
N ASN D 217 29.48 8.80 22.15
CA ASN D 217 29.63 10.09 22.82
C ASN D 217 28.27 10.68 23.18
N THR D 218 27.26 10.43 22.35
CA THR D 218 25.92 10.96 22.59
C THR D 218 25.27 10.28 23.80
N LEU D 219 25.43 8.97 23.90
CA LEU D 219 24.87 8.21 25.01
C LEU D 219 25.47 8.72 26.31
N MET D 220 26.73 9.13 26.24
CA MET D 220 27.42 9.64 27.41
C MET D 220 26.78 10.96 27.83
N ALA D 221 26.47 11.80 26.84
CA ALA D 221 25.86 13.08 27.13
C ALA D 221 24.48 12.84 27.74
N LEU D 222 23.76 11.86 27.22
CA LEU D 222 22.43 11.52 27.71
C LEU D 222 22.51 11.08 29.18
N GLN D 223 23.55 10.34 29.52
CA GLN D 223 23.73 9.88 30.88
C GLN D 223 24.06 11.07 31.79
N MET D 224 24.60 12.13 31.20
CA MET D 224 24.94 13.33 31.94
C MET D 224 23.70 14.19 32.17
N GLY D 225 22.65 13.95 31.39
CA GLY D 225 21.43 14.73 31.54
C GLY D 225 21.09 15.65 30.38
N VAL D 226 21.95 15.67 29.35
CA VAL D 226 21.69 16.50 28.18
C VAL D 226 20.49 15.92 27.44
N SER D 227 19.53 16.78 27.08
CA SER D 227 18.34 16.28 26.38
C SER D 227 18.07 16.80 24.97
N VAL D 228 19.06 17.41 24.34
CA VAL D 228 18.87 17.82 22.96
C VAL D 228 20.13 17.41 22.20
N VAL D 229 19.92 16.64 21.13
CA VAL D 229 21.04 16.14 20.32
C VAL D 229 20.87 16.50 18.85
N ASP D 230 21.99 16.80 18.20
CA ASP D 230 21.99 17.13 16.77
C ASP D 230 22.24 15.86 15.99
N SER D 231 21.62 15.75 14.83
CA SER D 231 21.80 14.57 13.99
C SER D 231 21.48 14.93 12.54
N SER D 232 21.96 14.10 11.62
CA SER D 232 21.74 14.35 10.21
C SER D 232 21.00 13.21 9.52
N VAL D 233 20.03 13.59 8.70
CA VAL D 233 19.18 12.67 7.95
C VAL D 233 19.74 11.26 7.83
N ALA D 234 20.53 11.00 6.80
CA ALA D 234 21.08 9.67 6.59
C ALA D 234 22.60 9.67 6.68
N GLY D 235 23.13 10.30 7.72
CA GLY D 235 24.56 10.36 7.91
C GLY D 235 25.21 11.33 6.94
N LEU D 236 24.39 12.18 6.32
CA LEU D 236 24.88 13.16 5.36
C LEU D 236 25.89 14.09 6.03
N GLY D 237 26.80 14.63 5.24
CA GLY D 237 27.81 15.53 5.76
C GLY D 237 29.23 15.08 5.44
N ALA D 245 35.73 9.82 4.76
CA ALA D 245 35.08 9.33 6.02
C ALA D 245 33.67 9.92 6.15
N SER D 246 32.81 9.22 6.86
CA SER D 246 31.43 9.69 7.05
C SER D 246 31.36 11.07 7.72
N GLY D 247 30.14 11.59 7.86
CA GLY D 247 29.96 12.90 8.46
C GLY D 247 29.28 12.93 9.82
N ASN D 248 28.03 13.39 9.85
CA ASN D 248 27.26 13.51 11.08
C ASN D 248 26.56 12.21 11.52
N LEU D 249 26.20 12.16 12.80
CA LEU D 249 25.50 11.02 13.38
C LEU D 249 24.17 10.88 12.64
N ALA D 250 23.92 9.71 12.06
CA ALA D 250 22.67 9.49 11.31
C ALA D 250 21.47 9.52 12.27
N THR D 251 20.47 10.34 11.95
CA THR D 251 19.28 10.47 12.80
C THR D 251 18.54 9.15 13.02
N GLU D 252 18.45 8.35 11.96
CA GLU D 252 17.77 7.06 12.06
C GLU D 252 18.42 6.18 13.11
N ASP D 253 19.76 6.17 13.14
CA ASP D 253 20.47 5.36 14.11
C ASP D 253 20.25 5.89 15.53
N LEU D 254 20.11 7.19 15.64
CA LEU D 254 19.87 7.82 16.93
C LEU D 254 18.47 7.48 17.46
N VAL D 255 17.46 7.64 16.60
CA VAL D 255 16.07 7.38 17.01
C VAL D 255 15.88 5.91 17.37
N TYR D 256 16.63 5.04 16.70
CA TYR D 256 16.52 3.62 16.97
C TYR D 256 17.00 3.34 18.39
N MET D 257 18.12 3.96 18.77
CA MET D 257 18.66 3.77 20.11
C MET D 257 17.71 4.39 21.14
N LEU D 258 17.28 5.62 20.87
CA LEU D 258 16.37 6.30 21.79
C LEU D 258 15.09 5.49 22.01
N GLU D 259 14.48 4.99 20.94
CA GLU D 259 13.27 4.20 21.10
C GLU D 259 13.56 3.00 21.99
N GLY D 260 14.73 2.39 21.81
CA GLY D 260 15.10 1.24 22.63
C GLY D 260 15.20 1.60 24.11
N LEU D 261 15.65 2.82 24.39
CA LEU D 261 15.78 3.28 25.77
C LEU D 261 14.43 3.76 26.30
N GLY D 262 13.41 3.72 25.46
CA GLY D 262 12.10 4.17 25.89
C GLY D 262 12.04 5.68 26.05
N ILE D 263 12.91 6.39 25.34
CA ILE D 263 12.95 7.85 25.41
C ILE D 263 12.09 8.42 24.28
N HIS D 264 11.22 9.34 24.66
CA HIS D 264 10.31 9.98 23.72
C HIS D 264 11.05 10.95 22.80
N THR D 265 10.85 10.79 21.49
CA THR D 265 11.49 11.67 20.52
C THR D 265 10.44 12.37 19.66
N GLY D 266 9.30 11.71 19.49
CA GLY D 266 8.21 12.26 18.70
C GLY D 266 8.40 12.01 17.23
N VAL D 267 9.43 11.25 16.87
CA VAL D 267 9.72 10.98 15.46
C VAL D 267 9.24 9.63 14.94
N ASN D 268 8.90 9.61 13.66
CA ASN D 268 8.43 8.39 13.03
C ASN D 268 9.60 7.81 12.25
N LEU D 269 10.16 6.72 12.74
CA LEU D 269 11.30 6.09 12.09
C LEU D 269 11.08 5.73 10.63
N GLN D 270 9.90 5.19 10.31
CA GLN D 270 9.59 4.82 8.94
C GLN D 270 9.59 6.01 7.98
N LYS D 271 9.00 7.13 8.40
CA LYS D 271 8.97 8.31 7.55
C LYS D 271 10.36 8.92 7.47
N LEU D 272 11.07 8.89 8.60
CA LEU D 272 12.41 9.44 8.65
C LEU D 272 13.24 8.69 7.62
N LEU D 273 13.08 7.37 7.58
CA LEU D 273 13.81 6.55 6.62
C LEU D 273 13.47 6.91 5.17
N GLU D 274 12.18 7.09 4.89
CA GLU D 274 11.75 7.43 3.55
C GLU D 274 12.43 8.73 3.15
N ALA D 275 12.41 9.70 4.05
CA ALA D 275 13.02 11.01 3.81
C ALA D 275 14.49 10.83 3.46
N GLY D 276 15.13 9.86 4.10
CA GLY D 276 16.53 9.61 3.84
C GLY D 276 16.80 8.92 2.52
N ASN D 277 15.92 8.01 2.15
CA ASN D 277 16.07 7.31 0.88
C ASN D 277 15.95 8.33 -0.24
N PHE D 278 15.01 9.25 -0.09
CA PHE D 278 14.77 10.29 -1.08
C PHE D 278 16.02 11.10 -1.41
N ILE D 279 16.60 11.73 -0.40
CA ILE D 279 17.79 12.55 -0.60
C ILE D 279 18.98 11.75 -1.12
N CYS D 280 19.15 10.54 -0.61
CA CYS D 280 20.27 9.71 -1.06
C CYS D 280 20.17 9.39 -2.54
N GLN D 281 18.96 9.12 -3.01
CA GLN D 281 18.75 8.82 -4.42
C GLN D 281 18.99 10.10 -5.22
N ALA D 282 18.38 11.19 -4.77
CA ALA D 282 18.52 12.48 -5.44
C ALA D 282 19.97 12.97 -5.35
N LEU D 283 20.77 12.32 -4.54
CA LEU D 283 22.17 12.69 -4.36
C LEU D 283 23.08 11.59 -4.92
N ASN D 284 22.46 10.52 -5.42
CA ASN D 284 23.15 9.38 -6.01
C ASN D 284 24.19 8.72 -5.08
N ARG D 285 23.99 8.89 -3.77
CA ARG D 285 24.91 8.31 -2.80
C ARG D 285 24.15 7.47 -1.79
N LYS D 286 24.61 6.25 -1.56
CA LYS D 286 23.94 5.36 -0.61
C LYS D 286 24.02 5.91 0.81
N THR D 287 23.03 5.54 1.61
CA THR D 287 22.95 6.00 2.98
C THR D 287 24.09 5.50 3.87
N SER D 288 24.33 6.24 4.94
CA SER D 288 25.36 5.91 5.91
C SER D 288 24.67 5.39 7.16
N SER D 289 23.34 5.41 7.13
CA SER D 289 22.55 4.93 8.26
C SER D 289 22.52 3.41 8.28
N LYS D 290 23.02 2.84 9.36
CA LYS D 290 23.03 1.40 9.51
C LYS D 290 21.60 0.86 9.54
N VAL D 291 20.71 1.59 10.19
CA VAL D 291 19.32 1.18 10.27
C VAL D 291 18.70 1.06 8.89
N ALA D 292 18.99 2.02 8.02
CA ALA D 292 18.48 1.99 6.66
C ALA D 292 18.97 0.72 5.96
N GLN D 293 20.29 0.53 5.96
CA GLN D 293 20.87 -0.64 5.34
C GLN D 293 20.27 -1.92 5.88
N ALA D 294 19.99 -1.93 7.18
CA ALA D 294 19.42 -3.10 7.84
C ALA D 294 17.93 -3.27 7.63
N THR D 295 17.26 -2.20 7.22
CA THR D 295 15.82 -2.24 6.99
C THR D 295 15.44 -2.67 5.58
N CYS D 296 15.98 -1.98 4.58
CA CYS D 296 15.67 -2.30 3.20
C CYS D 296 16.60 -1.57 2.25
N THR E 1 -7.22 -25.59 22.57
CA THR E 1 -6.24 -24.47 22.43
C THR E 1 -5.28 -24.67 21.25
N LEU E 2 -5.48 -23.89 20.19
CA LEU E 2 -4.64 -23.95 19.01
C LEU E 2 -3.24 -23.41 19.29
N PRO E 3 -2.20 -24.02 18.70
CA PRO E 3 -0.84 -23.53 18.93
C PRO E 3 -0.66 -22.15 18.32
N LYS E 4 0.28 -21.37 18.84
CA LYS E 4 0.51 -20.02 18.33
C LYS E 4 1.34 -20.02 17.06
N ARG E 5 2.19 -21.04 16.91
CA ARG E 5 3.05 -21.17 15.74
C ARG E 5 3.01 -22.60 15.22
N VAL E 6 2.98 -22.73 13.90
CA VAL E 6 2.96 -24.04 13.27
C VAL E 6 4.11 -24.11 12.29
N LYS E 7 4.91 -25.17 12.40
CA LYS E 7 6.03 -25.38 11.51
C LYS E 7 5.56 -26.24 10.37
N ILE E 8 5.51 -25.66 9.17
CA ILE E 8 5.08 -26.41 8.00
C ILE E 8 6.27 -27.10 7.36
N VAL E 9 6.16 -28.41 7.20
CA VAL E 9 7.20 -29.22 6.58
C VAL E 9 6.73 -29.41 5.14
N GLU E 10 7.47 -28.83 4.21
CA GLU E 10 7.15 -28.91 2.80
C GLU E 10 7.78 -30.16 2.20
N VAL E 11 6.95 -31.01 1.62
CA VAL E 11 7.42 -32.26 1.05
C VAL E 11 7.20 -32.35 -0.45
N GLY E 12 6.67 -31.29 -1.04
CA GLY E 12 6.41 -31.28 -2.46
C GLY E 12 7.59 -31.79 -3.30
N PRO E 13 8.79 -31.21 -3.13
CA PRO E 13 9.94 -31.66 -3.92
C PRO E 13 10.36 -33.13 -3.80
N ARG E 14 10.00 -33.80 -2.71
CA ARG E 14 10.38 -35.19 -2.57
C ARG E 14 9.15 -36.08 -2.66
N ASP E 15 8.33 -36.05 -1.63
CA ASP E 15 7.10 -36.84 -1.60
C ASP E 15 6.28 -36.50 -2.83
N GLY E 16 6.15 -35.21 -3.13
CA GLY E 16 5.36 -34.78 -4.27
C GLY E 16 5.82 -35.26 -5.63
N LEU E 17 7.06 -34.93 -5.98
CA LEU E 17 7.62 -35.31 -7.28
C LEU E 17 7.83 -36.82 -7.44
N GLN E 18 8.28 -37.50 -6.40
CA GLN E 18 8.49 -38.94 -6.50
C GLN E 18 7.18 -39.62 -6.89
N ASN E 19 6.08 -39.01 -6.48
CA ASN E 19 4.76 -39.58 -6.76
C ASN E 19 3.96 -38.94 -7.89
N GLU E 20 4.61 -38.13 -8.71
CA GLU E 20 3.92 -37.51 -9.84
C GLU E 20 4.20 -38.35 -11.08
N LYS E 21 3.26 -38.40 -12.01
CA LYS E 21 3.45 -39.19 -13.22
C LYS E 21 4.50 -38.58 -14.17
N ASN E 22 4.53 -37.25 -14.28
CA ASN E 22 5.50 -36.59 -15.14
C ASN E 22 6.76 -36.25 -14.36
N ILE E 23 7.87 -36.13 -15.05
CA ILE E 23 9.14 -35.80 -14.42
C ILE E 23 9.67 -34.43 -14.84
N VAL E 24 10.54 -33.85 -14.01
CA VAL E 24 11.16 -32.56 -14.29
C VAL E 24 12.67 -32.70 -14.11
N SER E 25 13.41 -31.82 -14.77
CA SER E 25 14.87 -31.85 -14.71
C SER E 25 15.43 -31.37 -13.40
N THR E 26 16.69 -31.73 -13.14
CA THR E 26 17.39 -31.33 -11.93
C THR E 26 17.34 -29.82 -11.68
N PRO E 27 17.58 -28.99 -12.72
CA PRO E 27 17.54 -27.54 -12.49
C PRO E 27 16.15 -27.07 -12.05
N VAL E 28 15.10 -27.73 -12.53
CA VAL E 28 13.76 -27.33 -12.11
C VAL E 28 13.60 -27.65 -10.62
N LYS E 29 14.05 -28.85 -10.23
CA LYS E 29 13.96 -29.27 -8.83
C LYS E 29 14.73 -28.26 -7.98
N ILE E 30 15.98 -28.01 -8.34
CA ILE E 30 16.77 -27.05 -7.59
C ILE E 30 16.07 -25.71 -7.54
N LYS E 31 15.54 -25.25 -8.66
CA LYS E 31 14.85 -23.96 -8.67
C LYS E 31 13.59 -23.97 -7.83
N LEU E 32 12.87 -25.10 -7.81
CA LEU E 32 11.66 -25.21 -7.02
C LEU E 32 11.98 -25.01 -5.55
N ILE E 33 12.95 -25.77 -5.06
CA ILE E 33 13.34 -25.68 -3.66
C ILE E 33 13.75 -24.25 -3.29
N ASP E 34 14.62 -23.66 -4.11
CA ASP E 34 15.07 -22.29 -3.88
C ASP E 34 13.86 -21.36 -3.79
N MET E 35 12.86 -21.57 -4.64
CA MET E 35 11.67 -20.74 -4.59
C MET E 35 10.90 -20.98 -3.28
N LEU E 36 10.88 -22.23 -2.82
CA LEU E 36 10.21 -22.57 -1.58
C LEU E 36 10.93 -21.90 -0.42
N SER E 37 12.26 -21.85 -0.50
CA SER E 37 13.07 -21.22 0.54
C SER E 37 12.76 -19.72 0.65
N GLU E 38 12.56 -19.09 -0.50
CA GLU E 38 12.28 -17.65 -0.51
C GLU E 38 10.86 -17.35 -0.05
N ALA E 39 9.99 -18.35 -0.15
CA ALA E 39 8.60 -18.18 0.28
C ALA E 39 8.54 -18.22 1.80
N GLY E 40 9.60 -18.71 2.42
CA GLY E 40 9.63 -18.75 3.87
C GLY E 40 9.49 -20.10 4.56
N LEU E 41 9.26 -21.17 3.81
CA LEU E 41 9.14 -22.49 4.43
C LEU E 41 10.41 -22.74 5.24
N SER E 42 10.27 -23.13 6.50
CA SER E 42 11.43 -23.38 7.34
C SER E 42 11.99 -24.79 7.18
N VAL E 43 11.20 -25.71 6.64
CA VAL E 43 11.69 -27.07 6.40
C VAL E 43 11.18 -27.59 5.05
N ILE E 44 12.10 -28.07 4.23
CA ILE E 44 11.76 -28.56 2.90
C ILE E 44 12.43 -29.90 2.61
N GLU E 45 11.60 -30.94 2.47
CA GLU E 45 12.11 -32.28 2.19
C GLU E 45 12.63 -32.18 0.77
N THR E 46 13.94 -32.33 0.63
CA THR E 46 14.60 -32.16 -0.64
C THR E 46 14.70 -33.29 -1.65
N THR E 47 15.05 -34.48 -1.19
CA THR E 47 15.20 -35.60 -2.10
C THR E 47 15.36 -36.90 -1.32
N SER E 48 15.54 -37.99 -2.04
CA SER E 48 15.72 -39.29 -1.40
C SER E 48 16.95 -40.00 -1.94
N PHE E 49 17.82 -40.42 -1.04
CA PHE E 49 19.04 -41.13 -1.42
C PHE E 49 18.83 -42.62 -1.50
N VAL E 50 18.05 -43.01 -2.50
CA VAL E 50 17.73 -44.40 -2.76
C VAL E 50 18.23 -44.72 -4.17
N SER E 51 18.53 -46.00 -4.42
CA SER E 51 19.02 -46.45 -5.71
C SER E 51 18.23 -45.94 -6.92
N PRO E 52 18.94 -45.38 -7.91
CA PRO E 52 18.28 -44.86 -9.12
C PRO E 52 17.63 -46.03 -9.85
N LYS E 53 18.14 -47.22 -9.59
CA LYS E 53 17.64 -48.45 -10.18
C LYS E 53 16.27 -48.88 -9.67
N TRP E 54 15.91 -48.45 -8.46
CA TRP E 54 14.63 -48.82 -7.88
C TRP E 54 13.61 -47.69 -7.98
N VAL E 55 14.11 -46.45 -7.99
CA VAL E 55 13.26 -45.27 -8.12
C VAL E 55 14.04 -44.17 -8.85
N PRO E 56 13.98 -44.19 -10.19
CA PRO E 56 14.68 -43.20 -11.03
C PRO E 56 14.27 -41.74 -10.86
N GLN E 57 12.98 -41.49 -10.59
CA GLN E 57 12.50 -40.12 -10.41
C GLN E 57 13.31 -39.35 -9.39
N MET E 58 14.11 -40.07 -8.62
CA MET E 58 14.91 -39.46 -7.57
C MET E 58 16.41 -39.64 -7.82
N GLY E 59 16.74 -40.20 -8.98
CA GLY E 59 18.13 -40.46 -9.33
C GLY E 59 19.14 -39.34 -9.19
N ASP E 60 18.67 -38.10 -9.23
CA ASP E 60 19.55 -36.94 -9.14
C ASP E 60 19.70 -36.41 -7.70
N HIS E 61 19.44 -37.26 -6.72
CA HIS E 61 19.53 -36.82 -5.32
C HIS E 61 20.80 -36.08 -4.93
N THR E 62 21.95 -36.63 -5.28
CA THR E 62 23.21 -35.98 -4.92
C THR E 62 23.35 -34.56 -5.50
N GLU E 63 23.05 -34.38 -6.79
CA GLU E 63 23.17 -33.06 -7.38
C GLU E 63 22.10 -32.08 -6.90
N VAL E 64 20.93 -32.59 -6.51
CA VAL E 64 19.88 -31.70 -6.03
C VAL E 64 20.23 -31.12 -4.67
N LEU E 65 20.71 -31.96 -3.76
CA LEU E 65 21.08 -31.49 -2.43
C LEU E 65 22.25 -30.52 -2.45
N LYS E 66 23.27 -30.84 -3.26
CA LYS E 66 24.47 -29.99 -3.40
C LYS E 66 24.13 -28.70 -4.15
N GLY E 67 23.25 -28.78 -5.14
CA GLY E 67 22.91 -27.61 -5.93
C GLY E 67 21.98 -26.56 -5.34
N ILE E 68 21.20 -26.92 -4.32
CA ILE E 68 20.27 -25.94 -3.74
C ILE E 68 20.95 -24.92 -2.85
N GLN E 69 20.33 -23.76 -2.75
CA GLN E 69 20.84 -22.70 -1.90
C GLN E 69 20.46 -23.01 -0.46
N LYS E 70 21.43 -22.94 0.44
CA LYS E 70 21.18 -23.22 1.85
C LYS E 70 20.85 -21.93 2.61
N PHE E 71 19.59 -21.51 2.54
CA PHE E 71 19.16 -20.30 3.25
C PHE E 71 19.30 -20.46 4.75
N PRO E 72 19.60 -19.35 5.45
CA PRO E 72 19.78 -19.29 6.91
C PRO E 72 18.53 -19.74 7.65
N GLY E 73 18.71 -20.62 8.64
CA GLY E 73 17.58 -21.09 9.42
C GLY E 73 16.57 -21.98 8.72
N ILE E 74 16.93 -22.52 7.55
CA ILE E 74 16.04 -23.41 6.82
C ILE E 74 16.61 -24.82 6.79
N ASN E 75 15.74 -25.81 7.01
CA ASN E 75 16.15 -27.23 7.04
C ASN E 75 15.84 -27.95 5.73
N TYR E 76 16.75 -28.83 5.32
CA TYR E 76 16.59 -29.57 4.07
C TYR E 76 16.86 -31.07 4.25
N PRO E 77 15.99 -31.76 5.03
CA PRO E 77 16.13 -33.20 5.28
C PRO E 77 15.98 -34.09 4.05
N VAL E 78 16.65 -35.22 4.05
CA VAL E 78 16.56 -36.15 2.92
C VAL E 78 16.30 -37.58 3.38
N LEU E 79 15.58 -38.34 2.59
CA LEU E 79 15.28 -39.72 2.93
C LEU E 79 16.47 -40.66 2.71
N THR E 80 16.75 -41.49 3.71
CA THR E 80 17.83 -42.45 3.64
C THR E 80 17.28 -43.80 4.11
N PRO E 81 16.80 -44.64 3.18
CA PRO E 81 16.25 -45.96 3.54
C PRO E 81 17.26 -47.01 3.98
N ASN E 82 18.53 -46.82 3.68
CA ASN E 82 19.55 -47.79 4.10
C ASN E 82 20.87 -47.10 4.42
N LEU E 83 21.75 -47.82 5.08
CA LEU E 83 23.04 -47.25 5.47
C LEU E 83 23.79 -46.68 4.27
N LYS E 84 23.73 -47.38 3.15
CA LYS E 84 24.41 -46.94 1.94
C LYS E 84 23.92 -45.54 1.51
N GLY E 85 22.61 -45.35 1.51
CA GLY E 85 22.04 -44.06 1.13
C GLY E 85 22.40 -42.98 2.14
N PHE E 86 22.52 -43.37 3.40
CA PHE E 86 22.85 -42.43 4.44
C PHE E 86 24.24 -41.84 4.22
N GLU E 87 25.20 -42.72 3.92
CA GLU E 87 26.56 -42.27 3.67
C GLU E 87 26.62 -41.35 2.46
N ALA E 88 25.78 -41.62 1.48
CA ALA E 88 25.69 -40.81 0.27
C ALA E 88 25.00 -39.50 0.61
N ALA E 89 24.19 -39.51 1.66
CA ALA E 89 23.50 -38.29 2.08
C ALA E 89 24.53 -37.42 2.81
N VAL E 90 25.27 -38.03 3.72
CA VAL E 90 26.28 -37.28 4.45
C VAL E 90 27.28 -36.70 3.46
N ALA E 91 27.74 -37.53 2.53
CA ALA E 91 28.70 -37.07 1.52
C ALA E 91 28.14 -35.90 0.74
N ALA E 92 26.82 -35.84 0.59
CA ALA E 92 26.18 -34.75 -0.14
C ALA E 92 25.91 -33.52 0.74
N GLY E 93 26.32 -33.58 1.99
CA GLY E 93 26.12 -32.44 2.89
C GLY E 93 24.86 -32.43 3.72
N ALA E 94 24.17 -33.56 3.81
CA ALA E 94 22.94 -33.65 4.59
C ALA E 94 23.19 -33.33 6.07
N LYS E 95 22.23 -32.63 6.69
CA LYS E 95 22.29 -32.30 8.11
C LYS E 95 21.14 -33.02 8.84
N GLU E 96 20.16 -33.48 8.06
CA GLU E 96 19.00 -34.18 8.62
C GLU E 96 18.51 -35.25 7.65
N VAL E 97 18.30 -36.46 8.17
CA VAL E 97 17.81 -37.55 7.34
C VAL E 97 16.47 -38.02 7.86
N VAL E 98 15.68 -38.61 6.97
CA VAL E 98 14.34 -39.11 7.31
C VAL E 98 14.26 -40.62 7.12
N ILE E 99 13.79 -41.34 8.14
CA ILE E 99 13.62 -42.79 8.02
C ILE E 99 12.13 -43.10 8.03
N PHE E 100 11.75 -44.15 7.29
CA PHE E 100 10.36 -44.52 7.13
C PHE E 100 9.95 -45.89 7.67
N GLY E 101 8.98 -45.88 8.57
CA GLY E 101 8.46 -47.10 9.16
C GLY E 101 6.95 -47.16 8.95
N ALA E 102 6.29 -48.08 9.63
CA ALA E 102 4.85 -48.22 9.48
C ALA E 102 4.19 -48.90 10.68
N ALA E 103 2.91 -48.60 10.86
CA ALA E 103 2.13 -49.18 11.95
C ALA E 103 1.42 -50.46 11.51
N SER E 104 1.56 -50.82 10.23
CA SER E 104 0.92 -52.02 9.71
C SER E 104 1.92 -53.11 9.32
N GLU E 105 1.74 -54.31 9.86
CA GLU E 105 2.59 -55.46 9.59
C GLU E 105 2.60 -55.83 8.11
N LEU E 106 1.41 -56.04 7.53
CA LEU E 106 1.29 -56.39 6.13
C LEU E 106 1.97 -55.34 5.26
N PHE E 107 1.67 -54.06 5.54
CA PHE E 107 2.23 -52.96 4.78
C PHE E 107 3.76 -53.01 4.75
N THR E 108 4.36 -53.28 5.91
CA THR E 108 5.81 -53.36 6.01
C THR E 108 6.39 -54.40 5.06
N LYS E 109 5.72 -55.54 4.93
CA LYS E 109 6.19 -56.61 4.04
C LYS E 109 6.01 -56.22 2.57
N LYS E 110 4.89 -55.58 2.27
CA LYS E 110 4.61 -55.16 0.90
C LYS E 110 5.60 -54.10 0.41
N ASN E 111 6.34 -53.50 1.34
CA ASN E 111 7.32 -52.46 0.98
C ASN E 111 8.77 -52.91 1.12
N ILE E 112 9.18 -53.20 2.35
CA ILE E 112 10.56 -53.62 2.61
C ILE E 112 10.68 -55.13 2.79
N ASN E 113 9.62 -55.85 2.45
CA ASN E 113 9.57 -57.30 2.54
C ASN E 113 10.00 -57.89 3.89
N CYS E 114 9.68 -57.20 4.98
CA CYS E 114 10.04 -57.67 6.31
C CYS E 114 8.99 -57.26 7.34
N SER E 115 9.31 -57.46 8.62
CA SER E 115 8.40 -57.11 9.70
C SER E 115 8.74 -55.79 10.38
N ILE E 116 7.76 -55.23 11.08
CA ILE E 116 7.94 -53.97 11.78
C ILE E 116 9.13 -54.06 12.73
N GLU E 117 9.14 -55.09 13.56
CA GLU E 117 10.23 -55.26 14.52
C GLU E 117 11.56 -55.38 13.78
N GLU E 118 11.54 -56.04 12.63
CA GLU E 118 12.77 -56.22 11.83
C GLU E 118 13.18 -54.90 11.18
N SER E 119 12.19 -54.16 10.68
CA SER E 119 12.47 -52.88 10.02
C SER E 119 13.18 -51.93 10.98
N PHE E 120 12.91 -52.07 12.28
CA PHE E 120 13.53 -51.21 13.27
C PHE E 120 15.01 -51.53 13.51
N GLN E 121 15.41 -52.76 13.25
CA GLN E 121 16.81 -53.13 13.44
C GLN E 121 17.64 -52.46 12.34
N ARG E 122 17.05 -52.32 11.17
CA ARG E 122 17.73 -51.70 10.03
C ARG E 122 17.97 -50.22 10.30
N PHE E 123 17.15 -49.62 11.15
CA PHE E 123 17.28 -48.22 11.48
C PHE E 123 18.33 -48.01 12.56
N ASP E 124 18.69 -49.08 13.26
CA ASP E 124 19.68 -49.00 14.32
C ASP E 124 21.01 -48.52 13.78
N ALA E 125 21.44 -49.10 12.67
CA ALA E 125 22.70 -48.71 12.06
C ALA E 125 22.64 -47.24 11.62
N ILE E 126 21.52 -46.84 11.03
CA ILE E 126 21.36 -45.47 10.56
C ILE E 126 21.32 -44.46 11.69
N LEU E 127 20.56 -44.77 12.74
CA LEU E 127 20.45 -43.88 13.89
C LEU E 127 21.80 -43.71 14.54
N LYS E 128 22.44 -44.83 14.84
CA LYS E 128 23.75 -44.80 15.48
C LYS E 128 24.79 -44.12 14.61
N ALA E 129 24.59 -44.18 13.30
CA ALA E 129 25.52 -43.53 12.36
C ALA E 129 25.30 -42.02 12.41
N ALA E 130 24.03 -41.61 12.36
CA ALA E 130 23.69 -40.19 12.40
C ALA E 130 24.16 -39.54 13.70
N GLN E 131 24.05 -40.27 14.81
CA GLN E 131 24.48 -39.75 16.10
C GLN E 131 25.95 -39.34 16.06
N SER E 132 26.80 -40.27 15.65
CA SER E 132 28.23 -40.05 15.56
C SER E 132 28.62 -38.99 14.54
N ALA E 133 27.73 -38.70 13.60
CA ALA E 133 28.01 -37.70 12.58
C ALA E 133 27.35 -36.35 12.88
N ASN E 134 26.68 -36.28 14.02
CA ASN E 134 25.99 -35.05 14.43
C ASN E 134 24.81 -34.72 13.50
N ILE E 135 24.09 -35.74 13.05
CA ILE E 135 22.96 -35.53 12.16
C ILE E 135 21.61 -35.92 12.80
N SER E 136 20.62 -35.04 12.68
CA SER E 136 19.30 -35.32 13.27
C SER E 136 18.46 -36.24 12.39
N VAL E 137 17.62 -37.06 13.03
CA VAL E 137 16.79 -38.02 12.31
C VAL E 137 15.30 -37.84 12.55
N ARG E 138 14.53 -37.73 11.48
CA ARG E 138 13.09 -37.59 11.59
C ARG E 138 12.45 -38.93 11.18
N GLY E 139 11.36 -39.30 11.86
CA GLY E 139 10.68 -40.54 11.55
C GLY E 139 9.31 -40.37 10.92
N TYR E 140 8.93 -41.32 10.07
CA TYR E 140 7.63 -41.32 9.38
C TYR E 140 6.92 -42.60 9.77
N VAL E 141 5.69 -42.47 10.27
CA VAL E 141 4.93 -43.67 10.62
C VAL E 141 3.69 -43.68 9.72
N SER E 142 3.77 -44.44 8.63
CA SER E 142 2.65 -44.53 7.69
C SER E 142 1.54 -45.46 8.20
N CYS E 143 0.36 -45.35 7.61
CA CYS E 143 -0.79 -46.16 8.01
C CYS E 143 -1.29 -45.82 9.42
N ALA E 144 -1.01 -44.60 9.87
CA ALA E 144 -1.42 -44.17 11.20
C ALA E 144 -2.94 -44.07 11.39
N LEU E 145 -3.66 -43.85 10.30
CA LEU E 145 -5.13 -43.73 10.36
C LEU E 145 -5.82 -44.78 9.50
N GLY E 146 -5.12 -45.86 9.19
CA GLY E 146 -5.70 -46.89 8.36
C GLY E 146 -4.70 -47.46 7.37
N CYS E 147 -4.78 -48.76 7.15
CA CYS E 147 -3.88 -49.46 6.24
C CYS E 147 -4.64 -49.92 5.01
N PRO E 148 -4.03 -49.81 3.81
CA PRO E 148 -4.72 -50.25 2.60
C PRO E 148 -5.01 -51.75 2.63
N TYR E 149 -4.36 -52.47 3.54
CA TYR E 149 -4.56 -53.90 3.68
C TYR E 149 -5.30 -54.21 4.98
N GLU E 150 -4.56 -54.25 6.08
CA GLU E 150 -5.11 -54.53 7.39
C GLU E 150 -6.34 -53.69 7.76
N GLY E 151 -6.65 -52.69 6.95
CA GLY E 151 -7.81 -51.85 7.23
C GLY E 151 -7.56 -50.95 8.43
N LYS E 152 -8.49 -50.92 9.37
CA LYS E 152 -8.35 -50.09 10.57
C LYS E 152 -7.07 -50.39 11.34
N ILE E 153 -6.49 -49.35 11.93
CA ILE E 153 -5.25 -49.47 12.70
C ILE E 153 -5.47 -48.97 14.13
N SER E 154 -5.15 -49.84 15.08
CA SER E 154 -5.32 -49.53 16.49
C SER E 154 -4.49 -48.36 16.99
N PRO E 155 -5.13 -47.43 17.72
CA PRO E 155 -4.42 -46.27 18.25
C PRO E 155 -3.22 -46.72 19.10
N ALA E 156 -3.40 -47.81 19.83
CA ALA E 156 -2.35 -48.36 20.68
C ALA E 156 -1.15 -48.84 19.85
N LYS E 157 -1.43 -49.35 18.64
CA LYS E 157 -0.36 -49.82 17.77
C LYS E 157 0.47 -48.64 17.29
N VAL E 158 -0.21 -47.59 16.82
CA VAL E 158 0.49 -46.41 16.36
C VAL E 158 1.34 -45.81 17.48
N ALA E 159 0.80 -45.79 18.69
CA ALA E 159 1.54 -45.25 19.83
C ALA E 159 2.80 -46.06 20.12
N GLU E 160 2.69 -47.38 19.98
CA GLU E 160 3.81 -48.29 20.21
C GLU E 160 4.97 -48.00 19.25
N VAL E 161 4.67 -48.04 17.96
CA VAL E 161 5.67 -47.78 16.92
C VAL E 161 6.26 -46.38 17.08
N THR E 162 5.41 -45.39 17.34
CA THR E 162 5.88 -44.01 17.52
C THR E 162 6.84 -43.89 18.70
N LYS E 163 6.50 -44.52 19.81
CA LYS E 163 7.36 -44.45 20.98
C LYS E 163 8.72 -45.10 20.70
N LYS E 164 8.73 -46.08 19.81
CA LYS E 164 9.95 -46.79 19.43
C LYS E 164 10.90 -45.85 18.68
N PHE E 165 10.40 -45.15 17.67
CA PHE E 165 11.22 -44.21 16.90
C PHE E 165 11.79 -43.12 17.81
N TYR E 166 10.95 -42.60 18.67
CA TYR E 166 11.34 -41.54 19.57
C TYR E 166 12.41 -41.97 20.57
N SER E 167 12.27 -43.19 21.12
CA SER E 167 13.26 -43.67 22.08
C SER E 167 14.55 -44.08 21.36
N MET E 168 14.44 -44.40 20.07
CA MET E 168 15.60 -44.79 19.29
C MET E 168 16.43 -43.60 18.85
N GLY E 169 15.92 -42.39 19.07
CA GLY E 169 16.67 -41.21 18.69
C GLY E 169 16.03 -40.14 17.84
N CYS E 170 15.01 -40.47 17.05
CA CYS E 170 14.36 -39.46 16.23
C CYS E 170 13.94 -38.29 17.10
N TYR E 171 14.01 -37.08 16.55
CA TYR E 171 13.60 -35.91 17.33
C TYR E 171 12.17 -35.56 17.02
N GLU E 172 11.64 -36.13 15.95
CA GLU E 172 10.28 -35.82 15.57
C GLU E 172 9.75 -36.97 14.74
N ILE E 173 8.46 -37.26 14.90
CA ILE E 173 7.84 -38.35 14.18
C ILE E 173 6.59 -37.84 13.49
N SER E 174 6.50 -38.14 12.20
CA SER E 174 5.40 -37.72 11.39
C SER E 174 4.41 -38.87 11.24
N LEU E 175 3.22 -38.69 11.78
CA LEU E 175 2.13 -39.68 11.74
C LEU E 175 1.41 -39.47 10.42
N GLY E 176 1.43 -40.47 9.55
CA GLY E 176 0.80 -40.31 8.27
C GLY E 176 -0.45 -41.11 7.91
N ASP E 177 -1.38 -40.44 7.23
CA ASP E 177 -2.60 -41.09 6.75
C ASP E 177 -2.26 -41.24 5.28
N THR E 178 -1.41 -42.22 5.00
CA THR E 178 -0.91 -42.52 3.66
C THR E 178 -1.98 -42.68 2.59
N ILE E 179 -3.17 -43.14 2.98
CA ILE E 179 -4.22 -43.34 2.01
C ILE E 179 -5.36 -42.33 2.14
N GLY E 180 -5.30 -41.49 3.16
CA GLY E 180 -6.30 -40.47 3.36
C GLY E 180 -7.71 -40.92 3.72
N VAL E 181 -7.84 -42.09 4.33
CA VAL E 181 -9.15 -42.60 4.72
C VAL E 181 -9.55 -42.13 6.11
N GLY E 182 -8.64 -41.43 6.78
CA GLY E 182 -8.94 -40.95 8.12
C GLY E 182 -9.94 -39.81 8.22
N THR E 183 -10.65 -39.74 9.34
CA THR E 183 -11.61 -38.66 9.59
C THR E 183 -11.21 -38.06 10.94
N PRO E 184 -11.71 -36.87 11.27
CA PRO E 184 -11.34 -36.25 12.56
C PRO E 184 -11.42 -37.08 13.84
N GLY E 185 -12.37 -38.01 13.92
CA GLY E 185 -12.50 -38.83 15.11
C GLY E 185 -11.38 -39.85 15.24
N ILE E 186 -10.97 -40.42 14.11
CA ILE E 186 -9.90 -41.41 14.08
C ILE E 186 -8.59 -40.70 14.37
N MET E 187 -8.45 -39.50 13.82
CA MET E 187 -7.25 -38.68 14.02
C MET E 187 -7.14 -38.37 15.52
N LYS E 188 -8.24 -37.96 16.12
CA LYS E 188 -8.26 -37.65 17.54
C LYS E 188 -7.93 -38.87 18.42
N ASP E 189 -8.52 -40.02 18.12
CA ASP E 189 -8.21 -41.19 18.93
C ASP E 189 -6.73 -41.58 18.81
N MET E 190 -6.20 -41.47 17.60
CA MET E 190 -4.80 -41.82 17.36
C MET E 190 -3.89 -40.93 18.17
N LEU E 191 -4.10 -39.62 18.07
CA LEU E 191 -3.29 -38.65 18.80
C LEU E 191 -3.39 -38.78 20.31
N SER E 192 -4.58 -39.05 20.84
CA SER E 192 -4.69 -39.20 22.30
C SER E 192 -3.76 -40.32 22.74
N ALA E 193 -3.84 -41.46 22.08
CA ALA E 193 -2.99 -42.59 22.45
C ALA E 193 -1.51 -42.23 22.34
N VAL E 194 -1.10 -41.70 21.18
CA VAL E 194 0.31 -41.35 20.99
C VAL E 194 0.81 -40.31 21.99
N MET E 195 -0.04 -39.33 22.30
CA MET E 195 0.36 -38.28 23.25
C MET E 195 0.58 -38.79 24.67
N GLN E 196 0.01 -39.95 25.01
CA GLN E 196 0.23 -40.46 26.37
C GLN E 196 1.71 -40.81 26.52
N GLU E 197 2.31 -41.30 25.44
CA GLU E 197 3.71 -41.74 25.48
C GLU E 197 4.79 -40.88 24.84
N VAL E 198 4.41 -39.99 23.94
CA VAL E 198 5.40 -39.16 23.29
C VAL E 198 5.08 -37.68 23.41
N PRO E 199 6.07 -36.87 23.81
CA PRO E 199 5.84 -35.42 23.93
C PRO E 199 5.22 -34.82 22.67
N LEU E 200 4.26 -33.95 22.91
CA LEU E 200 3.52 -33.30 21.86
C LEU E 200 4.39 -32.56 20.83
N ALA E 201 5.46 -31.91 21.27
CA ALA E 201 6.31 -31.18 20.33
C ALA E 201 7.11 -32.11 19.42
N ALA E 202 7.14 -33.41 19.74
CA ALA E 202 7.89 -34.36 18.92
C ALA E 202 6.99 -34.94 17.85
N LEU E 203 5.75 -34.46 17.74
CA LEU E 203 4.84 -35.00 16.75
C LEU E 203 4.51 -34.09 15.56
N ALA E 204 4.23 -34.73 14.44
CA ALA E 204 3.85 -34.04 13.22
C ALA E 204 2.78 -34.88 12.58
N VAL E 205 1.96 -34.23 11.78
CA VAL E 205 0.88 -34.87 11.07
C VAL E 205 1.10 -34.71 9.56
N HIS E 206 0.80 -35.76 8.81
CA HIS E 206 0.96 -35.78 7.36
C HIS E 206 -0.28 -36.47 6.77
N CYS E 207 -1.27 -35.69 6.36
CA CYS E 207 -2.52 -36.22 5.83
C CYS E 207 -2.76 -36.11 4.33
N HIS E 208 -3.25 -37.17 3.71
CA HIS E 208 -3.55 -37.09 2.29
C HIS E 208 -4.98 -36.66 2.08
N ASP E 209 -5.24 -36.05 0.94
CA ASP E 209 -6.55 -35.52 0.64
C ASP E 209 -7.33 -36.41 -0.31
N THR E 210 -6.90 -37.66 -0.41
CA THR E 210 -7.54 -38.61 -1.30
C THR E 210 -9.06 -38.61 -1.15
N TYR E 211 -9.55 -38.36 0.07
CA TYR E 211 -10.99 -38.33 0.30
C TYR E 211 -11.48 -36.96 0.77
N GLY E 212 -10.67 -35.93 0.56
CA GLY E 212 -11.05 -34.58 0.96
C GLY E 212 -11.04 -34.31 2.45
N GLN E 213 -10.36 -35.17 3.22
CA GLN E 213 -10.30 -35.04 4.66
C GLN E 213 -8.98 -34.44 5.18
N ALA E 214 -8.03 -34.21 4.30
CA ALA E 214 -6.73 -33.66 4.68
C ALA E 214 -6.76 -32.47 5.66
N LEU E 215 -7.35 -31.37 5.23
CA LEU E 215 -7.41 -30.16 6.04
C LEU E 215 -8.20 -30.35 7.33
N ALA E 216 -9.34 -31.02 7.23
CA ALA E 216 -10.15 -31.29 8.41
C ALA E 216 -9.36 -32.14 9.41
N ASN E 217 -8.65 -33.16 8.95
CA ASN E 217 -7.86 -33.98 9.87
C ASN E 217 -6.73 -33.14 10.48
N THR E 218 -6.20 -32.21 9.71
CA THR E 218 -5.13 -31.35 10.20
C THR E 218 -5.65 -30.40 11.27
N LEU E 219 -6.83 -29.82 11.05
CA LEU E 219 -7.40 -28.89 12.03
C LEU E 219 -7.57 -29.63 13.37
N MET E 220 -8.04 -30.87 13.31
CA MET E 220 -8.23 -31.67 14.52
C MET E 220 -6.91 -31.83 15.27
N ALA E 221 -5.85 -32.19 14.55
CA ALA E 221 -4.55 -32.36 15.21
C ALA E 221 -4.07 -31.04 15.80
N LEU E 222 -4.38 -29.92 15.14
CA LEU E 222 -3.99 -28.62 15.66
C LEU E 222 -4.75 -28.35 16.95
N GLN E 223 -6.02 -28.74 16.99
CA GLN E 223 -6.82 -28.53 18.20
C GLN E 223 -6.27 -29.40 19.33
N MET E 224 -5.68 -30.54 18.99
CA MET E 224 -5.11 -31.46 19.98
C MET E 224 -3.75 -30.94 20.47
N GLY E 225 -3.23 -29.92 19.79
CA GLY E 225 -1.95 -29.35 20.18
C GLY E 225 -0.75 -29.64 19.30
N VAL E 226 -0.96 -30.37 18.20
CA VAL E 226 0.14 -30.68 17.29
C VAL E 226 0.58 -29.38 16.58
N SER E 227 1.88 -29.09 16.56
CA SER E 227 2.33 -27.85 15.93
C SER E 227 3.14 -27.98 14.65
N VAL E 228 3.28 -29.19 14.13
CA VAL E 228 3.98 -29.33 12.86
C VAL E 228 3.17 -30.20 11.91
N VAL E 229 3.03 -29.72 10.68
CA VAL E 229 2.24 -30.39 9.66
C VAL E 229 2.96 -30.46 8.32
N ASP E 230 2.89 -31.62 7.69
CA ASP E 230 3.51 -31.84 6.39
C ASP E 230 2.51 -31.49 5.29
N SER E 231 3.00 -30.93 4.19
CA SER E 231 2.14 -30.59 3.06
C SER E 231 2.96 -30.49 1.80
N SER E 232 2.28 -30.47 0.66
CA SER E 232 2.92 -30.41 -0.63
C SER E 232 2.49 -29.17 -1.41
N VAL E 233 3.47 -28.46 -1.96
CA VAL E 233 3.26 -27.24 -2.74
C VAL E 233 1.93 -27.10 -3.47
N ALA E 234 1.78 -27.76 -4.60
CA ALA E 234 0.53 -27.59 -5.33
C ALA E 234 -0.36 -28.83 -5.20
N GLY E 235 -0.33 -29.45 -4.03
CA GLY E 235 -1.12 -30.64 -3.82
C GLY E 235 -0.48 -31.75 -4.65
N LEU E 236 0.81 -31.63 -4.90
CA LEU E 236 1.54 -32.61 -5.68
C LEU E 236 1.59 -33.93 -4.93
N GLY E 237 1.63 -35.03 -5.66
CA GLY E 237 1.68 -36.34 -5.03
C GLY E 237 0.60 -37.28 -5.51
N GLY E 238 0.08 -38.08 -4.59
CA GLY E 238 -0.94 -39.04 -4.96
C GLY E 238 -0.53 -40.37 -4.37
N CYS E 239 -1.48 -41.29 -4.21
CA CYS E 239 -1.15 -42.58 -3.62
C CYS E 239 -1.36 -43.76 -4.56
N PRO E 240 -0.38 -44.67 -4.62
CA PRO E 240 -0.43 -45.86 -5.48
C PRO E 240 -1.69 -46.68 -5.16
N TYR E 241 -1.88 -46.93 -3.87
CA TYR E 241 -3.03 -47.70 -3.41
C TYR E 241 -4.32 -46.92 -3.65
N ALA E 242 -4.18 -45.62 -3.84
CA ALA E 242 -5.34 -44.75 -4.05
C ALA E 242 -5.63 -44.54 -5.53
N GLN E 243 -6.91 -44.34 -5.84
CA GLN E 243 -7.35 -44.10 -7.21
C GLN E 243 -6.67 -42.85 -7.76
N GLY E 244 -7.01 -42.48 -9.00
CA GLY E 244 -6.42 -41.29 -9.61
C GLY E 244 -6.91 -39.99 -8.99
N ALA E 245 -7.10 -40.01 -7.67
CA ALA E 245 -7.55 -38.83 -6.94
C ALA E 245 -6.36 -38.04 -6.39
N SER E 246 -6.65 -37.00 -5.62
CA SER E 246 -5.61 -36.16 -5.06
C SER E 246 -4.65 -36.93 -4.14
N GLY E 247 -3.57 -36.26 -3.74
CA GLY E 247 -2.58 -36.88 -2.88
C GLY E 247 -2.36 -36.08 -1.60
N ASN E 248 -1.22 -35.40 -1.52
CA ASN E 248 -0.89 -34.59 -0.35
C ASN E 248 -1.74 -33.35 -0.17
N LEU E 249 -1.77 -32.87 1.07
CA LEU E 249 -2.49 -31.65 1.41
C LEU E 249 -1.73 -30.55 0.67
N ALA E 250 -2.45 -29.61 0.06
CA ALA E 250 -1.79 -28.52 -0.64
C ALA E 250 -1.34 -27.46 0.36
N THR E 251 -0.05 -27.17 0.35
CA THR E 251 0.52 -26.20 1.27
C THR E 251 -0.19 -24.84 1.26
N GLU E 252 -0.63 -24.37 0.09
CA GLU E 252 -1.31 -23.06 0.00
C GLU E 252 -2.64 -23.05 0.73
N ASP E 253 -3.35 -24.16 0.67
CA ASP E 253 -4.65 -24.24 1.33
C ASP E 253 -4.41 -24.23 2.85
N LEU E 254 -3.36 -24.91 3.28
CA LEU E 254 -3.01 -24.98 4.69
C LEU E 254 -2.57 -23.61 5.20
N VAL E 255 -1.69 -22.93 4.46
CA VAL E 255 -1.24 -21.62 4.86
C VAL E 255 -2.42 -20.65 4.93
N TYR E 256 -3.29 -20.72 3.93
CA TYR E 256 -4.45 -19.84 3.92
C TYR E 256 -5.23 -20.00 5.21
N MET E 257 -5.46 -21.25 5.61
CA MET E 257 -6.21 -21.53 6.83
C MET E 257 -5.47 -21.01 8.06
N LEU E 258 -4.18 -21.31 8.15
CA LEU E 258 -3.40 -20.88 9.29
C LEU E 258 -3.39 -19.35 9.42
N GLU E 259 -3.25 -18.65 8.30
CA GLU E 259 -3.24 -17.18 8.32
C GLU E 259 -4.60 -16.66 8.78
N GLY E 260 -5.64 -17.37 8.41
CA GLY E 260 -6.98 -16.95 8.81
C GLY E 260 -7.12 -17.12 10.31
N LEU E 261 -6.44 -18.12 10.87
CA LEU E 261 -6.50 -18.42 12.29
C LEU E 261 -5.51 -17.60 13.10
N GLY E 262 -4.75 -16.75 12.42
CA GLY E 262 -3.79 -15.93 13.11
C GLY E 262 -2.56 -16.71 13.57
N ILE E 263 -2.42 -17.93 13.08
CA ILE E 263 -1.27 -18.73 13.46
C ILE E 263 -0.05 -18.35 12.64
N HIS E 264 1.08 -18.20 13.31
CA HIS E 264 2.32 -17.84 12.63
C HIS E 264 2.89 -19.01 11.83
N THR E 265 3.26 -18.76 10.58
CA THR E 265 3.83 -19.78 9.71
C THR E 265 5.16 -19.28 9.14
N GLY E 266 5.27 -17.96 9.03
CA GLY E 266 6.47 -17.36 8.50
C GLY E 266 6.52 -17.58 7.00
N VAL E 267 5.35 -17.75 6.40
CA VAL E 267 5.30 -18.01 4.97
C VAL E 267 4.56 -16.97 4.16
N ASN E 268 5.17 -16.56 3.05
CA ASN E 268 4.54 -15.58 2.18
C ASN E 268 3.73 -16.36 1.14
N LEU E 269 2.42 -16.30 1.28
CA LEU E 269 1.49 -17.00 0.41
C LEU E 269 1.68 -16.74 -1.08
N GLN E 270 1.65 -15.47 -1.47
CA GLN E 270 1.80 -15.10 -2.87
C GLN E 270 3.09 -15.66 -3.49
N LYS E 271 4.19 -15.65 -2.75
CA LYS E 271 5.43 -16.21 -3.30
C LYS E 271 5.33 -17.73 -3.33
N LEU E 272 4.49 -18.28 -2.46
CA LEU E 272 4.29 -19.73 -2.42
C LEU E 272 3.52 -20.10 -3.68
N LEU E 273 2.53 -19.28 -4.00
CA LEU E 273 1.71 -19.47 -5.17
C LEU E 273 2.56 -19.43 -6.45
N GLU E 274 3.67 -18.70 -6.40
CA GLU E 274 4.55 -18.60 -7.55
C GLU E 274 5.37 -19.87 -7.74
N ALA E 275 5.83 -20.46 -6.64
CA ALA E 275 6.61 -21.70 -6.75
C ALA E 275 5.65 -22.80 -7.17
N GLY E 276 4.41 -22.69 -6.72
CA GLY E 276 3.40 -23.67 -7.07
C GLY E 276 3.14 -23.63 -8.56
N ASN E 277 2.97 -22.43 -9.10
CA ASN E 277 2.72 -22.28 -10.52
C ASN E 277 3.94 -22.69 -11.35
N PHE E 278 5.12 -22.37 -10.84
CA PHE E 278 6.34 -22.73 -11.54
C PHE E 278 6.42 -24.23 -11.76
N ILE E 279 6.30 -24.99 -10.69
CA ILE E 279 6.37 -26.44 -10.76
C ILE E 279 5.23 -27.07 -11.55
N CYS E 280 4.05 -26.46 -11.51
CA CYS E 280 2.93 -27.02 -12.25
C CYS E 280 3.09 -26.85 -13.76
N GLN E 281 3.66 -25.72 -14.18
CA GLN E 281 3.87 -25.48 -15.61
C GLN E 281 4.98 -26.41 -16.10
N ALA E 282 6.00 -26.62 -15.27
CA ALA E 282 7.11 -27.49 -15.64
C ALA E 282 6.66 -28.94 -15.69
N LEU E 283 5.65 -29.28 -14.90
CA LEU E 283 5.15 -30.64 -14.82
C LEU E 283 4.02 -30.84 -15.83
N ASN E 284 3.54 -29.73 -16.40
CA ASN E 284 2.44 -29.77 -17.35
C ASN E 284 1.22 -30.42 -16.71
N ARG E 285 0.86 -29.98 -15.51
CA ARG E 285 -0.29 -30.53 -14.80
C ARG E 285 -1.02 -29.38 -14.09
N LYS E 286 -2.32 -29.53 -13.91
CA LYS E 286 -3.09 -28.49 -13.23
C LYS E 286 -2.85 -28.57 -11.73
N THR E 287 -2.70 -27.43 -11.07
CA THR E 287 -2.49 -27.39 -9.63
C THR E 287 -3.66 -28.07 -8.91
N SER E 288 -3.37 -28.65 -7.74
CA SER E 288 -4.41 -29.29 -6.95
C SER E 288 -4.76 -28.39 -5.79
N SER E 289 -4.17 -27.20 -5.78
CA SER E 289 -4.41 -26.21 -4.73
C SER E 289 -5.63 -25.37 -5.06
N LYS E 290 -6.65 -25.41 -4.19
CA LYS E 290 -7.86 -24.64 -4.42
C LYS E 290 -7.56 -23.15 -4.37
N VAL E 291 -6.70 -22.74 -3.45
CA VAL E 291 -6.31 -21.33 -3.29
C VAL E 291 -5.69 -20.76 -4.56
N ALA E 292 -4.91 -21.58 -5.23
CA ALA E 292 -4.25 -21.18 -6.47
C ALA E 292 -5.29 -20.97 -7.57
N GLN E 293 -6.27 -21.86 -7.64
CA GLN E 293 -7.32 -21.77 -8.65
C GLN E 293 -8.19 -20.53 -8.47
N ALA E 294 -8.43 -20.16 -7.21
CA ALA E 294 -9.26 -19.00 -6.89
C ALA E 294 -8.50 -17.69 -6.97
N THR E 295 -7.17 -17.78 -7.08
CA THR E 295 -6.32 -16.60 -7.15
C THR E 295 -6.12 -16.16 -8.60
N CYS E 296 -5.14 -16.77 -9.26
CA CYS E 296 -4.84 -16.46 -10.64
C CYS E 296 -5.46 -17.52 -11.54
N THR F 1 -19.97 -29.69 21.95
CA THR F 1 -20.19 -31.14 21.65
C THR F 1 -20.81 -31.36 20.27
N LEU F 2 -20.34 -32.40 19.57
CA LEU F 2 -20.85 -32.74 18.25
C LEU F 2 -22.27 -33.30 18.34
N PRO F 3 -23.11 -33.00 17.34
CA PRO F 3 -24.48 -33.51 17.32
C PRO F 3 -24.51 -34.99 16.96
N LYS F 4 -25.45 -35.73 17.54
CA LYS F 4 -25.57 -37.17 17.28
C LYS F 4 -26.03 -37.43 15.85
N ARG F 5 -26.75 -36.46 15.29
CA ARG F 5 -27.25 -36.58 13.92
C ARG F 5 -27.19 -35.23 13.21
N VAL F 6 -27.25 -35.26 11.89
CA VAL F 6 -27.18 -34.05 11.08
C VAL F 6 -28.13 -34.10 9.90
N LYS F 7 -28.73 -32.96 9.58
CA LYS F 7 -29.64 -32.86 8.45
C LYS F 7 -28.87 -32.21 7.30
N ILE F 8 -28.66 -32.97 6.22
CA ILE F 8 -27.94 -32.46 5.06
C ILE F 8 -28.93 -31.90 4.06
N VAL F 9 -28.70 -30.67 3.62
CA VAL F 9 -29.57 -30.04 2.63
C VAL F 9 -28.83 -30.04 1.30
N GLU F 10 -29.38 -30.77 0.34
CA GLU F 10 -28.79 -30.89 -0.98
C GLU F 10 -29.17 -29.72 -1.89
N VAL F 11 -28.18 -28.89 -2.23
CA VAL F 11 -28.41 -27.72 -3.06
C VAL F 11 -27.78 -27.85 -4.45
N GLY F 12 -27.47 -29.07 -4.85
CA GLY F 12 -26.88 -29.30 -6.16
C GLY F 12 -27.86 -29.01 -7.29
N PRO F 13 -29.08 -29.56 -7.23
CA PRO F 13 -30.09 -29.35 -8.26
C PRO F 13 -30.70 -27.95 -8.30
N ARG F 14 -29.91 -26.94 -7.93
CA ARG F 14 -30.38 -25.55 -7.92
C ARG F 14 -29.16 -24.65 -7.79
N ASP F 15 -28.62 -24.60 -6.58
CA ASP F 15 -27.45 -23.80 -6.27
C ASP F 15 -26.29 -24.23 -7.17
N GLY F 16 -26.17 -25.54 -7.37
CA GLY F 16 -25.11 -26.07 -8.21
C GLY F 16 -25.27 -25.75 -9.68
N LEU F 17 -26.33 -26.27 -10.29
CA LEU F 17 -26.58 -26.04 -11.72
C LEU F 17 -26.63 -24.57 -12.10
N GLN F 18 -27.29 -23.75 -11.29
CA GLN F 18 -27.39 -22.32 -11.58
C GLN F 18 -26.03 -21.70 -11.85
N ASN F 19 -25.05 -22.03 -11.02
CA ASN F 19 -23.71 -21.49 -11.18
C ASN F 19 -22.87 -22.43 -12.03
N GLU F 20 -23.53 -23.28 -12.81
CA GLU F 20 -22.84 -24.22 -13.68
C GLU F 20 -22.78 -23.69 -15.10
N LYS F 21 -21.60 -23.75 -15.70
CA LYS F 21 -21.39 -23.27 -17.06
C LYS F 21 -22.46 -23.75 -18.05
N ASN F 22 -22.40 -25.04 -18.38
CA ASN F 22 -23.35 -25.63 -19.32
C ASN F 22 -24.67 -25.89 -18.60
N ILE F 23 -25.76 -26.02 -19.37
CA ILE F 23 -27.06 -26.30 -18.77
C ILE F 23 -27.46 -27.72 -19.12
N VAL F 24 -28.58 -28.17 -18.59
CA VAL F 24 -29.04 -29.52 -18.84
C VAL F 24 -30.52 -29.56 -19.19
N SER F 25 -30.92 -30.62 -19.88
CA SER F 25 -32.31 -30.80 -20.28
C SER F 25 -33.14 -31.04 -19.02
N THR F 26 -34.38 -30.55 -19.04
CA THR F 26 -35.28 -30.71 -17.91
C THR F 26 -35.43 -32.15 -17.42
N PRO F 27 -35.36 -33.14 -18.33
CA PRO F 27 -35.49 -34.53 -17.86
C PRO F 27 -34.26 -34.95 -17.07
N VAL F 28 -33.17 -34.22 -17.25
CA VAL F 28 -31.93 -34.50 -16.54
C VAL F 28 -32.11 -34.06 -15.08
N LYS F 29 -32.54 -32.80 -14.92
CA LYS F 29 -32.77 -32.21 -13.61
C LYS F 29 -33.70 -33.09 -12.81
N ILE F 30 -34.89 -33.32 -13.36
CA ILE F 30 -35.87 -34.15 -12.69
C ILE F 30 -35.28 -35.48 -12.27
N LYS F 31 -34.52 -36.12 -13.15
CA LYS F 31 -33.93 -37.41 -12.85
C LYS F 31 -32.90 -37.31 -11.71
N LEU F 32 -32.10 -36.25 -11.74
CA LEU F 32 -31.09 -36.02 -10.72
C LEU F 32 -31.76 -35.94 -9.35
N ILE F 33 -32.74 -35.04 -9.23
CA ILE F 33 -33.48 -34.87 -7.98
C ILE F 33 -34.09 -36.20 -7.57
N ASP F 34 -34.42 -37.02 -8.55
CA ASP F 34 -35.01 -38.33 -8.31
C ASP F 34 -34.06 -39.26 -7.58
N MET F 35 -32.84 -39.36 -8.07
CA MET F 35 -31.84 -40.23 -7.45
C MET F 35 -31.51 -39.78 -6.02
N LEU F 36 -31.33 -38.47 -5.87
CA LEU F 36 -31.01 -37.90 -4.57
C LEU F 36 -32.04 -38.32 -3.52
N SER F 37 -33.29 -38.42 -3.94
CA SER F 37 -34.36 -38.81 -3.01
C SER F 37 -34.22 -40.24 -2.54
N GLU F 38 -33.70 -41.10 -3.41
CA GLU F 38 -33.51 -42.50 -3.06
C GLU F 38 -32.21 -42.69 -2.29
N ALA F 39 -31.29 -41.74 -2.44
CA ALA F 39 -30.01 -41.80 -1.74
C ALA F 39 -30.23 -41.55 -0.26
N GLY F 40 -31.34 -40.89 0.07
CA GLY F 40 -31.66 -40.63 1.46
C GLY F 40 -31.83 -39.17 1.86
N LEU F 41 -31.31 -38.25 1.06
CA LEU F 41 -31.42 -36.82 1.37
C LEU F 41 -32.82 -36.47 1.83
N SER F 42 -32.96 -36.00 3.06
CA SER F 42 -34.26 -35.63 3.60
C SER F 42 -34.71 -34.23 3.18
N VAL F 43 -33.89 -33.56 2.38
CA VAL F 43 -34.22 -32.22 1.90
C VAL F 43 -33.35 -31.89 0.68
N ILE F 44 -34.00 -31.41 -0.38
CA ILE F 44 -33.30 -31.07 -1.62
C ILE F 44 -33.84 -29.78 -2.22
N GLU F 45 -32.97 -28.81 -2.41
CA GLU F 45 -33.35 -27.51 -2.98
C GLU F 45 -33.67 -27.68 -4.47
N THR F 46 -34.89 -28.11 -4.76
CA THR F 46 -35.35 -28.36 -6.14
C THR F 46 -35.01 -27.32 -7.22
N THR F 47 -35.66 -26.16 -7.20
CA THR F 47 -35.39 -25.15 -8.23
C THR F 47 -35.62 -23.72 -7.76
N SER F 48 -35.41 -22.76 -8.66
CA SER F 48 -35.58 -21.35 -8.34
C SER F 48 -36.49 -20.60 -9.31
N PHE F 49 -37.70 -20.28 -8.86
CA PHE F 49 -38.67 -19.54 -9.67
C PHE F 49 -38.18 -18.11 -9.83
N VAL F 50 -37.17 -17.93 -10.68
CA VAL F 50 -36.59 -16.61 -10.93
C VAL F 50 -36.78 -16.18 -12.40
N SER F 51 -36.35 -14.97 -12.71
CA SER F 51 -36.46 -14.44 -14.06
C SER F 51 -35.62 -15.23 -15.06
N PRO F 52 -36.27 -15.96 -15.96
CA PRO F 52 -35.52 -16.75 -16.96
C PRO F 52 -34.61 -15.82 -17.76
N LYS F 53 -34.94 -14.54 -17.74
CA LYS F 53 -34.17 -13.53 -18.47
C LYS F 53 -32.72 -13.48 -18.01
N TRP F 54 -32.51 -13.26 -16.71
CA TRP F 54 -31.16 -13.18 -16.18
C TRP F 54 -30.46 -14.54 -16.11
N VAL F 55 -31.07 -15.50 -15.42
CA VAL F 55 -30.48 -16.83 -15.29
C VAL F 55 -31.28 -17.92 -16.00
N PRO F 56 -30.82 -18.33 -17.20
CA PRO F 56 -31.49 -19.36 -17.99
C PRO F 56 -31.37 -20.76 -17.39
N GLN F 57 -30.26 -21.02 -16.71
CA GLN F 57 -30.03 -22.32 -16.10
C GLN F 57 -31.26 -22.81 -15.35
N MET F 58 -31.99 -21.89 -14.74
CA MET F 58 -33.19 -22.23 -13.97
C MET F 58 -34.46 -21.80 -14.70
N GLY F 59 -34.35 -21.52 -15.99
CA GLY F 59 -35.51 -21.09 -16.76
C GLY F 59 -36.66 -22.07 -16.74
N ASP F 60 -36.38 -23.35 -16.60
CA ASP F 60 -37.41 -24.39 -16.59
C ASP F 60 -37.91 -24.75 -15.19
N HIS F 61 -37.67 -23.86 -14.24
CA HIS F 61 -38.07 -24.06 -12.85
C HIS F 61 -39.47 -24.63 -12.57
N THR F 62 -40.49 -24.13 -13.26
CA THR F 62 -41.86 -24.60 -13.02
C THR F 62 -42.10 -26.10 -13.18
N GLU F 63 -41.94 -26.62 -14.40
CA GLU F 63 -42.15 -28.04 -14.63
C GLU F 63 -41.14 -28.90 -13.89
N VAL F 64 -39.96 -28.33 -13.61
CA VAL F 64 -38.93 -29.06 -12.89
C VAL F 64 -39.51 -29.48 -11.54
N LEU F 65 -40.20 -28.55 -10.89
CA LEU F 65 -40.80 -28.81 -9.58
C LEU F 65 -42.00 -29.75 -9.70
N LYS F 66 -42.80 -29.54 -10.74
CA LYS F 66 -43.99 -30.36 -10.95
C LYS F 66 -43.67 -31.76 -11.46
N GLY F 67 -42.53 -31.90 -12.13
CA GLY F 67 -42.14 -33.20 -12.68
C GLY F 67 -41.35 -34.16 -11.81
N ILE F 68 -41.08 -33.78 -10.55
CA ILE F 68 -40.33 -34.65 -9.66
C ILE F 68 -41.26 -35.46 -8.76
N GLN F 69 -40.85 -36.69 -8.45
CA GLN F 69 -41.66 -37.54 -7.58
C GLN F 69 -41.68 -36.87 -6.21
N LYS F 70 -42.45 -37.43 -5.29
CA LYS F 70 -42.54 -36.88 -3.95
C LYS F 70 -42.46 -37.98 -2.91
N PHE F 71 -41.26 -38.20 -2.36
CA PHE F 71 -41.06 -39.22 -1.35
C PHE F 71 -41.51 -38.69 0.00
N PRO F 72 -41.89 -39.60 0.92
CA PRO F 72 -42.34 -39.19 2.25
C PRO F 72 -41.22 -38.57 3.09
N GLY F 73 -41.57 -37.55 3.88
CA GLY F 73 -40.59 -36.89 4.72
C GLY F 73 -39.61 -35.98 4.03
N ILE F 74 -39.51 -36.09 2.71
CA ILE F 74 -38.60 -35.27 1.94
C ILE F 74 -39.22 -33.93 1.58
N ASN F 75 -38.43 -32.86 1.72
CA ASN F 75 -38.89 -31.52 1.41
C ASN F 75 -38.20 -31.08 0.13
N TYR F 76 -38.89 -30.26 -0.66
CA TYR F 76 -38.32 -29.79 -1.92
C TYR F 76 -38.42 -28.27 -2.02
N PRO F 77 -37.71 -27.57 -1.12
CA PRO F 77 -37.71 -26.10 -1.11
C PRO F 77 -37.29 -25.49 -2.43
N VAL F 78 -37.81 -24.30 -2.72
CA VAL F 78 -37.51 -23.58 -3.94
C VAL F 78 -37.33 -22.09 -3.68
N LEU F 79 -36.40 -21.46 -4.39
CA LEU F 79 -36.14 -20.04 -4.20
C LEU F 79 -37.25 -19.18 -4.79
N THR F 80 -37.45 -18.01 -4.20
CA THR F 80 -38.46 -17.06 -4.64
C THR F 80 -37.95 -15.64 -4.45
N PRO F 81 -37.14 -15.14 -5.41
CA PRO F 81 -36.57 -13.79 -5.36
C PRO F 81 -37.56 -12.65 -5.13
N ASN F 82 -38.83 -12.90 -5.46
CA ASN F 82 -39.88 -11.88 -5.26
C ASN F 82 -41.27 -12.49 -5.11
N LEU F 83 -42.21 -11.67 -4.64
CA LEU F 83 -43.59 -12.12 -4.43
C LEU F 83 -44.20 -12.65 -5.72
N LYS F 84 -43.82 -12.03 -6.84
CA LYS F 84 -44.32 -12.44 -8.14
C LYS F 84 -43.86 -13.89 -8.38
N GLY F 85 -42.59 -14.15 -8.12
CA GLY F 85 -42.04 -15.48 -8.29
C GLY F 85 -42.61 -16.45 -7.29
N PHE F 86 -42.79 -15.99 -6.06
CA PHE F 86 -43.36 -16.83 -5.00
C PHE F 86 -44.77 -17.24 -5.39
N GLU F 87 -45.46 -16.34 -6.07
CA GLU F 87 -46.83 -16.59 -6.53
C GLU F 87 -46.82 -17.87 -7.36
N ALA F 88 -45.91 -17.92 -8.32
CA ALA F 88 -45.78 -19.08 -9.22
C ALA F 88 -45.36 -20.35 -8.49
N ALA F 89 -44.40 -20.21 -7.57
CA ALA F 89 -43.89 -21.33 -6.82
C ALA F 89 -44.99 -22.05 -6.04
N VAL F 90 -45.89 -21.25 -5.46
CA VAL F 90 -47.00 -21.81 -4.69
C VAL F 90 -47.86 -22.68 -5.59
N ALA F 91 -48.15 -22.17 -6.79
CA ALA F 91 -48.97 -22.88 -7.75
C ALA F 91 -48.39 -24.25 -8.06
N ALA F 92 -47.11 -24.27 -8.42
CA ALA F 92 -46.42 -25.52 -8.74
C ALA F 92 -46.61 -26.54 -7.62
N GLY F 93 -47.05 -26.06 -6.46
CA GLY F 93 -47.27 -26.95 -5.33
C GLY F 93 -46.23 -26.89 -4.24
N ALA F 94 -45.33 -25.91 -4.33
CA ALA F 94 -44.28 -25.77 -3.33
C ALA F 94 -44.83 -25.82 -1.91
N LYS F 95 -44.20 -26.63 -1.06
CA LYS F 95 -44.62 -26.78 0.34
C LYS F 95 -43.69 -25.97 1.23
N GLU F 96 -42.69 -25.35 0.63
CA GLU F 96 -41.72 -24.54 1.35
C GLU F 96 -40.85 -23.73 0.38
N VAL F 97 -40.75 -22.44 0.62
CA VAL F 97 -39.94 -21.56 -0.22
C VAL F 97 -38.71 -21.09 0.53
N VAL F 98 -37.79 -20.48 -0.19
CA VAL F 98 -36.55 -20.00 0.40
C VAL F 98 -36.23 -18.58 -0.07
N ILE F 99 -36.03 -17.68 0.88
CA ILE F 99 -35.70 -16.29 0.57
C ILE F 99 -34.22 -16.05 0.89
N PHE F 100 -33.55 -15.27 0.04
CA PHE F 100 -32.13 -14.99 0.22
C PHE F 100 -31.86 -13.59 0.76
N GLY F 101 -30.84 -13.46 1.59
CA GLY F 101 -30.47 -12.19 2.16
C GLY F 101 -28.97 -11.99 2.09
N ALA F 102 -28.47 -10.98 2.79
CA ALA F 102 -27.04 -10.71 2.80
C ALA F 102 -26.63 -9.91 4.02
N ALA F 103 -25.42 -10.15 4.52
CA ALA F 103 -24.91 -9.45 5.68
C ALA F 103 -24.14 -8.23 5.24
N SER F 104 -24.03 -8.07 3.92
CA SER F 104 -23.31 -6.95 3.35
C SER F 104 -24.24 -6.02 2.56
N GLU F 105 -24.04 -4.72 2.72
CA GLU F 105 -24.85 -3.73 2.02
C GLU F 105 -24.57 -3.79 0.53
N LEU F 106 -23.29 -3.69 0.17
CA LEU F 106 -22.87 -3.73 -1.21
C LEU F 106 -23.43 -4.95 -1.94
N PHE F 107 -23.22 -6.14 -1.39
CA PHE F 107 -23.70 -7.37 -2.00
C PHE F 107 -25.21 -7.34 -2.18
N THR F 108 -25.88 -6.52 -1.39
CA THR F 108 -27.34 -6.41 -1.47
C THR F 108 -27.74 -5.40 -2.55
N LYS F 109 -27.08 -4.24 -2.57
CA LYS F 109 -27.40 -3.23 -3.56
C LYS F 109 -26.89 -3.69 -4.93
N LYS F 110 -25.69 -4.27 -4.94
CA LYS F 110 -25.09 -4.75 -6.16
C LYS F 110 -26.13 -5.60 -6.90
N ASN F 111 -26.94 -6.31 -6.13
CA ASN F 111 -27.98 -7.16 -6.69
C ASN F 111 -29.17 -7.31 -5.75
N CYS F 114 -31.69 -3.37 -3.40
CA CYS F 114 -32.03 -2.25 -2.47
C CYS F 114 -31.30 -2.40 -1.14
N SER F 115 -31.61 -1.52 -0.20
CA SER F 115 -30.98 -1.56 1.11
C SER F 115 -31.40 -2.81 1.88
N ILE F 116 -30.52 -3.30 2.74
CA ILE F 116 -30.83 -4.49 3.53
C ILE F 116 -32.13 -4.29 4.29
N GLU F 117 -32.37 -3.04 4.70
CA GLU F 117 -33.58 -2.70 5.44
C GLU F 117 -34.78 -2.73 4.50
N GLU F 118 -34.54 -2.43 3.23
CA GLU F 118 -35.60 -2.43 2.22
C GLU F 118 -35.91 -3.86 1.82
N SER F 119 -34.87 -4.68 1.73
CA SER F 119 -35.03 -6.09 1.35
C SER F 119 -35.89 -6.77 2.41
N PHE F 120 -35.76 -6.33 3.65
CA PHE F 120 -36.54 -6.89 4.75
C PHE F 120 -38.03 -6.77 4.46
N GLN F 121 -38.44 -5.61 3.96
CA GLN F 121 -39.86 -5.39 3.65
C GLN F 121 -40.32 -6.29 2.51
N ARG F 122 -39.49 -6.41 1.49
CA ARG F 122 -39.82 -7.24 0.34
C ARG F 122 -40.17 -8.64 0.83
N PHE F 123 -39.34 -9.15 1.73
CA PHE F 123 -39.51 -10.49 2.30
C PHE F 123 -40.71 -10.59 3.24
N ASP F 124 -41.00 -9.51 3.95
CA ASP F 124 -42.12 -9.50 4.88
C ASP F 124 -43.38 -9.84 4.08
N ALA F 125 -43.43 -9.35 2.85
CA ALA F 125 -44.56 -9.60 1.96
C ALA F 125 -44.72 -11.09 1.67
N ILE F 126 -43.60 -11.75 1.37
CA ILE F 126 -43.60 -13.18 1.08
C ILE F 126 -43.94 -13.98 2.34
N LEU F 127 -43.28 -13.63 3.44
CA LEU F 127 -43.50 -14.30 4.72
C LEU F 127 -44.92 -14.15 5.22
N LYS F 128 -45.53 -13.00 4.96
CA LYS F 128 -46.91 -12.75 5.38
C LYS F 128 -47.81 -13.67 4.57
N ALA F 129 -47.57 -13.70 3.26
CA ALA F 129 -48.33 -14.53 2.35
C ALA F 129 -48.17 -15.99 2.74
N ALA F 130 -46.91 -16.39 2.94
CA ALA F 130 -46.57 -17.75 3.31
C ALA F 130 -47.31 -18.26 4.55
N GLN F 131 -47.47 -17.41 5.56
CA GLN F 131 -48.17 -17.86 6.76
C GLN F 131 -49.60 -18.24 6.42
N SER F 132 -50.22 -17.49 5.52
CA SER F 132 -51.59 -17.78 5.12
C SER F 132 -51.60 -19.06 4.30
N ALA F 133 -50.73 -19.14 3.31
CA ALA F 133 -50.61 -20.30 2.45
C ALA F 133 -50.13 -21.51 3.24
N ASN F 134 -49.64 -21.27 4.45
CA ASN F 134 -49.14 -22.33 5.32
C ASN F 134 -47.79 -22.85 4.81
N ILE F 135 -47.10 -22.02 4.03
CA ILE F 135 -45.81 -22.38 3.46
C ILE F 135 -44.63 -21.86 4.29
N SER F 136 -43.81 -22.79 4.78
CA SER F 136 -42.65 -22.46 5.59
C SER F 136 -41.56 -21.79 4.77
N VAL F 137 -40.86 -20.85 5.39
CA VAL F 137 -39.80 -20.11 4.71
C VAL F 137 -38.43 -20.34 5.36
N ARG F 138 -37.42 -20.57 4.52
CA ARG F 138 -36.05 -20.81 4.97
C ARG F 138 -35.26 -19.62 4.43
N GLY F 139 -34.37 -19.06 5.25
CA GLY F 139 -33.61 -17.91 4.80
C GLY F 139 -32.14 -18.14 4.54
N TYR F 140 -31.52 -17.23 3.79
CA TYR F 140 -30.11 -17.31 3.44
C TYR F 140 -29.40 -16.00 3.75
N VAL F 141 -28.28 -16.08 4.46
CA VAL F 141 -27.52 -14.87 4.77
C VAL F 141 -26.13 -15.00 4.15
N SER F 142 -25.99 -14.42 2.94
CA SER F 142 -24.73 -14.48 2.22
C SER F 142 -23.68 -13.54 2.81
N CYS F 143 -22.42 -13.81 2.48
CA CYS F 143 -21.31 -13.01 2.96
C CYS F 143 -21.20 -13.11 4.47
N ALA F 144 -21.68 -14.21 5.03
CA ALA F 144 -21.64 -14.43 6.47
C ALA F 144 -20.21 -14.47 7.00
N LEU F 145 -19.28 -14.89 6.16
CA LEU F 145 -17.88 -14.98 6.58
C LEU F 145 -16.97 -14.11 5.71
N GLY F 146 -17.57 -13.10 5.08
CA GLY F 146 -16.80 -12.21 4.23
C GLY F 146 -17.56 -11.83 2.98
N CYS F 147 -17.40 -10.57 2.56
CA CYS F 147 -18.06 -10.06 1.37
C CYS F 147 -17.00 -9.75 0.33
N PRO F 148 -17.28 -10.08 -0.94
CA PRO F 148 -16.32 -9.82 -2.03
C PRO F 148 -16.09 -8.33 -2.24
N TYR F 149 -17.04 -7.51 -1.79
CA TYR F 149 -16.93 -6.06 -1.93
C TYR F 149 -16.50 -5.41 -0.61
N GLU F 150 -17.30 -5.61 0.44
CA GLU F 150 -16.99 -5.03 1.75
C GLU F 150 -15.78 -5.65 2.43
N GLY F 151 -15.58 -6.94 2.22
CA GLY F 151 -14.45 -7.62 2.83
C GLY F 151 -14.88 -8.28 4.13
N LYS F 152 -14.10 -8.10 5.20
CA LYS F 152 -14.43 -8.70 6.49
C LYS F 152 -15.81 -8.22 6.93
N ILE F 153 -16.64 -9.15 7.38
CA ILE F 153 -17.98 -8.82 7.87
C ILE F 153 -18.04 -9.11 9.37
N SER F 154 -18.58 -8.16 10.14
CA SER F 154 -18.66 -8.31 11.59
C SER F 154 -19.72 -9.29 12.05
N PRO F 155 -19.36 -10.17 13.01
CA PRO F 155 -20.28 -11.17 13.54
C PRO F 155 -21.56 -10.49 14.01
N ALA F 156 -21.42 -9.30 14.57
CA ALA F 156 -22.55 -8.54 15.06
C ALA F 156 -23.56 -8.33 13.96
N LYS F 157 -23.08 -7.92 12.79
CA LYS F 157 -23.96 -7.68 11.65
C LYS F 157 -24.72 -8.95 11.26
N VAL F 158 -23.99 -10.04 11.05
CA VAL F 158 -24.61 -11.30 10.66
C VAL F 158 -25.69 -11.71 11.68
N ALA F 159 -25.40 -11.49 12.96
CA ALA F 159 -26.36 -11.84 14.00
C ALA F 159 -27.64 -11.03 13.84
N GLU F 160 -27.48 -9.71 13.71
CA GLU F 160 -28.61 -8.80 13.52
C GLU F 160 -29.48 -9.22 12.34
N VAL F 161 -28.85 -9.51 11.22
CA VAL F 161 -29.57 -9.92 10.02
C VAL F 161 -30.25 -11.27 10.21
N THR F 162 -29.54 -12.20 10.86
CA THR F 162 -30.08 -13.53 11.10
C THR F 162 -31.26 -13.49 12.04
N LYS F 163 -31.15 -12.67 13.08
CA LYS F 163 -32.21 -12.53 14.07
C LYS F 163 -33.52 -11.98 13.45
N LYS F 164 -33.37 -11.07 12.49
CA LYS F 164 -34.53 -10.48 11.82
C LYS F 164 -35.32 -11.56 11.06
N PHE F 165 -34.62 -12.29 10.18
CA PHE F 165 -35.23 -13.36 9.41
C PHE F 165 -35.95 -14.32 10.34
N TYR F 166 -35.27 -14.72 11.39
CA TYR F 166 -35.84 -15.65 12.35
C TYR F 166 -37.06 -15.05 13.03
N SER F 167 -37.06 -13.74 13.21
CA SER F 167 -38.19 -13.06 13.85
C SER F 167 -39.30 -12.81 12.83
N MET F 168 -38.90 -12.59 11.58
CA MET F 168 -39.85 -12.35 10.49
C MET F 168 -40.64 -13.59 10.10
N GLY F 169 -40.15 -14.76 10.52
CA GLY F 169 -40.88 -15.98 10.19
C GLY F 169 -40.10 -17.22 9.82
N CYS F 170 -38.94 -17.05 9.19
CA CYS F 170 -38.12 -18.19 8.80
C CYS F 170 -37.93 -19.17 9.94
N TYR F 171 -38.09 -20.46 9.67
CA TYR F 171 -37.94 -21.47 10.71
C TYR F 171 -36.50 -21.96 10.75
N GLU F 172 -35.71 -21.53 9.78
CA GLU F 172 -34.32 -21.95 9.70
C GLU F 172 -33.56 -20.99 8.81
N ILE F 173 -32.39 -20.56 9.26
CA ILE F 173 -31.58 -19.63 8.49
C ILE F 173 -30.22 -20.23 8.16
N SER F 174 -29.91 -20.28 6.87
CA SER F 174 -28.65 -20.84 6.41
C SER F 174 -27.61 -19.73 6.29
N LEU F 175 -26.55 -19.83 7.09
CA LEU F 175 -25.47 -18.85 7.08
C LEU F 175 -24.49 -19.33 6.03
N GLY F 176 -24.20 -18.50 5.03
CA GLY F 176 -23.30 -18.94 4.00
C GLY F 176 -22.01 -18.19 3.75
N ASP F 177 -20.97 -18.95 3.44
CA ASP F 177 -19.67 -18.39 3.12
C ASP F 177 -19.68 -18.34 1.60
N THR F 178 -20.44 -17.39 1.07
CA THR F 178 -20.60 -17.21 -0.38
C THR F 178 -19.31 -17.31 -1.19
N ILE F 179 -18.29 -16.56 -0.80
CA ILE F 179 -17.02 -16.55 -1.52
C ILE F 179 -16.03 -17.66 -1.13
N GLY F 180 -16.32 -18.34 -0.02
CA GLY F 180 -15.46 -19.42 0.44
C GLY F 180 -14.16 -18.96 1.09
N VAL F 181 -14.03 -17.66 1.34
CA VAL F 181 -12.81 -17.13 1.94
C VAL F 181 -12.75 -17.31 3.45
N GLY F 182 -13.83 -17.78 4.04
CA GLY F 182 -13.85 -17.98 5.49
C GLY F 182 -12.97 -19.10 5.98
N THR F 183 -12.43 -18.94 7.19
CA THR F 183 -11.58 -19.95 7.82
C THR F 183 -12.23 -20.33 9.16
N PRO F 184 -11.84 -21.48 9.75
CA PRO F 184 -12.44 -21.91 11.02
C PRO F 184 -12.64 -20.90 12.15
N GLY F 185 -11.72 -19.95 12.31
CA GLY F 185 -11.88 -18.96 13.37
C GLY F 185 -12.96 -17.94 13.06
N ILE F 186 -13.04 -17.50 11.80
CA ILE F 186 -14.05 -16.54 11.37
C ILE F 186 -15.42 -17.19 11.55
N MET F 187 -15.48 -18.48 11.26
CA MET F 187 -16.73 -19.23 11.40
C MET F 187 -17.13 -19.30 12.87
N LYS F 188 -16.13 -19.49 13.71
CA LYS F 188 -16.35 -19.58 15.14
C LYS F 188 -16.93 -18.27 15.70
N ASP F 189 -16.32 -17.15 15.34
CA ASP F 189 -16.81 -15.86 15.81
C ASP F 189 -18.24 -15.58 15.35
N MET F 190 -18.48 -15.83 14.08
CA MET F 190 -19.79 -15.61 13.49
C MET F 190 -20.88 -16.41 14.19
N LEU F 191 -20.68 -17.72 14.30
CA LEU F 191 -21.67 -18.57 14.95
C LEU F 191 -21.87 -18.17 16.40
N SER F 192 -20.81 -17.71 17.03
CA SER F 192 -20.91 -17.31 18.42
C SER F 192 -21.86 -16.13 18.58
N ALA F 193 -21.70 -15.11 17.74
CA ALA F 193 -22.57 -13.95 17.80
C ALA F 193 -24.01 -14.32 17.47
N VAL F 194 -24.19 -15.14 16.44
CA VAL F 194 -25.52 -15.55 16.02
C VAL F 194 -26.26 -16.37 17.08
N MET F 195 -25.55 -17.31 17.68
CA MET F 195 -26.15 -18.15 18.72
C MET F 195 -26.64 -17.36 19.92
N GLN F 196 -26.23 -16.10 20.03
CA GLN F 196 -26.67 -15.29 21.16
C GLN F 196 -28.12 -14.86 20.94
N GLU F 197 -28.47 -14.62 19.68
CA GLU F 197 -29.81 -14.14 19.32
C GLU F 197 -30.76 -15.20 18.79
N VAL F 198 -30.22 -16.15 18.04
CA VAL F 198 -31.06 -17.19 17.45
C VAL F 198 -30.75 -18.59 17.96
N PRO F 199 -31.80 -19.36 18.31
CA PRO F 199 -31.61 -20.72 18.81
C PRO F 199 -30.81 -21.58 17.82
N LEU F 200 -29.97 -22.45 18.37
CA LEU F 200 -29.09 -23.31 17.61
C LEU F 200 -29.76 -24.20 16.56
N ALA F 201 -30.96 -24.70 16.87
CA ALA F 201 -31.67 -25.57 15.94
C ALA F 201 -32.09 -24.90 14.63
N ALA F 202 -32.22 -23.58 14.64
CA ALA F 202 -32.64 -22.86 13.45
C ALA F 202 -31.48 -22.40 12.56
N LEU F 203 -30.26 -22.86 12.88
CA LEU F 203 -29.09 -22.47 12.11
C LEU F 203 -28.60 -23.57 11.18
N ALA F 204 -28.06 -23.16 10.04
CA ALA F 204 -27.55 -24.07 9.04
C ALA F 204 -26.32 -23.40 8.46
N VAL F 205 -25.35 -24.20 8.06
CA VAL F 205 -24.14 -23.64 7.49
C VAL F 205 -24.09 -23.96 6.00
N HIS F 206 -23.53 -23.05 5.22
CA HIS F 206 -23.43 -23.19 3.77
C HIS F 206 -22.03 -22.69 3.36
N CYS F 207 -21.06 -23.59 3.31
CA CYS F 207 -19.69 -23.22 2.96
C CYS F 207 -19.26 -23.60 1.56
N HIS F 208 -18.50 -22.73 0.91
CA HIS F 208 -18.01 -22.99 -0.43
C HIS F 208 -16.58 -23.47 -0.33
N ASP F 209 -16.20 -24.40 -1.19
CA ASP F 209 -14.86 -24.95 -1.15
C ASP F 209 -13.90 -24.21 -2.07
N THR F 210 -14.30 -23.03 -2.52
CA THR F 210 -13.47 -22.22 -3.41
C THR F 210 -12.02 -22.17 -2.93
N TYR F 211 -11.82 -22.00 -1.63
CA TYR F 211 -10.48 -21.95 -1.06
C TYR F 211 -10.14 -23.23 -0.30
N GLY F 212 -10.93 -24.28 -0.53
CA GLY F 212 -10.69 -25.55 0.13
C GLY F 212 -10.87 -25.52 1.65
N GLN F 213 -11.69 -24.60 2.15
CA GLN F 213 -11.93 -24.49 3.58
C GLN F 213 -13.33 -25.00 3.95
N ALA F 214 -14.12 -25.39 2.95
CA ALA F 214 -15.49 -25.85 3.18
C ALA F 214 -15.68 -26.86 4.31
N LEU F 215 -15.05 -28.03 4.19
CA LEU F 215 -15.21 -29.09 5.18
C LEU F 215 -14.67 -28.71 6.55
N ALA F 216 -13.53 -28.02 6.60
CA ALA F 216 -12.95 -27.59 7.87
C ALA F 216 -13.91 -26.59 8.55
N ASN F 217 -14.44 -25.64 7.77
CA ASN F 217 -15.38 -24.66 8.31
C ASN F 217 -16.66 -25.35 8.80
N THR F 218 -17.09 -26.38 8.07
CA THR F 218 -18.29 -27.14 8.46
C THR F 218 -18.07 -27.84 9.79
N LEU F 219 -16.90 -28.45 9.95
CA LEU F 219 -16.55 -29.15 11.18
C LEU F 219 -16.57 -28.20 12.38
N MET F 220 -16.05 -27.00 12.19
CA MET F 220 -16.05 -26.02 13.26
C MET F 220 -17.49 -25.73 13.67
N ALA F 221 -18.37 -25.58 12.69
CA ALA F 221 -19.77 -25.31 12.96
C ALA F 221 -20.39 -26.50 13.72
N LEU F 222 -19.96 -27.71 13.36
CA LEU F 222 -20.45 -28.92 14.01
C LEU F 222 -19.99 -28.95 15.45
N GLN F 223 -18.77 -28.50 15.68
CA GLN F 223 -18.24 -28.44 17.03
C GLN F 223 -18.95 -27.36 17.84
N MET F 224 -19.58 -26.42 17.14
CA MET F 224 -20.32 -25.35 17.81
C MET F 224 -21.76 -25.79 18.13
N GLY F 225 -22.23 -26.84 17.49
CA GLY F 225 -23.59 -27.31 17.75
C GLY F 225 -24.56 -27.20 16.59
N VAL F 226 -24.09 -26.71 15.44
CA VAL F 226 -24.94 -26.59 14.26
C VAL F 226 -25.24 -28.00 13.77
N SER F 227 -26.51 -28.31 13.55
CA SER F 227 -26.88 -29.67 13.13
C SER F 227 -27.40 -29.83 11.70
N VAL F 228 -27.39 -28.76 10.93
CA VAL F 228 -27.83 -28.84 9.54
C VAL F 228 -26.79 -28.17 8.66
N VAL F 229 -26.43 -28.84 7.57
CA VAL F 229 -25.42 -28.33 6.66
C VAL F 229 -25.81 -28.50 5.19
N ASP F 230 -25.50 -27.50 4.36
CA ASP F 230 -25.80 -27.51 2.93
C ASP F 230 -24.62 -28.08 2.13
N SER F 231 -24.91 -28.69 0.98
CA SER F 231 -23.87 -29.26 0.12
C SER F 231 -24.43 -29.62 -1.25
N SER F 232 -23.54 -29.71 -2.24
CA SER F 232 -23.93 -30.05 -3.62
C SER F 232 -23.62 -31.50 -3.98
N VAL F 233 -24.42 -32.05 -4.90
CA VAL F 233 -24.28 -33.44 -5.35
C VAL F 233 -22.86 -33.90 -5.61
N ALA F 234 -22.12 -33.19 -6.46
CA ALA F 234 -20.75 -33.61 -6.74
C ALA F 234 -19.83 -32.42 -6.93
N GLY F 235 -19.97 -31.44 -6.06
CA GLY F 235 -19.15 -30.24 -6.16
C GLY F 235 -19.73 -29.27 -7.16
N LEU F 236 -20.91 -29.59 -7.67
CA LEU F 236 -21.60 -28.73 -8.64
C LEU F 236 -21.69 -27.28 -8.19
N GLY F 237 -21.58 -26.37 -9.13
CA GLY F 237 -21.64 -24.96 -8.78
C GLY F 237 -20.22 -24.26 -8.77
N GLY F 238 -20.25 -22.99 -8.87
CA GLY F 238 -19.02 -22.19 -8.88
C GLY F 238 -19.21 -20.92 -8.06
N ALA F 245 -12.22 -22.27 -10.62
CA ALA F 245 -12.23 -22.44 -9.23
C ALA F 245 -12.93 -23.80 -8.89
N SER F 246 -13.81 -23.64 -7.74
CA SER F 246 -14.60 -24.75 -7.27
C SER F 246 -15.85 -23.98 -6.54
N GLY F 247 -17.00 -24.66 -6.48
CA GLY F 247 -18.19 -24.10 -5.86
C GLY F 247 -18.53 -24.62 -4.47
N ASN F 248 -19.65 -25.32 -4.36
CA ASN F 248 -20.10 -25.85 -3.08
C ASN F 248 -19.35 -27.08 -2.56
N LEU F 249 -19.55 -27.34 -1.27
CA LEU F 249 -18.96 -28.47 -0.59
C LEU F 249 -19.55 -29.74 -1.20
N ALA F 250 -18.69 -30.68 -1.58
CA ALA F 250 -19.17 -31.94 -2.16
C ALA F 250 -19.95 -32.72 -1.10
N THR F 251 -21.18 -33.12 -1.44
CA THR F 251 -22.00 -33.86 -0.49
C THR F 251 -21.42 -35.21 -0.09
N GLU F 252 -20.71 -35.88 -1.00
CA GLU F 252 -20.15 -37.19 -0.68
C GLU F 252 -18.97 -37.06 0.29
N ASP F 253 -18.17 -36.01 0.12
CA ASP F 253 -17.03 -35.78 0.99
C ASP F 253 -17.57 -35.49 2.41
N LEU F 254 -18.70 -34.80 2.47
CA LEU F 254 -19.33 -34.47 3.74
C LEU F 254 -19.91 -35.70 4.44
N VAL F 255 -20.66 -36.54 3.74
CA VAL F 255 -21.23 -37.72 4.40
C VAL F 255 -20.11 -38.69 4.76
N TYR F 256 -19.04 -38.68 3.98
CA TYR F 256 -17.92 -39.55 4.28
C TYR F 256 -17.38 -39.14 5.64
N MET F 257 -17.16 -37.84 5.83
CA MET F 257 -16.65 -37.36 7.10
C MET F 257 -17.62 -37.64 8.24
N LEU F 258 -18.90 -37.31 8.04
CA LEU F 258 -19.90 -37.55 9.07
C LEU F 258 -19.99 -39.02 9.41
N GLU F 259 -19.95 -39.87 8.39
CA GLU F 259 -20.01 -41.31 8.60
C GLU F 259 -18.83 -41.73 9.48
N GLY F 260 -17.66 -41.18 9.19
CA GLY F 260 -16.48 -41.50 9.97
C GLY F 260 -16.62 -41.05 11.41
N LEU F 261 -17.33 -39.95 11.63
CA LEU F 261 -17.52 -39.45 12.99
C LEU F 261 -18.59 -40.24 13.73
N GLY F 262 -19.31 -41.09 12.99
CA GLY F 262 -20.36 -41.87 13.63
C GLY F 262 -21.63 -41.03 13.75
N ILE F 263 -21.74 -39.99 12.94
CA ILE F 263 -22.90 -39.11 12.97
C ILE F 263 -23.95 -39.57 11.96
N HIS F 264 -25.19 -39.72 12.42
CA HIS F 264 -26.28 -40.18 11.56
C HIS F 264 -26.60 -39.17 10.48
N THR F 265 -26.83 -39.69 9.28
CA THR F 265 -27.17 -38.85 8.14
C THR F 265 -28.37 -39.42 7.39
N GLY F 266 -28.55 -40.73 7.49
CA GLY F 266 -29.66 -41.37 6.81
C GLY F 266 -29.41 -41.42 5.31
N VAL F 267 -28.24 -40.95 4.89
CA VAL F 267 -27.88 -40.93 3.48
C VAL F 267 -27.02 -42.13 3.10
N ASN F 268 -27.32 -42.74 1.96
CA ASN F 268 -26.58 -43.89 1.46
C ASN F 268 -25.53 -43.39 0.47
N LEU F 269 -24.27 -43.41 0.89
CA LEU F 269 -23.14 -42.94 0.09
C LEU F 269 -23.10 -43.54 -1.32
N GLN F 270 -23.25 -44.85 -1.41
CA GLN F 270 -23.23 -45.53 -2.70
C GLN F 270 -24.25 -44.91 -3.65
N LYS F 271 -25.50 -44.91 -3.23
CA LYS F 271 -26.56 -44.33 -4.05
C LYS F 271 -26.27 -42.87 -4.35
N LEU F 272 -25.69 -42.17 -3.37
CA LEU F 272 -25.37 -40.75 -3.54
C LEU F 272 -24.33 -40.59 -4.65
N LEU F 273 -23.30 -41.43 -4.64
CA LEU F 273 -22.26 -41.36 -5.65
C LEU F 273 -22.81 -41.55 -7.07
N GLU F 274 -23.80 -42.43 -7.18
CA GLU F 274 -24.41 -42.71 -8.48
C GLU F 274 -25.03 -41.46 -9.09
N ALA F 275 -25.84 -40.76 -8.31
CA ALA F 275 -26.51 -39.55 -8.77
C ALA F 275 -25.50 -38.54 -9.28
N GLY F 276 -24.43 -38.33 -8.51
CA GLY F 276 -23.41 -37.39 -8.91
C GLY F 276 -22.82 -37.83 -10.24
N ASN F 277 -22.69 -39.15 -10.40
CA ASN F 277 -22.13 -39.71 -11.61
C ASN F 277 -23.02 -39.28 -12.78
N PHE F 278 -24.32 -39.51 -12.64
CA PHE F 278 -25.27 -39.15 -13.69
C PHE F 278 -25.15 -37.71 -14.14
N ILE F 279 -25.26 -36.77 -13.21
CA ILE F 279 -25.19 -35.35 -13.54
C ILE F 279 -23.87 -34.89 -14.13
N CYS F 280 -22.76 -35.42 -13.63
CA CYS F 280 -21.45 -35.03 -14.14
C CYS F 280 -21.30 -35.47 -15.59
N GLN F 281 -21.81 -36.65 -15.90
CA GLN F 281 -21.73 -37.17 -17.25
C GLN F 281 -22.70 -36.40 -18.14
N ALA F 282 -23.93 -36.21 -17.65
CA ALA F 282 -24.93 -35.48 -18.40
C ALA F 282 -24.55 -34.01 -18.50
N LEU F 283 -23.48 -33.63 -17.80
CA LEU F 283 -23.03 -32.25 -17.81
C LEU F 283 -21.65 -32.11 -18.46
N ASN F 284 -21.09 -33.23 -18.91
CA ASN F 284 -19.78 -33.24 -19.56
C ASN F 284 -18.71 -32.57 -18.70
N ARG F 285 -18.48 -33.10 -17.51
CA ARG F 285 -17.48 -32.56 -16.60
C ARG F 285 -17.10 -33.56 -15.52
N LYS F 286 -15.91 -33.39 -14.94
CA LYS F 286 -15.43 -34.28 -13.90
C LYS F 286 -15.83 -33.82 -12.51
N THR F 287 -16.29 -34.77 -11.69
CA THR F 287 -16.71 -34.51 -10.32
C THR F 287 -15.65 -33.79 -9.49
N SER F 288 -16.11 -32.91 -8.60
CA SER F 288 -15.22 -32.16 -7.70
C SER F 288 -15.16 -32.91 -6.38
N SER F 289 -15.86 -34.04 -6.33
CA SER F 289 -15.91 -34.88 -5.14
C SER F 289 -14.69 -35.79 -5.06
N LYS F 290 -13.87 -35.61 -4.02
CA LYS F 290 -12.67 -36.43 -3.83
C LYS F 290 -13.03 -37.89 -3.53
N VAL F 291 -14.13 -38.10 -2.81
CA VAL F 291 -14.57 -39.46 -2.46
C VAL F 291 -14.94 -40.27 -3.70
N ALA F 292 -15.51 -39.60 -4.68
CA ALA F 292 -15.91 -40.24 -5.92
C ALA F 292 -14.68 -40.63 -6.72
N GLN F 293 -13.68 -39.75 -6.73
CA GLN F 293 -12.44 -39.98 -7.45
C GLN F 293 -11.65 -41.16 -6.90
N ALA F 294 -11.65 -41.33 -5.59
CA ALA F 294 -10.91 -42.39 -4.93
C ALA F 294 -11.68 -43.71 -4.77
N THR F 295 -12.97 -43.69 -5.09
CA THR F 295 -13.79 -44.87 -4.97
C THR F 295 -14.01 -45.52 -6.33
N CYS F 296 -14.09 -44.70 -7.37
CA CYS F 296 -14.31 -45.21 -8.72
C CYS F 296 -14.38 -44.09 -9.76
#